data_4WNA
#
_entry.id   4WNA
#
_cell.length_a   77.123
_cell.length_b   129.780
_cell.length_c   107.543
_cell.angle_alpha   90.00
_cell.angle_beta   108.94
_cell.angle_gamma   90.00
#
_symmetry.space_group_name_H-M   'P 1 21 1'
#
loop_
_entity.id
_entity.type
_entity.pdbx_description
1 polymer 'Nitrogenase molybdenum-iron protein alpha chain'
2 polymer 'Nitrogenase molybdenum-iron protein beta chain'
3 non-polymer '3-HYDROXY-3-CARBOXY-ADIPIC ACID'
4 non-polymer 'iron-sulfur-molybdenum cluster with interstitial carbon'
5 non-polymer 'FE(8)-S(7) CLUSTER'
6 non-polymer XENON
7 non-polymer 'FE (III) ION'
8 water water
#
loop_
_entity_poly.entity_id
_entity_poly.type
_entity_poly.pdbx_seq_one_letter_code
_entity_poly.pdbx_strand_id
1 'polypeptide(L)'
;MTGMSREEVESLIQEVLEVYPEKARKDRNKHLAVNDPAVTQSKKCIISNKKSQPGLMTIRGCAYAGSKGVVWGPIKDMIH
ISHGPVGCGQYSRAGRRNYYIGTTGVNAFVTMNFTSDFQEKDIVFGGDKKLAKLIDEVETLFPLNKGISVQSECPIGLIG
DDIESVSKVKGAELSKTIVPVRCEGFRGVSQSLGHHIANDAVRDWVLGKRDEDTTFASTPYDVAIIGDYNIGGDAWSSRI
LLEEMGLRCVAQWSGDGSISEIELTPKVKLNLVHCYRSMNYISRHMEEKYGIPWMEYNFFGPTKTIESLRAIAAKFDESI
QKKCEEVIAKYKPEWEAVVAKYRPRLEGKRVMLYIGGLRPRHVIGAYEDLGMEVVGTGYEFAHNDDYDRTMKEMGDSTLL
YDDVTGYEFEEFVKRIKPDLIGSGIKEKFIFQKMGIPFREMHSWDYSGPYHGFDGFAIFARDMDMTLNNPCWKKLQAPWE
ASEGAEKVAASA
;
A,C
2 'polypeptide(L)'
;MSQQVDKIKASYPLFLDQDYKDMLAKKRDGFEEKYPQDKIDEVFQWTTTKEYQELNFQREALTVNPAKACQPLGAVLCAL
GFEKTMPYVHGSQGCVAYFRSYFNRHFREPVSCVSDSMTEDAAVFGGQQNMKDGLQNCKATYKPDMIAVSTTCMAEVIGD
DLNAFINNSKKEGFIPDEFPVPFAHTPSFVGSHVTGWDNMFEGIARYFTLKSMDDKVVGSNKKINIVPGFETYLGNFRVI
KRMLSEMGVGYSLLSDPEEVLDTPADGQFRMYAGGTTQEEMKDAPNALNTVLLQPWHLEKTKKFVEGTWKHEVPKLNIPM
GLDWTDEFLMKVSEISGQPIPASLTKERGRLVDMMTDSHTWLHGKRFALWGDPDFVMGLVKFLLELGCEPVHILCHNGNK
RWKKAVDAILAASPYGKNATVYIGKDLWHLRSLVFTDKPDFMIGNSYGKFIQRDTLHKGKEFEVPLIRIGFPIFDRHHLH
RSTTLGYEGAMQILTTLVNSILERLDEETRGMQATDYNHDLVR
;
B,D
#
loop_
_chem_comp.id
_chem_comp.type
_chem_comp.name
_chem_comp.formula
CLF non-polymer 'FE(8)-S(7) CLUSTER' 'Fe8 S7'
FE non-polymer 'FE (III) ION' 'Fe 3'
HCA non-polymer '3-HYDROXY-3-CARBOXY-ADIPIC ACID' 'C7 H10 O7'
ICS non-polymer 'iron-sulfur-molybdenum cluster with interstitial carbon' 'C Fe7 Mo S9'
XE non-polymer XENON Xe
#
# COMPACT_ATOMS: atom_id res chain seq x y z
N MET A 4 -18.79 35.91 -26.44
CA MET A 4 -20.23 35.76 -26.05
C MET A 4 -20.82 37.07 -25.52
N SER A 5 -21.87 37.55 -26.18
CA SER A 5 -22.45 38.86 -25.90
C SER A 5 -23.65 38.82 -24.95
N ARG A 6 -24.07 40.00 -24.52
CA ARG A 6 -25.24 40.18 -23.65
C ARG A 6 -26.53 39.63 -24.25
N GLU A 7 -26.66 39.72 -25.58
CA GLU A 7 -27.81 39.16 -26.29
C GLU A 7 -27.82 37.67 -26.06
N GLU A 8 -26.67 37.05 -26.30
CA GLU A 8 -26.50 35.60 -26.18
C GLU A 8 -26.68 35.07 -24.74
N VAL A 9 -26.34 35.87 -23.74
CA VAL A 9 -26.47 35.40 -22.36
C VAL A 9 -27.93 35.47 -21.89
N GLU A 10 -28.62 36.55 -22.25
CA GLU A 10 -30.03 36.69 -21.88
C GLU A 10 -30.86 35.59 -22.50
N SER A 11 -30.48 35.15 -23.69
CA SER A 11 -31.19 34.08 -24.38
C SER A 11 -30.77 32.68 -23.86
N LEU A 12 -29.50 32.54 -23.46
CA LEU A 12 -29.06 31.34 -22.75
C LEU A 12 -29.97 31.10 -21.54
N ILE A 13 -30.11 32.13 -20.70
CA ILE A 13 -31.00 32.12 -19.54
C ILE A 13 -32.43 31.68 -19.88
N GLN A 14 -33.01 32.30 -20.89
CA GLN A 14 -34.39 31.95 -21.28
C GLN A 14 -34.54 30.49 -21.69
N GLU A 15 -33.62 30.01 -22.51
CA GLU A 15 -33.68 28.64 -23.00
C GLU A 15 -33.59 27.63 -21.85
N VAL A 16 -32.66 27.89 -20.93
CA VAL A 16 -32.43 26.99 -19.78
C VAL A 16 -33.70 26.94 -18.94
N LEU A 17 -34.31 28.09 -18.74
CA LEU A 17 -35.49 28.18 -17.91
C LEU A 17 -36.70 27.44 -18.51
N GLU A 18 -36.63 27.11 -19.81
CA GLU A 18 -37.77 26.49 -20.51
C GLU A 18 -38.19 25.10 -19.97
N VAL A 19 -37.28 24.40 -19.29
CA VAL A 19 -37.62 23.08 -18.74
C VAL A 19 -38.44 23.16 -17.47
N TYR A 20 -38.35 24.26 -16.74
CA TYR A 20 -39.00 24.33 -15.43
C TYR A 20 -40.51 24.39 -15.57
N PRO A 21 -41.23 23.82 -14.59
CA PRO A 21 -42.64 24.11 -14.46
C PRO A 21 -42.86 25.57 -14.16
N GLU A 22 -44.02 26.05 -14.58
CA GLU A 22 -44.49 27.43 -14.40
C GLU A 22 -43.95 28.18 -13.17
N LYS A 23 -44.16 27.63 -11.99
CA LYS A 23 -43.85 28.36 -10.76
C LYS A 23 -42.33 28.55 -10.56
N ALA A 24 -41.56 27.51 -10.91
CA ALA A 24 -40.11 27.51 -10.74
C ALA A 24 -39.45 28.41 -11.77
N ARG A 25 -40.00 28.40 -12.98
CA ARG A 25 -39.48 29.23 -14.03
C ARG A 25 -39.57 30.66 -13.57
N LYS A 26 -40.76 31.05 -13.10
CA LYS A 26 -40.98 32.43 -12.64
C LYS A 26 -40.04 32.80 -11.49
N ASP A 27 -39.78 31.85 -10.60
CA ASP A 27 -38.86 32.14 -9.50
C ASP A 27 -37.41 32.30 -10.00
N ARG A 28 -36.92 31.27 -10.69
CA ARG A 28 -35.51 31.20 -11.04
C ARG A 28 -35.14 32.37 -11.93
N ASN A 29 -36.03 32.73 -12.85
CA ASN A 29 -35.80 33.92 -13.65
C ASN A 29 -35.30 35.15 -12.84
N LYS A 30 -35.81 35.33 -11.63
CA LYS A 30 -35.42 36.46 -10.80
C LYS A 30 -34.00 36.36 -10.20
N HIS A 31 -33.43 35.15 -10.23
CA HIS A 31 -32.15 34.86 -9.57
C HIS A 31 -31.03 34.70 -10.58
N LEU A 32 -31.33 34.97 -11.85
CA LEU A 32 -30.33 34.96 -12.90
C LEU A 32 -30.31 36.33 -13.57
N ALA A 33 -29.13 36.86 -13.82
CA ALA A 33 -28.99 38.18 -14.41
C ALA A 33 -27.70 38.31 -15.21
N VAL A 34 -27.70 39.25 -16.14
CA VAL A 34 -26.50 39.60 -16.85
C VAL A 34 -25.98 40.87 -16.21
N ASN A 35 -24.69 40.91 -15.91
CA ASN A 35 -24.13 42.01 -15.17
C ASN A 35 -24.24 43.30 -15.94
N ASP A 36 -24.56 44.38 -15.24
CA ASP A 36 -24.27 45.72 -15.71
C ASP A 36 -23.59 46.43 -14.55
N PRO A 37 -22.32 46.83 -14.75
CA PRO A 37 -21.61 47.53 -13.68
C PRO A 37 -22.14 48.95 -13.47
N ALA A 38 -23.04 49.39 -14.35
CA ALA A 38 -23.80 50.63 -14.12
C ALA A 38 -24.60 50.46 -12.82
N VAL A 39 -25.50 49.48 -12.84
CA VAL A 39 -26.36 49.20 -11.70
C VAL A 39 -25.58 49.21 -10.38
N THR A 40 -26.00 50.07 -9.46
CA THR A 40 -25.42 50.10 -8.12
C THR A 40 -26.36 49.43 -7.14
N GLN A 41 -27.64 49.31 -7.52
CA GLN A 41 -28.63 48.61 -6.71
C GLN A 41 -28.98 47.27 -7.35
N SER A 42 -28.26 46.25 -6.92
CA SER A 42 -28.41 44.89 -7.43
C SER A 42 -29.87 44.50 -7.36
N LYS A 43 -30.55 44.99 -6.33
CA LYS A 43 -31.97 44.79 -6.16
C LYS A 43 -32.71 44.99 -7.47
N LYS A 44 -32.25 45.93 -8.29
CA LYS A 44 -32.91 46.24 -9.54
C LYS A 44 -32.65 45.24 -10.65
N CYS A 45 -31.72 44.31 -10.47
CA CYS A 45 -31.48 43.31 -11.51
C CYS A 45 -31.48 41.83 -11.04
N ILE A 46 -31.26 41.56 -9.76
CA ILE A 46 -31.29 40.20 -9.24
C ILE A 46 -31.82 40.13 -7.81
N ILE A 47 -32.51 39.04 -7.46
CA ILE A 47 -32.90 38.85 -6.07
C ILE A 47 -32.15 37.68 -5.45
N SER A 48 -32.09 37.69 -4.11
CA SER A 48 -31.29 36.71 -3.37
C SER A 48 -31.81 36.51 -1.96
N ASN A 49 -31.25 35.51 -1.26
CA ASN A 49 -31.59 35.25 0.13
C ASN A 49 -33.06 34.91 0.28
N LYS A 50 -33.59 34.20 -0.71
CA LYS A 50 -34.94 33.67 -0.73
C LYS A 50 -34.89 32.15 -0.57
N LYS A 51 -36.04 31.55 -0.24
CA LYS A 51 -36.13 30.08 -0.14
CA LYS A 51 -36.14 30.08 -0.15
C LYS A 51 -35.71 29.42 -1.45
N SER A 52 -35.14 28.22 -1.35
CA SER A 52 -34.80 27.45 -2.54
C SER A 52 -36.05 26.72 -3.03
N GLN A 53 -36.19 26.61 -4.35
CA GLN A 53 -37.35 25.92 -4.91
C GLN A 53 -37.21 24.41 -4.69
N PRO A 54 -38.31 23.74 -4.33
CA PRO A 54 -38.15 22.34 -4.00
C PRO A 54 -37.75 21.50 -5.21
N GLY A 55 -36.88 20.52 -4.99
CA GLY A 55 -36.63 19.49 -5.99
C GLY A 55 -35.65 19.86 -7.08
N LEU A 56 -35.04 21.04 -6.99
CA LEU A 56 -34.20 21.53 -8.10
C LEU A 56 -32.68 21.32 -7.89
N MET A 57 -32.31 20.70 -6.78
CA MET A 57 -30.91 20.36 -6.45
C MET A 57 -30.06 21.60 -6.21
N THR A 58 -30.54 22.46 -5.30
CA THR A 58 -29.69 23.52 -4.80
C THR A 58 -28.44 22.90 -4.19
N ILE A 59 -27.39 23.71 -4.16
CA ILE A 59 -26.09 23.33 -3.69
C ILE A 59 -25.93 23.77 -2.22
N ARG A 60 -26.92 24.51 -1.75
CA ARG A 60 -26.92 25.07 -0.39
C ARG A 60 -26.97 24.06 0.74
N GLY A 61 -26.43 24.47 1.88
CA GLY A 61 -26.60 23.74 3.13
C GLY A 61 -27.59 24.48 4.03
N CYS A 62 -27.48 24.22 5.33
CA CYS A 62 -28.41 24.73 6.33
C CYS A 62 -27.75 25.62 7.38
N ALA A 63 -28.57 26.12 8.29
CA ALA A 63 -28.14 27.02 9.34
C ALA A 63 -27.16 26.39 10.31
N TYR A 64 -27.32 25.08 10.58
CA TYR A 64 -26.32 24.35 11.39
C TYR A 64 -24.93 24.38 10.73
N ALA A 65 -24.87 24.22 9.41
CA ALA A 65 -23.60 24.32 8.67
C ALA A 65 -22.97 25.69 8.91
N GLY A 66 -23.82 26.71 8.84
CA GLY A 66 -23.41 28.07 9.04
C GLY A 66 -22.92 28.39 10.44
N SER A 67 -23.57 27.83 11.46
CA SER A 67 -23.19 28.09 12.84
C SER A 67 -22.08 27.16 13.29
N LYS A 68 -22.35 25.87 13.22
CA LYS A 68 -21.37 24.90 13.74
C LYS A 68 -20.19 24.71 12.81
N GLY A 69 -20.46 24.46 11.54
CA GLY A 69 -19.38 24.13 10.60
C GLY A 69 -18.54 25.35 10.28
N VAL A 70 -19.17 26.50 10.28
CA VAL A 70 -18.51 27.70 9.81
C VAL A 70 -18.00 28.63 10.92
N VAL A 71 -18.92 29.21 11.69
CA VAL A 71 -18.54 30.19 12.72
C VAL A 71 -17.98 29.59 14.00
N TRP A 72 -18.67 28.65 14.60
CA TRP A 72 -18.24 28.13 15.92
C TRP A 72 -17.23 26.98 15.88
N GLY A 73 -17.41 26.04 14.96
CA GLY A 73 -16.52 24.89 14.82
C GLY A 73 -15.02 25.16 14.93
N PRO A 74 -14.51 26.21 14.26
CA PRO A 74 -13.07 26.54 14.28
C PRO A 74 -12.48 26.94 15.64
N ILE A 75 -13.32 27.43 16.58
CA ILE A 75 -12.80 27.85 17.89
C ILE A 75 -12.24 26.62 18.59
N LYS A 76 -10.96 26.66 18.89
CA LYS A 76 -10.19 25.45 19.08
C LYS A 76 -10.16 24.92 20.49
N ASP A 77 -10.30 25.80 21.46
CA ASP A 77 -10.18 25.37 22.84
C ASP A 77 -11.53 25.21 23.54
N MET A 78 -12.60 25.24 22.75
CA MET A 78 -13.94 24.96 23.27
C MET A 78 -14.38 23.66 22.68
N ILE A 79 -15.35 23.02 23.32
CA ILE A 79 -15.98 21.83 22.80
C ILE A 79 -17.35 22.18 22.28
N HIS A 80 -17.60 21.80 21.03
CA HIS A 80 -18.85 22.10 20.37
C HIS A 80 -19.70 20.87 20.22
N ILE A 81 -20.88 20.91 20.81
CA ILE A 81 -21.77 19.76 20.79
C ILE A 81 -22.74 19.80 19.64
N SER A 82 -22.68 18.79 18.78
CA SER A 82 -23.72 18.65 17.75
C SER A 82 -24.89 17.93 18.40
N HIS A 83 -25.95 18.68 18.70
CA HIS A 83 -27.01 18.26 19.59
C HIS A 83 -28.23 17.86 18.78
N GLY A 84 -28.50 16.56 18.77
CA GLY A 84 -29.49 15.99 17.87
C GLY A 84 -28.98 14.65 17.39
N PRO A 85 -29.54 14.13 16.27
CA PRO A 85 -29.16 12.79 15.85
C PRO A 85 -27.75 12.78 15.23
N VAL A 86 -27.24 11.61 14.91
CA VAL A 86 -25.82 11.43 14.61
C VAL A 86 -25.30 11.97 13.27
N GLY A 87 -26.19 12.20 12.31
CA GLY A 87 -25.80 12.65 10.98
C GLY A 87 -24.97 13.94 10.92
N CYS A 88 -25.58 15.06 11.28
CA CYS A 88 -25.02 16.38 11.07
C CYS A 88 -23.55 16.47 11.52
N GLY A 89 -23.30 15.98 12.72
CA GLY A 89 -21.99 16.04 13.35
C GLY A 89 -20.97 15.18 12.62
N GLN A 90 -21.45 14.11 12.00
CA GLN A 90 -20.57 13.17 11.32
C GLN A 90 -20.26 13.63 9.88
N TYR A 91 -21.24 14.17 9.16
CA TYR A 91 -20.97 14.64 7.81
C TYR A 91 -20.09 15.88 7.85
N SER A 92 -20.24 16.67 8.89
CA SER A 92 -19.41 17.86 9.03
C SER A 92 -18.17 17.65 9.85
N ARG A 93 -17.84 16.39 10.16
CA ARG A 93 -16.60 16.15 10.94
C ARG A 93 -15.36 16.31 10.04
N ALA A 94 -14.55 17.34 10.32
CA ALA A 94 -13.27 17.64 9.68
C ALA A 94 -13.30 17.84 8.17
N GLY A 95 -14.43 18.28 7.65
CA GLY A 95 -14.56 18.46 6.21
C GLY A 95 -14.07 19.83 5.79
N ARG A 96 -14.07 20.76 6.73
CA ARG A 96 -13.64 22.14 6.49
C ARG A 96 -12.27 22.33 7.09
N ARG A 97 -11.36 22.90 6.31
CA ARG A 97 -9.96 22.94 6.71
C ARG A 97 -9.63 24.22 7.51
N ASN A 98 -10.39 24.44 8.58
CA ASN A 98 -10.16 25.63 9.43
C ASN A 98 -9.01 25.30 10.37
N TYR A 99 -7.81 25.68 9.95
CA TYR A 99 -6.59 25.17 10.58
C TYR A 99 -6.33 25.80 11.94
N TYR A 100 -5.64 25.05 12.79
CA TYR A 100 -5.35 25.49 14.14
C TYR A 100 -4.15 24.80 14.72
N ILE A 101 -3.53 25.43 15.71
CA ILE A 101 -2.48 24.82 16.48
C ILE A 101 -3.01 24.38 17.83
N GLY A 102 -2.72 23.14 18.17
CA GLY A 102 -3.27 22.55 19.35
C GLY A 102 -2.92 21.08 19.54
N THR A 103 -3.31 20.57 20.70
CA THR A 103 -3.13 19.18 21.05
C THR A 103 -4.51 18.58 21.10
N THR A 104 -4.90 17.94 20.00
CA THR A 104 -6.28 17.55 19.78
C THR A 104 -6.67 16.42 20.72
N GLY A 105 -7.81 16.59 21.39
CA GLY A 105 -8.24 15.68 22.42
C GLY A 105 -7.81 16.10 23.81
N VAL A 106 -6.90 17.05 23.89
CA VAL A 106 -6.37 17.48 25.21
C VAL A 106 -6.72 18.93 25.48
N ASN A 107 -6.16 19.87 24.71
CA ASN A 107 -6.57 21.28 24.85
C ASN A 107 -7.28 21.86 23.64
N ALA A 108 -7.43 21.07 22.56
CA ALA A 108 -8.10 21.55 21.36
C ALA A 108 -8.96 20.43 20.79
N PHE A 109 -10.07 20.78 20.14
CA PHE A 109 -11.04 19.76 19.85
C PHE A 109 -11.65 19.85 18.46
N VAL A 110 -11.07 20.64 17.58
CA VAL A 110 -11.73 21.09 16.36
C VAL A 110 -12.14 19.95 15.44
N THR A 111 -11.27 18.95 15.28
CA THR A 111 -11.52 17.87 14.33
C THR A 111 -12.32 16.73 14.92
N MET A 112 -12.68 16.85 16.20
CA MET A 112 -13.46 15.83 16.89
C MET A 112 -14.96 16.10 16.69
N ASN A 113 -15.74 15.05 16.88
CA ASN A 113 -17.17 15.12 16.72
C ASN A 113 -17.77 14.70 18.04
N PHE A 114 -18.25 15.69 18.76
CA PHE A 114 -18.94 15.45 20.01
C PHE A 114 -20.40 15.56 19.71
N THR A 115 -21.19 14.63 20.21
CA THR A 115 -22.60 14.61 19.85
C THR A 115 -23.46 13.94 20.90
N SER A 116 -24.72 14.38 21.00
CA SER A 116 -25.66 13.78 21.93
C SER A 116 -26.42 12.61 21.28
N ASP A 117 -26.14 12.35 20.00
CA ASP A 117 -26.63 11.15 19.30
C ASP A 117 -28.05 10.77 19.69
N PHE A 118 -28.95 11.69 19.44
CA PHE A 118 -30.35 11.52 19.79
C PHE A 118 -30.94 10.21 19.29
N GLN A 119 -31.71 9.56 20.17
CA GLN A 119 -32.45 8.35 19.89
C GLN A 119 -33.93 8.70 20.02
N GLU A 120 -34.81 7.73 19.75
CA GLU A 120 -36.23 8.00 19.80
C GLU A 120 -36.67 8.47 21.18
N LYS A 121 -36.10 7.92 22.23
CA LYS A 121 -36.55 8.33 23.57
C LYS A 121 -36.25 9.81 23.83
N ASP A 122 -35.19 10.32 23.19
CA ASP A 122 -34.85 11.73 23.29
C ASP A 122 -35.82 12.60 22.48
N ILE A 123 -36.32 12.08 21.37
CA ILE A 123 -37.31 12.83 20.58
C ILE A 123 -38.63 12.86 21.31
N VAL A 124 -39.00 11.75 21.92
CA VAL A 124 -40.30 11.67 22.57
C VAL A 124 -40.32 12.41 23.91
N PHE A 125 -39.24 12.31 24.68
CA PHE A 125 -39.24 12.88 26.00
C PHE A 125 -38.33 14.10 26.17
N GLY A 126 -37.64 14.50 25.11
CA GLY A 126 -36.78 15.68 25.17
C GLY A 126 -35.35 15.34 25.53
N GLY A 127 -34.42 16.18 25.10
CA GLY A 127 -33.01 15.89 25.32
C GLY A 127 -32.31 16.70 26.37
N ASP A 128 -33.04 17.55 27.11
CA ASP A 128 -32.42 18.53 28.02
C ASP A 128 -31.71 17.83 29.18
N LYS A 129 -32.29 16.75 29.68
CA LYS A 129 -31.66 15.94 30.72
C LYS A 129 -30.40 15.25 30.21
N LYS A 130 -30.47 14.71 29.00
CA LYS A 130 -29.31 14.13 28.34
C LYS A 130 -28.17 15.15 28.18
N LEU A 131 -28.54 16.38 27.81
CA LEU A 131 -27.59 17.46 27.57
C LEU A 131 -26.82 17.82 28.82
N ALA A 132 -27.52 17.88 29.93
CA ALA A 132 -26.92 18.17 31.22
C ALA A 132 -25.94 17.10 31.63
N LYS A 133 -26.31 15.86 31.38
CA LYS A 133 -25.48 14.71 31.72
C LYS A 133 -24.26 14.68 30.80
N LEU A 134 -24.51 14.98 29.51
CA LEU A 134 -23.46 15.05 28.52
C LEU A 134 -22.42 16.09 28.94
N ILE A 135 -22.87 17.26 29.39
CA ILE A 135 -21.96 18.32 29.90
C ILE A 135 -21.06 17.87 31.03
N ASP A 136 -21.64 17.16 32.00
CA ASP A 136 -20.84 16.60 33.07
C ASP A 136 -19.79 15.59 32.55
N GLU A 137 -20.18 14.74 31.60
CA GLU A 137 -19.23 13.76 31.05
C GLU A 137 -18.10 14.47 30.28
N VAL A 138 -18.45 15.54 29.59
CA VAL A 138 -17.42 16.33 28.93
C VAL A 138 -16.38 16.88 29.92
N GLU A 139 -16.86 17.45 31.03
CA GLU A 139 -15.97 18.08 32.01
CA GLU A 139 -15.94 18.08 31.97
C GLU A 139 -15.00 17.04 32.58
N THR A 140 -15.49 15.84 32.80
CA THR A 140 -14.69 14.74 33.31
C THR A 140 -13.60 14.29 32.34
N LEU A 141 -13.97 14.04 31.10
CA LEU A 141 -13.05 13.47 30.14
C LEU A 141 -12.20 14.49 29.37
N PHE A 142 -12.62 15.75 29.38
CA PHE A 142 -11.93 16.84 28.67
C PHE A 142 -11.74 18.07 29.56
N PRO A 143 -11.02 17.89 30.68
CA PRO A 143 -10.91 18.93 31.71
C PRO A 143 -10.33 20.26 31.23
N LEU A 144 -9.48 20.24 30.21
CA LEU A 144 -8.87 21.46 29.72
C LEU A 144 -9.69 22.26 28.73
N ASN A 145 -10.90 21.81 28.39
CA ASN A 145 -11.78 22.67 27.60
C ASN A 145 -12.07 23.97 28.36
N LYS A 146 -12.21 25.05 27.60
CA LYS A 146 -12.35 26.38 28.15
C LYS A 146 -13.72 26.90 27.80
N GLY A 147 -14.64 25.98 27.51
CA GLY A 147 -16.01 26.34 27.29
C GLY A 147 -16.68 25.41 26.30
N ILE A 148 -18.00 25.44 26.33
CA ILE A 148 -18.79 24.50 25.56
C ILE A 148 -19.82 25.26 24.78
N SER A 149 -20.05 24.83 23.55
CA SER A 149 -21.15 25.37 22.75
C SER A 149 -22.10 24.23 22.43
N VAL A 150 -23.38 24.56 22.27
CA VAL A 150 -24.42 23.58 21.97
C VAL A 150 -25.06 23.99 20.67
N GLN A 151 -24.78 23.20 19.63
CA GLN A 151 -25.18 23.53 18.26
C GLN A 151 -26.42 22.72 17.90
N SER A 152 -27.58 23.37 17.87
CA SER A 152 -28.82 22.62 17.75
C SER A 152 -29.02 22.10 16.34
N GLU A 153 -29.35 20.82 16.21
CA GLU A 153 -29.76 20.27 14.94
C GLU A 153 -31.28 20.29 14.90
N CYS A 154 -31.83 20.02 13.72
CA CYS A 154 -33.26 20.15 13.43
C CYS A 154 -34.27 19.84 14.56
N PRO A 155 -34.15 18.66 15.20
CA PRO A 155 -35.18 18.25 16.15
C PRO A 155 -35.35 19.14 17.39
N ILE A 156 -34.31 19.87 17.79
CA ILE A 156 -34.27 20.42 19.15
C ILE A 156 -35.41 21.41 19.37
N GLY A 157 -35.57 22.36 18.46
CA GLY A 157 -36.63 23.35 18.60
C GLY A 157 -37.99 22.73 18.31
N LEU A 158 -38.02 21.83 17.33
CA LEU A 158 -39.28 21.22 16.94
C LEU A 158 -39.92 20.53 18.12
N ILE A 159 -39.12 19.90 18.96
CA ILE A 159 -39.67 19.13 20.08
C ILE A 159 -39.83 19.96 21.36
N GLY A 160 -39.49 21.24 21.30
CA GLY A 160 -39.64 22.12 22.45
C GLY A 160 -38.61 21.95 23.56
N ASP A 161 -37.38 21.59 23.22
CA ASP A 161 -36.32 21.54 24.25
C ASP A 161 -35.94 22.97 24.60
N ASP A 162 -35.27 23.11 25.75
CA ASP A 162 -34.84 24.40 26.26
C ASP A 162 -33.34 24.35 26.59
N ILE A 163 -32.51 24.41 25.54
CA ILE A 163 -31.06 24.41 25.75
C ILE A 163 -30.55 25.70 26.42
N GLU A 164 -31.30 26.79 26.30
CA GLU A 164 -30.94 28.05 26.96
CA GLU A 164 -30.90 28.04 26.96
C GLU A 164 -30.90 27.85 28.47
N SER A 165 -31.96 27.25 28.99
CA SER A 165 -32.05 26.91 30.40
C SER A 165 -30.99 25.92 30.87
N VAL A 166 -30.69 24.91 30.06
CA VAL A 166 -29.70 23.92 30.44
C VAL A 166 -28.35 24.63 30.50
N SER A 167 -28.06 25.44 29.49
CA SER A 167 -26.80 26.19 29.46
C SER A 167 -26.61 27.15 30.68
N LYS A 168 -27.63 27.96 30.98
CA LYS A 168 -27.63 28.81 32.19
C LYS A 168 -27.38 28.01 33.46
N VAL A 169 -28.20 26.99 33.68
CA VAL A 169 -28.08 26.17 34.89
C VAL A 169 -26.69 25.52 35.06
N LYS A 170 -26.25 24.76 34.06
CA LYS A 170 -24.93 24.11 34.10
C LYS A 170 -23.74 25.09 34.07
N GLY A 171 -23.88 26.17 33.33
CA GLY A 171 -22.89 27.25 33.33
C GLY A 171 -22.61 27.76 34.73
N ALA A 172 -23.68 28.10 35.45
CA ALA A 172 -23.56 28.54 36.84
C ALA A 172 -23.01 27.46 37.75
N GLU A 173 -23.46 26.22 37.61
CA GLU A 173 -23.02 25.14 38.50
C GLU A 173 -21.52 24.88 38.40
N LEU A 174 -20.98 25.04 37.20
CA LEU A 174 -19.61 24.64 36.94
C LEU A 174 -18.72 25.88 36.70
N SER A 175 -19.32 27.05 36.83
CA SER A 175 -18.64 28.29 36.46
C SER A 175 -17.99 28.13 35.09
N LYS A 176 -18.77 27.70 34.10
CA LYS A 176 -18.26 27.49 32.74
C LYS A 176 -19.05 28.26 31.69
N THR A 177 -18.37 28.76 30.68
CA THR A 177 -19.06 29.37 29.55
C THR A 177 -19.67 28.25 28.72
N ILE A 178 -21.00 28.21 28.69
CA ILE A 178 -21.77 27.28 27.86
C ILE A 178 -22.72 28.09 27.00
N VAL A 179 -22.49 28.03 25.69
CA VAL A 179 -23.20 28.84 24.74
C VAL A 179 -24.28 28.03 24.03
N PRO A 180 -25.57 28.36 24.28
CA PRO A 180 -26.65 27.74 23.51
C PRO A 180 -26.80 28.39 22.15
N VAL A 181 -26.87 27.58 21.09
CA VAL A 181 -27.07 28.08 19.74
C VAL A 181 -28.27 27.41 19.03
N ARG A 182 -29.30 28.18 18.75
CA ARG A 182 -30.51 27.65 18.13
C ARG A 182 -30.32 27.76 16.63
N CYS A 183 -29.37 26.96 16.13
CA CYS A 183 -29.04 26.99 14.74
C CYS A 183 -29.68 25.85 13.92
N GLU A 184 -30.84 25.37 14.34
CA GLU A 184 -31.54 24.27 13.65
C GLU A 184 -31.69 24.52 12.17
N GLY A 185 -31.44 23.48 11.37
CA GLY A 185 -31.41 23.62 9.93
C GLY A 185 -32.71 23.97 9.22
N PHE A 186 -33.83 23.78 9.87
CA PHE A 186 -35.11 24.23 9.30
C PHE A 186 -35.23 25.75 9.28
N ARG A 187 -34.36 26.44 10.02
CA ARG A 187 -34.40 27.90 10.13
C ARG A 187 -33.74 28.59 8.94
N GLY A 188 -34.28 29.73 8.55
CA GLY A 188 -33.74 30.44 7.39
C GLY A 188 -33.86 29.66 6.09
N VAL A 189 -32.99 29.95 5.14
CA VAL A 189 -33.07 29.33 3.85
C VAL A 189 -31.74 28.73 3.41
N SER A 190 -30.72 28.85 4.26
CA SER A 190 -29.37 28.53 3.84
C SER A 190 -28.43 28.64 5.04
N GLN A 191 -27.14 28.43 4.79
CA GLN A 191 -26.10 28.65 5.80
C GLN A 191 -26.19 30.05 6.42
N SER A 192 -26.65 31.02 5.64
CA SER A 192 -26.58 32.43 6.03
C SER A 192 -27.22 32.77 7.38
N LEU A 193 -28.46 32.36 7.60
CA LEU A 193 -29.08 32.66 8.89
C LEU A 193 -28.28 32.01 10.02
N GLY A 194 -27.61 30.90 9.72
CA GLY A 194 -26.71 30.27 10.70
C GLY A 194 -25.58 31.19 11.17
N HIS A 195 -24.97 31.92 10.25
CA HIS A 195 -23.96 32.92 10.64
C HIS A 195 -24.56 33.92 11.61
N HIS A 196 -25.69 34.48 11.19
CA HIS A 196 -26.32 35.53 11.97
C HIS A 196 -26.60 35.02 13.37
N ILE A 197 -27.31 33.91 13.43
CA ILE A 197 -27.64 33.26 14.71
C ILE A 197 -26.40 33.04 15.55
N ALA A 198 -25.32 32.61 14.90
CA ALA A 198 -24.12 32.30 15.65
C ALA A 198 -23.45 33.60 16.12
N ASN A 199 -23.58 34.66 15.32
CA ASN A 199 -23.04 35.97 15.72
C ASN A 199 -23.77 36.44 16.95
N ASP A 200 -25.10 36.27 16.93
CA ASP A 200 -25.90 36.70 18.08
C ASP A 200 -25.53 35.90 19.34
N ALA A 201 -25.21 34.62 19.16
CA ALA A 201 -24.82 33.78 20.29
C ALA A 201 -23.53 34.24 20.93
N VAL A 202 -22.58 34.66 20.09
CA VAL A 202 -21.28 35.13 20.59
C VAL A 202 -21.50 36.39 21.42
N ARG A 203 -22.27 37.30 20.85
CA ARG A 203 -22.61 38.55 21.50
C ARG A 203 -23.29 38.31 22.84
N ASP A 204 -24.26 37.40 22.90
CA ASP A 204 -25.03 37.26 24.13
C ASP A 204 -24.33 36.46 25.22
N TRP A 205 -23.41 35.57 24.87
CA TRP A 205 -22.87 34.59 25.83
C TRP A 205 -21.35 34.61 26.04
N VAL A 206 -20.61 35.34 25.21
CA VAL A 206 -19.15 35.32 25.30
C VAL A 206 -18.54 36.73 25.26
N LEU A 207 -18.95 37.52 24.28
CA LEU A 207 -18.25 38.74 23.91
C LEU A 207 -18.25 39.77 25.00
N GLY A 208 -19.26 39.71 25.86
CA GLY A 208 -19.40 40.70 26.92
C GLY A 208 -18.62 40.37 28.17
N LYS A 209 -18.03 39.17 28.23
CA LYS A 209 -17.46 38.63 29.46
C LYS A 209 -16.44 39.55 30.16
N ARG A 210 -15.62 40.29 29.41
CA ARG A 210 -14.60 41.17 29.99
C ARG A 210 -14.93 42.64 29.82
N ASP A 211 -16.23 42.96 29.68
CA ASP A 211 -16.65 44.34 29.39
C ASP A 211 -16.12 45.31 30.43
N GLU A 212 -16.14 44.93 31.70
CA GLU A 212 -15.75 45.86 32.75
C GLU A 212 -14.35 45.54 33.29
N ASP A 213 -13.60 44.73 32.56
CA ASP A 213 -12.31 44.20 32.98
C ASP A 213 -11.15 44.92 32.25
N THR A 214 -10.27 45.55 33.01
CA THR A 214 -9.22 46.42 32.46
C THR A 214 -7.78 45.88 32.49
N THR A 215 -7.57 44.62 32.87
CA THR A 215 -6.20 44.08 32.98
C THR A 215 -5.42 44.04 31.66
N PHE A 216 -6.11 43.87 30.53
CA PHE A 216 -5.44 43.81 29.23
C PHE A 216 -4.68 45.10 28.92
N ALA A 217 -3.40 44.99 28.59
CA ALA A 217 -2.62 46.16 28.20
C ALA A 217 -2.77 46.43 26.71
N SER A 218 -3.56 47.44 26.37
CA SER A 218 -3.87 47.74 24.99
C SER A 218 -2.82 48.63 24.33
N THR A 219 -2.66 48.56 23.01
CA THR A 219 -1.79 49.48 22.29
C THR A 219 -2.61 50.16 21.18
N PRO A 220 -2.06 51.26 20.63
CA PRO A 220 -2.81 51.95 19.59
C PRO A 220 -2.87 51.15 18.29
N TYR A 221 -2.15 50.03 18.24
CA TYR A 221 -2.02 49.23 17.02
C TYR A 221 -2.76 47.88 17.04
N ASP A 222 -3.67 47.70 18.00
CA ASP A 222 -4.39 46.46 18.21
C ASP A 222 -5.56 46.31 17.22
N VAL A 223 -5.59 45.15 16.55
CA VAL A 223 -6.61 44.87 15.57
C VAL A 223 -7.13 43.49 15.82
N ALA A 224 -8.26 43.15 15.19
CA ALA A 224 -8.79 41.79 15.19
C ALA A 224 -9.05 41.43 13.76
N ILE A 225 -8.73 40.20 13.41
CA ILE A 225 -9.09 39.68 12.10
C ILE A 225 -10.46 39.03 12.24
N ILE A 226 -11.47 39.63 11.61
CA ILE A 226 -12.85 39.17 11.75
C ILE A 226 -13.25 38.51 10.45
N GLY A 227 -13.71 37.26 10.53
CA GLY A 227 -14.19 36.54 9.36
C GLY A 227 -13.09 36.01 8.46
N ASP A 228 -12.13 35.33 9.08
CA ASP A 228 -11.16 34.51 8.35
C ASP A 228 -11.05 33.21 9.12
N TYR A 229 -11.41 32.13 8.44
CA TYR A 229 -11.60 30.83 9.06
C TYR A 229 -10.36 29.95 8.86
N ASN A 230 -9.30 30.61 8.40
CA ASN A 230 -7.95 30.03 8.31
C ASN A 230 -7.88 28.79 7.48
N ILE A 231 -8.52 28.82 6.31
CA ILE A 231 -8.62 27.63 5.47
C ILE A 231 -7.24 27.35 4.86
N GLY A 232 -6.67 26.20 5.14
CA GLY A 232 -5.33 25.87 4.70
C GLY A 232 -4.30 26.82 5.29
N GLY A 233 -4.67 27.56 6.33
CA GLY A 233 -3.77 28.53 6.94
C GLY A 233 -3.91 29.98 6.43
N ASP A 234 -4.98 30.24 5.68
CA ASP A 234 -5.26 31.58 5.15
C ASP A 234 -5.05 32.72 6.17
N ALA A 235 -5.45 32.52 7.42
CA ALA A 235 -5.41 33.62 8.38
C ALA A 235 -4.00 33.85 8.88
N TRP A 236 -3.21 32.79 8.91
CA TRP A 236 -1.83 32.91 9.34
C TRP A 236 -1.05 33.70 8.32
N SER A 237 -1.32 33.46 7.04
CA SER A 237 -0.55 34.13 5.99
C SER A 237 -1.13 35.54 5.73
N SER A 238 -2.17 35.88 6.48
CA SER A 238 -2.71 37.23 6.49
C SER A 238 -2.13 37.97 7.71
N ARG A 239 -2.27 37.33 8.86
CA ARG A 239 -1.71 37.81 10.13
C ARG A 239 -0.25 38.24 10.02
N ILE A 240 0.58 37.42 9.39
CA ILE A 240 1.99 37.71 9.34
C ILE A 240 2.22 39.07 8.71
N LEU A 241 1.44 39.42 7.70
CA LEU A 241 1.59 40.68 7.01
C LEU A 241 1.16 41.85 7.87
N LEU A 242 0.01 41.72 8.52
CA LEU A 242 -0.47 42.78 9.37
C LEU A 242 0.53 43.12 10.47
N GLU A 243 1.22 42.10 10.96
CA GLU A 243 2.16 42.26 12.07
C GLU A 243 3.51 42.74 11.61
N GLU A 244 3.92 42.35 10.41
CA GLU A 244 5.09 42.96 9.84
C GLU A 244 4.82 44.45 9.60
N MET A 245 3.57 44.82 9.32
CA MET A 245 3.18 46.25 9.22
C MET A 245 3.20 47.04 10.56
N GLY A 246 3.44 46.34 11.69
CA GLY A 246 3.44 46.98 13.01
C GLY A 246 2.14 46.89 13.80
N LEU A 247 1.17 46.17 13.27
CA LEU A 247 -0.07 46.01 14.02
C LEU A 247 0.05 44.84 14.99
N ARG A 248 -0.82 44.81 16.00
CA ARG A 248 -0.88 43.69 16.91
C ARG A 248 -2.21 42.99 16.73
N CYS A 249 -2.17 41.76 16.24
CA CYS A 249 -3.40 41.00 15.99
CA CYS A 249 -3.41 41.02 16.00
C CYS A 249 -3.85 40.29 17.25
N VAL A 250 -4.84 40.88 17.91
CA VAL A 250 -5.31 40.42 19.22
C VAL A 250 -6.22 39.21 19.10
N ALA A 251 -6.97 39.14 18.00
CA ALA A 251 -7.99 38.13 17.79
C ALA A 251 -8.08 37.60 16.36
N GLN A 252 -8.44 36.33 16.22
CA GLN A 252 -8.78 35.75 14.91
C GLN A 252 -10.14 35.09 15.00
N TRP A 253 -11.11 35.59 14.25
CA TRP A 253 -12.47 35.05 14.25
C TRP A 253 -12.78 34.31 12.95
N SER A 254 -12.77 32.98 12.95
CA SER A 254 -12.49 32.16 14.11
C SER A 254 -11.43 31.08 13.82
N GLY A 255 -10.88 31.12 12.61
CA GLY A 255 -9.80 30.20 12.24
C GLY A 255 -8.66 30.31 13.25
N ASP A 256 -8.30 29.17 13.83
CA ASP A 256 -7.28 29.07 14.89
C ASP A 256 -7.58 29.95 16.12
N GLY A 257 -8.84 30.36 16.26
CA GLY A 257 -9.22 31.26 17.35
C GLY A 257 -9.39 30.57 18.69
N SER A 258 -9.13 31.32 19.76
CA SER A 258 -9.29 30.85 21.13
C SER A 258 -10.43 31.63 21.79
N ILE A 259 -11.03 31.08 22.83
CA ILE A 259 -12.12 31.81 23.47
C ILE A 259 -11.59 33.10 24.10
N SER A 260 -10.37 33.08 24.63
CA SER A 260 -9.82 34.32 25.22
C SER A 260 -9.64 35.42 24.18
N GLU A 261 -9.23 35.06 22.96
CA GLU A 261 -9.10 36.03 21.88
C GLU A 261 -10.38 36.72 21.54
N ILE A 262 -11.46 35.93 21.53
CA ILE A 262 -12.80 36.45 21.29
C ILE A 262 -13.17 37.48 22.39
N GLU A 263 -13.02 37.06 23.64
CA GLU A 263 -13.31 37.91 24.78
C GLU A 263 -12.48 39.20 24.80
N LEU A 264 -11.30 39.19 24.18
CA LEU A 264 -10.41 40.37 24.20
C LEU A 264 -10.69 41.32 23.05
N THR A 265 -11.49 40.88 22.09
CA THR A 265 -11.63 41.64 20.87
C THR A 265 -12.24 43.03 21.12
N PRO A 266 -13.16 43.15 22.09
CA PRO A 266 -13.68 44.50 22.33
C PRO A 266 -12.61 45.51 22.82
N LYS A 267 -11.40 45.06 23.12
CA LYS A 267 -10.30 45.98 23.49
C LYS A 267 -9.53 46.55 22.29
N VAL A 268 -9.83 46.09 21.08
CA VAL A 268 -8.99 46.44 19.94
C VAL A 268 -9.39 47.81 19.41
N LYS A 269 -8.60 48.32 18.49
CA LYS A 269 -8.82 49.64 17.95
C LYS A 269 -9.54 49.63 16.61
N LEU A 270 -9.50 48.47 15.93
CA LEU A 270 -10.00 48.34 14.58
C LEU A 270 -10.33 46.86 14.28
N ASN A 271 -11.55 46.62 13.82
CA ASN A 271 -11.97 45.31 13.33
C ASN A 271 -11.79 45.23 11.82
N LEU A 272 -10.96 44.27 11.41
CA LEU A 272 -10.66 44.11 10.02
C LEU A 272 -11.51 42.97 9.49
N VAL A 273 -12.52 43.28 8.69
CA VAL A 273 -13.48 42.29 8.22
C VAL A 273 -13.14 41.75 6.85
N HIS A 274 -12.79 40.46 6.80
CA HIS A 274 -12.57 39.79 5.52
C HIS A 274 -13.91 39.30 4.97
N CYS A 275 -14.50 38.26 5.60
CA CYS A 275 -15.85 37.81 5.23
C CYS A 275 -16.94 38.68 5.83
N TYR A 276 -17.33 39.68 5.05
CA TYR A 276 -18.44 40.55 5.39
C TYR A 276 -19.74 39.76 5.69
N ARG A 277 -20.05 38.79 4.82
CA ARG A 277 -21.33 38.06 4.92
C ARG A 277 -21.47 37.42 6.29
N SER A 278 -20.49 36.65 6.75
CA SER A 278 -20.65 35.89 7.98
C SER A 278 -20.49 36.69 9.24
N MET A 279 -19.77 37.81 9.18
CA MET A 279 -19.53 38.53 10.41
C MET A 279 -19.74 40.04 10.43
N ASN A 280 -20.44 40.57 9.44
CA ASN A 280 -20.85 41.98 9.52
C ASN A 280 -21.73 42.23 10.75
N TYR A 281 -22.57 41.25 11.11
CA TYR A 281 -23.50 41.38 12.26
C TYR A 281 -22.75 41.77 13.53
N ILE A 282 -21.73 41.01 13.90
CA ILE A 282 -21.06 41.21 15.17
C ILE A 282 -20.16 42.43 15.06
N SER A 283 -19.70 42.70 13.85
CA SER A 283 -18.89 43.88 13.63
C SER A 283 -19.76 45.13 13.85
N ARG A 284 -20.99 45.12 13.32
CA ARG A 284 -21.87 46.29 13.50
C ARG A 284 -22.18 46.48 14.96
N HIS A 285 -22.41 45.37 15.66
CA HIS A 285 -22.58 45.38 17.11
C HIS A 285 -21.41 46.03 17.86
N MET A 286 -20.20 45.62 17.53
CA MET A 286 -19.04 46.11 18.27
C MET A 286 -18.84 47.60 18.04
N GLU A 287 -19.30 48.09 16.89
CA GLU A 287 -19.17 49.50 16.55
C GLU A 287 -20.17 50.27 17.40
N GLU A 288 -21.40 49.76 17.45
CA GLU A 288 -22.48 50.39 18.20
C GLU A 288 -22.24 50.33 19.71
N LYS A 289 -21.69 49.23 20.20
CA LYS A 289 -21.55 49.08 21.64
C LYS A 289 -20.21 49.53 22.21
N TYR A 290 -19.11 49.26 21.53
CA TYR A 290 -17.79 49.65 22.05
C TYR A 290 -17.17 50.79 21.29
N GLY A 291 -17.85 51.23 20.23
CA GLY A 291 -17.31 52.26 19.35
C GLY A 291 -16.11 51.87 18.50
N ILE A 292 -15.90 50.57 18.34
CA ILE A 292 -14.81 50.08 17.49
C ILE A 292 -15.21 50.11 16.01
N PRO A 293 -14.49 50.89 15.18
CA PRO A 293 -14.89 50.87 13.79
C PRO A 293 -14.43 49.57 13.12
N TRP A 294 -15.05 49.23 12.00
CA TRP A 294 -14.65 48.06 11.24
C TRP A 294 -14.57 48.48 9.80
N MET A 295 -13.69 47.80 9.07
CA MET A 295 -13.54 48.04 7.64
C MET A 295 -13.39 46.71 6.88
N GLU A 296 -13.81 46.70 5.63
CA GLU A 296 -13.71 45.51 4.79
C GLU A 296 -12.36 45.53 4.11
N TYR A 297 -11.77 44.36 3.96
CA TYR A 297 -10.53 44.23 3.20
C TYR A 297 -10.49 42.93 2.37
N ASN A 298 -9.42 42.79 1.59
CA ASN A 298 -9.29 41.71 0.63
C ASN A 298 -7.83 41.33 0.44
N PHE A 299 -7.49 40.09 0.83
CA PHE A 299 -6.15 39.60 0.71
C PHE A 299 -5.97 38.54 -0.38
N PHE A 300 -6.81 38.57 -1.41
CA PHE A 300 -6.63 37.68 -2.53
C PHE A 300 -5.82 38.35 -3.65
N GLY A 301 -4.57 37.96 -3.82
CA GLY A 301 -3.73 38.45 -4.91
C GLY A 301 -2.95 39.68 -4.52
N PRO A 302 -1.89 39.99 -5.27
CA PRO A 302 -1.05 41.13 -4.87
C PRO A 302 -1.78 42.47 -4.96
N THR A 303 -2.57 42.68 -6.02
CA THR A 303 -3.27 43.97 -6.20
C THR A 303 -4.18 44.27 -5.02
N LYS A 304 -5.01 43.31 -4.65
CA LYS A 304 -5.97 43.54 -3.56
C LYS A 304 -5.26 43.60 -2.21
N THR A 305 -4.25 42.77 -2.04
CA THR A 305 -3.53 42.73 -0.77
C THR A 305 -2.81 44.06 -0.54
N ILE A 306 -2.17 44.57 -1.60
CA ILE A 306 -1.44 45.84 -1.51
C ILE A 306 -2.43 46.98 -1.20
N GLU A 307 -3.51 47.03 -1.94
CA GLU A 307 -4.55 48.02 -1.68
C GLU A 307 -5.05 47.96 -0.24
N SER A 308 -5.22 46.74 0.29
CA SER A 308 -5.77 46.54 1.63
C SER A 308 -4.80 46.99 2.73
N LEU A 309 -3.54 46.57 2.62
CA LEU A 309 -2.52 46.97 3.57
C LEU A 309 -2.47 48.50 3.65
N ARG A 310 -2.58 49.16 2.50
CA ARG A 310 -2.56 50.62 2.43
C ARG A 310 -3.79 51.26 3.10
N ALA A 311 -4.96 50.71 2.79
CA ALA A 311 -6.19 51.23 3.39
C ALA A 311 -6.11 51.09 4.90
N ILE A 312 -5.64 49.95 5.36
CA ILE A 312 -5.60 49.65 6.78
C ILE A 312 -4.60 50.54 7.49
N ALA A 313 -3.46 50.75 6.85
CA ALA A 313 -2.39 51.51 7.48
C ALA A 313 -2.85 52.95 7.68
N ALA A 314 -3.65 53.42 6.74
CA ALA A 314 -4.13 54.79 6.74
C ALA A 314 -4.96 55.10 7.96
N LYS A 315 -5.46 54.06 8.63
CA LYS A 315 -6.27 54.25 9.82
C LYS A 315 -5.38 54.55 11.01
N PHE A 316 -4.08 54.34 10.85
CA PHE A 316 -3.16 54.51 11.94
C PHE A 316 -2.29 55.74 11.72
N ASP A 317 -1.00 55.65 11.96
CA ASP A 317 -0.13 56.82 11.94
C ASP A 317 0.99 56.59 10.93
N GLU A 318 1.90 57.55 10.83
CA GLU A 318 2.94 57.47 9.79
C GLU A 318 3.91 56.31 10.01
N SER A 319 4.13 55.90 11.25
CA SER A 319 5.02 54.78 11.53
C SER A 319 4.44 53.48 10.93
N ILE A 320 3.12 53.36 10.94
CA ILE A 320 2.46 52.18 10.36
C ILE A 320 2.43 52.29 8.85
N GLN A 321 2.11 53.47 8.34
CA GLN A 321 2.12 53.68 6.88
C GLN A 321 3.53 53.43 6.32
N LYS A 322 4.56 53.79 7.09
CA LYS A 322 5.93 53.54 6.68
C LYS A 322 6.26 52.04 6.62
N LYS A 323 5.89 51.30 7.66
CA LYS A 323 6.12 49.86 7.65
C LYS A 323 5.28 49.16 6.56
N CYS A 324 4.12 49.72 6.27
CA CYS A 324 3.27 49.19 5.21
C CYS A 324 4.09 49.17 3.93
N GLU A 325 4.76 50.27 3.62
CA GLU A 325 5.52 50.35 2.38
C GLU A 325 6.73 49.43 2.44
N GLU A 326 7.29 49.23 3.63
CA GLU A 326 8.40 48.29 3.81
C GLU A 326 7.96 46.84 3.56
N VAL A 327 6.77 46.48 4.01
CA VAL A 327 6.25 45.14 3.72
C VAL A 327 6.00 44.97 2.22
N ILE A 328 5.31 45.95 1.65
CA ILE A 328 5.03 45.94 0.22
C ILE A 328 6.33 45.80 -0.61
N ALA A 329 7.38 46.54 -0.26
CA ALA A 329 8.67 46.43 -0.96
C ALA A 329 9.35 45.06 -0.77
N LYS A 330 9.19 44.47 0.41
CA LYS A 330 9.76 43.18 0.70
C LYS A 330 9.18 42.09 -0.21
N TYR A 331 7.87 42.09 -0.37
CA TYR A 331 7.19 41.01 -1.06
C TYR A 331 7.13 41.24 -2.58
N LYS A 332 7.39 42.47 -3.01
CA LYS A 332 7.33 42.80 -4.44
C LYS A 332 8.04 41.77 -5.34
N PRO A 333 9.33 41.49 -5.10
CA PRO A 333 10.02 40.55 -5.99
C PRO A 333 9.42 39.15 -5.97
N GLU A 334 8.87 38.76 -4.83
CA GLU A 334 8.29 37.44 -4.72
C GLU A 334 7.04 37.34 -5.59
N TRP A 335 6.05 38.21 -5.39
CA TRP A 335 4.82 38.11 -6.20
C TRP A 335 5.09 38.44 -7.66
N GLU A 336 6.07 39.29 -7.93
CA GLU A 336 6.43 39.53 -9.32
C GLU A 336 6.98 38.28 -10.01
N ALA A 337 7.80 37.50 -9.31
CA ALA A 337 8.32 36.29 -9.93
C ALA A 337 7.19 35.30 -10.19
N VAL A 338 6.19 35.31 -9.30
CA VAL A 338 5.03 34.45 -9.46
C VAL A 338 4.24 34.82 -10.68
N VAL A 339 3.96 36.12 -10.83
CA VAL A 339 3.27 36.63 -12.01
C VAL A 339 4.08 36.27 -13.27
N ALA A 340 5.36 36.60 -13.29
CA ALA A 340 6.20 36.35 -14.47
C ALA A 340 6.14 34.88 -14.88
N LYS A 341 6.14 34.00 -13.90
CA LYS A 341 6.13 32.59 -14.18
C LYS A 341 4.78 32.13 -14.67
N TYR A 342 3.70 32.51 -13.99
CA TYR A 342 2.41 31.85 -14.23
C TYR A 342 1.42 32.66 -15.12
N ARG A 343 1.50 33.98 -15.09
CA ARG A 343 0.57 34.72 -15.93
C ARG A 343 0.64 34.25 -17.41
N PRO A 344 1.85 34.13 -17.99
CA PRO A 344 1.88 33.68 -19.38
C PRO A 344 1.19 32.36 -19.63
N ARG A 345 1.06 31.53 -18.58
CA ARG A 345 0.48 30.20 -18.73
CA ARG A 345 0.48 30.19 -18.70
C ARG A 345 -1.05 30.24 -18.59
N LEU A 346 -1.56 31.36 -18.05
CA LEU A 346 -3.00 31.52 -17.78
C LEU A 346 -3.69 32.67 -18.53
N GLU A 347 -2.90 33.53 -19.17
CA GLU A 347 -3.43 34.75 -19.82
C GLU A 347 -4.60 34.46 -20.73
N GLY A 348 -5.67 35.20 -20.54
CA GLY A 348 -6.84 35.10 -21.41
C GLY A 348 -7.76 33.94 -21.06
N LYS A 349 -7.36 33.09 -20.13
CA LYS A 349 -8.22 31.98 -19.79
C LYS A 349 -9.44 32.48 -19.03
N ARG A 350 -10.56 31.77 -19.21
CA ARG A 350 -11.85 32.21 -18.71
C ARG A 350 -12.34 31.25 -17.61
N VAL A 351 -12.86 31.83 -16.53
CA VAL A 351 -13.25 31.09 -15.34
C VAL A 351 -14.69 31.38 -14.98
N MET A 352 -15.42 30.34 -14.56
CA MET A 352 -16.73 30.49 -13.91
C MET A 352 -16.61 30.07 -12.44
N LEU A 353 -17.23 30.83 -11.57
CA LEU A 353 -17.16 30.58 -10.15
C LEU A 353 -18.54 30.38 -9.58
N TYR A 354 -18.64 29.46 -8.63
CA TYR A 354 -19.85 29.32 -7.81
C TYR A 354 -19.41 28.91 -6.41
N ILE A 355 -19.59 29.81 -5.44
CA ILE A 355 -19.19 29.53 -4.08
C ILE A 355 -20.24 30.08 -3.12
N GLY A 356 -19.87 30.55 -1.93
CA GLY A 356 -20.85 30.68 -0.87
C GLY A 356 -21.42 32.06 -0.69
N GLY A 357 -20.65 32.95 -0.07
CA GLY A 357 -21.11 34.29 0.24
C GLY A 357 -20.02 35.37 0.20
N LEU A 358 -18.80 35.02 -0.24
CA LEU A 358 -17.73 36.00 -0.31
C LEU A 358 -16.79 35.83 -1.51
N ARG A 359 -16.16 34.67 -1.56
CA ARG A 359 -15.17 34.35 -2.56
C ARG A 359 -15.65 34.52 -4.03
N PRO A 360 -16.95 34.40 -4.30
CA PRO A 360 -17.39 34.57 -5.69
C PRO A 360 -17.09 35.96 -6.27
N ARG A 361 -16.90 36.94 -5.40
CA ARG A 361 -16.40 38.25 -5.83
C ARG A 361 -15.00 38.48 -5.37
N HIS A 362 -14.64 37.98 -4.20
CA HIS A 362 -13.39 38.40 -3.57
C HIS A 362 -12.14 37.87 -4.29
N VAL A 363 -12.27 36.78 -5.05
CA VAL A 363 -11.10 36.17 -5.68
C VAL A 363 -10.88 36.72 -7.08
N ILE A 364 -11.80 37.55 -7.56
CA ILE A 364 -11.75 37.99 -8.97
C ILE A 364 -10.45 38.71 -9.23
N GLY A 365 -9.98 39.50 -8.27
CA GLY A 365 -8.75 40.28 -8.42
C GLY A 365 -7.53 39.40 -8.61
N ALA A 366 -7.45 38.32 -7.83
CA ALA A 366 -6.33 37.41 -7.94
C ALA A 366 -6.32 36.74 -9.30
N TYR A 367 -7.49 36.33 -9.81
CA TYR A 367 -7.57 35.75 -11.15
C TYR A 367 -7.10 36.79 -12.20
N GLU A 368 -7.52 38.03 -12.02
CA GLU A 368 -7.10 39.08 -12.94
C GLU A 368 -5.59 39.40 -12.82
N ASP A 369 -4.97 39.16 -11.66
CA ASP A 369 -3.52 39.34 -11.56
C ASP A 369 -2.74 38.27 -12.31
N LEU A 370 -3.44 37.24 -12.79
CA LEU A 370 -2.82 36.23 -13.65
C LEU A 370 -3.35 36.30 -15.09
N GLY A 371 -3.97 37.44 -15.43
CA GLY A 371 -4.49 37.65 -16.78
C GLY A 371 -5.75 36.88 -17.13
N MET A 372 -6.43 36.32 -16.12
CA MET A 372 -7.60 35.50 -16.36
C MET A 372 -8.88 36.31 -16.27
N GLU A 373 -9.96 35.80 -16.85
CA GLU A 373 -11.23 36.51 -16.88
C GLU A 373 -12.31 35.66 -16.25
N VAL A 374 -13.03 36.27 -15.31
CA VAL A 374 -14.16 35.63 -14.64
C VAL A 374 -15.42 35.98 -15.42
N VAL A 375 -15.91 35.05 -16.23
CA VAL A 375 -17.00 35.35 -17.14
C VAL A 375 -18.36 35.00 -16.55
N GLY A 376 -18.33 34.46 -15.35
CA GLY A 376 -19.56 34.05 -14.67
C GLY A 376 -19.25 33.85 -13.21
N THR A 377 -20.12 34.35 -12.34
CA THR A 377 -19.97 34.08 -10.92
C THR A 377 -21.31 34.03 -10.22
N GLY A 378 -21.32 33.40 -9.06
CA GLY A 378 -22.54 33.39 -8.28
C GLY A 378 -22.32 32.85 -6.90
N TYR A 379 -23.33 33.01 -6.05
CA TYR A 379 -23.29 32.64 -4.65
C TYR A 379 -24.46 31.74 -4.25
N GLU A 380 -24.19 30.83 -3.30
CA GLU A 380 -25.22 29.98 -2.73
C GLU A 380 -26.20 30.77 -1.89
N PHE A 381 -25.69 31.67 -1.06
CA PHE A 381 -26.51 32.24 0.01
C PHE A 381 -26.30 33.74 0.29
N ALA A 382 -25.65 34.43 -0.65
CA ALA A 382 -25.43 35.88 -0.58
C ALA A 382 -26.70 36.73 -0.48
N HIS A 383 -26.62 37.90 0.14
CA HIS A 383 -27.73 38.86 0.11
C HIS A 383 -27.44 39.98 -0.90
N ASN A 384 -28.42 40.85 -1.13
CA ASN A 384 -28.25 41.89 -2.15
C ASN A 384 -27.06 42.83 -1.89
N ASP A 385 -26.66 43.03 -0.63
CA ASP A 385 -25.51 43.90 -0.35
C ASP A 385 -24.22 43.28 -0.86
N ASP A 386 -24.18 41.94 -0.87
CA ASP A 386 -23.11 41.20 -1.53
C ASP A 386 -23.17 41.37 -3.04
N TYR A 387 -24.35 41.26 -3.63
CA TYR A 387 -24.45 41.48 -5.06
C TYR A 387 -24.13 42.93 -5.43
N ASP A 388 -24.49 43.89 -4.59
CA ASP A 388 -24.08 45.29 -4.84
C ASP A 388 -22.55 45.36 -4.96
N ARG A 389 -21.85 44.63 -4.10
CA ARG A 389 -20.39 44.64 -4.11
C ARG A 389 -19.84 43.85 -5.29
N THR A 390 -20.68 43.02 -5.89
CA THR A 390 -20.22 42.11 -6.91
C THR A 390 -20.20 42.74 -8.31
N MET A 391 -21.22 43.56 -8.56
CA MET A 391 -21.50 44.02 -9.92
C MET A 391 -20.46 44.99 -10.42
N LYS A 392 -19.80 45.67 -9.49
CA LYS A 392 -18.68 46.51 -9.85
C LYS A 392 -17.38 45.71 -10.02
N GLU A 393 -17.26 44.56 -9.34
CA GLU A 393 -16.07 43.71 -9.48
C GLU A 393 -16.14 42.83 -10.72
N MET A 394 -17.34 42.55 -11.19
CA MET A 394 -17.52 41.76 -12.40
C MET A 394 -17.57 42.66 -13.64
N GLY A 395 -17.20 42.10 -14.78
CA GLY A 395 -17.19 42.82 -16.03
C GLY A 395 -18.59 42.93 -16.61
N ASP A 396 -18.74 43.80 -17.59
CA ASP A 396 -20.06 44.05 -18.15
C ASP A 396 -20.49 42.82 -18.93
N SER A 397 -21.78 42.52 -18.91
CA SER A 397 -22.35 41.42 -19.67
C SER A 397 -21.90 40.02 -19.18
N THR A 398 -21.31 39.96 -17.99
CA THR A 398 -21.01 38.65 -17.40
C THR A 398 -22.29 38.04 -16.81
N LEU A 399 -22.25 36.73 -16.57
CA LEU A 399 -23.41 36.02 -16.06
C LEU A 399 -23.38 35.90 -14.54
N LEU A 400 -24.48 36.29 -13.88
CA LEU A 400 -24.59 36.11 -12.43
C LEU A 400 -25.72 35.18 -12.10
N TYR A 401 -25.50 34.29 -11.13
CA TYR A 401 -26.50 33.33 -10.71
C TYR A 401 -26.57 33.19 -9.19
N ASP A 402 -27.78 33.28 -8.67
CA ASP A 402 -28.03 33.13 -7.26
C ASP A 402 -28.74 31.80 -6.93
N ASP A 403 -28.20 31.04 -5.97
CA ASP A 403 -28.75 29.73 -5.61
C ASP A 403 -28.96 28.92 -6.87
N VAL A 404 -27.90 28.79 -7.65
CA VAL A 404 -27.99 28.14 -8.95
C VAL A 404 -28.39 26.67 -8.74
N THR A 405 -29.17 26.14 -9.67
CA THR A 405 -29.55 24.75 -9.63
C THR A 405 -28.49 23.97 -10.35
N GLY A 406 -28.44 22.67 -10.08
CA GLY A 406 -27.46 21.80 -10.71
C GLY A 406 -27.70 21.81 -12.20
N TYR A 407 -28.97 21.76 -12.59
CA TYR A 407 -29.35 21.86 -13.99
C TYR A 407 -28.82 23.15 -14.61
N GLU A 408 -29.14 24.27 -13.99
CA GLU A 408 -28.69 25.56 -14.49
C GLU A 408 -27.18 25.59 -14.71
N PHE A 409 -26.43 25.20 -13.68
CA PHE A 409 -24.98 25.35 -13.70
C PHE A 409 -24.42 24.52 -14.85
N GLU A 410 -24.85 23.27 -14.95
CA GLU A 410 -24.40 22.42 -16.07
C GLU A 410 -24.66 23.08 -17.43
N GLU A 411 -25.89 23.56 -17.65
CA GLU A 411 -26.28 24.12 -18.96
C GLU A 411 -25.53 25.40 -19.26
N PHE A 412 -25.35 26.25 -18.24
CA PHE A 412 -24.54 27.44 -18.43
C PHE A 412 -23.14 27.06 -18.89
N VAL A 413 -22.57 26.06 -18.26
CA VAL A 413 -21.20 25.66 -18.57
C VAL A 413 -21.07 25.08 -19.98
N LYS A 414 -22.06 24.29 -20.40
CA LYS A 414 -22.08 23.76 -21.75
C LYS A 414 -22.05 24.84 -22.82
N ARG A 415 -22.80 25.91 -22.63
CA ARG A 415 -22.86 27.00 -23.61
CA ARG A 415 -22.84 26.97 -23.63
C ARG A 415 -21.61 27.88 -23.52
N ILE A 416 -21.26 28.28 -22.29
CA ILE A 416 -20.16 29.22 -22.08
C ILE A 416 -18.78 28.61 -22.25
N LYS A 417 -18.64 27.33 -21.95
CA LYS A 417 -17.38 26.62 -22.13
C LYS A 417 -16.18 27.34 -21.50
N PRO A 418 -16.23 27.53 -20.16
CA PRO A 418 -15.10 28.16 -19.47
C PRO A 418 -13.88 27.27 -19.53
N ASP A 419 -12.70 27.85 -19.38
CA ASP A 419 -11.48 27.07 -19.37
C ASP A 419 -11.25 26.45 -17.99
N LEU A 420 -11.94 27.00 -17.00
CA LEU A 420 -11.73 26.60 -15.61
C LEU A 420 -12.98 26.90 -14.86
N ILE A 421 -13.32 26.01 -13.94
CA ILE A 421 -14.43 26.23 -13.02
C ILE A 421 -13.92 26.13 -11.58
N GLY A 422 -14.37 27.05 -10.73
CA GLY A 422 -14.00 27.03 -9.31
C GLY A 422 -15.23 26.97 -8.46
N SER A 423 -15.41 25.88 -7.72
CA SER A 423 -16.67 25.68 -6.98
C SER A 423 -16.41 24.67 -5.87
N GLY A 424 -17.43 23.88 -5.51
CA GLY A 424 -17.30 22.95 -4.38
C GLY A 424 -17.26 21.47 -4.72
N ILE A 425 -17.33 20.64 -3.68
CA ILE A 425 -17.10 19.22 -3.85
C ILE A 425 -18.26 18.56 -4.60
N LYS A 426 -19.45 19.11 -4.45
CA LYS A 426 -20.60 18.49 -5.13
C LYS A 426 -20.59 18.78 -6.65
N GLU A 427 -19.74 19.72 -7.04
CA GLU A 427 -19.66 20.16 -8.43
C GLU A 427 -18.47 19.56 -9.11
N LYS A 428 -17.37 19.45 -8.36
CA LYS A 428 -16.08 19.03 -8.91
C LYS A 428 -16.14 17.90 -9.91
N PHE A 429 -16.77 16.79 -9.53
CA PHE A 429 -16.60 15.56 -10.29
C PHE A 429 -17.49 15.58 -11.53
N ILE A 430 -18.49 16.44 -11.51
CA ILE A 430 -19.33 16.64 -12.67
C ILE A 430 -18.54 17.26 -13.81
N PHE A 431 -17.82 18.32 -13.50
CA PHE A 431 -17.18 19.09 -14.54
C PHE A 431 -15.92 18.45 -15.06
N GLN A 432 -15.26 17.71 -14.18
CA GLN A 432 -14.11 16.90 -14.60
C GLN A 432 -14.51 15.91 -15.72
N LYS A 433 -15.65 15.26 -15.58
CA LYS A 433 -16.12 14.34 -16.60
C LYS A 433 -16.39 15.00 -17.94
N MET A 434 -16.76 16.28 -17.88
CA MET A 434 -17.06 17.08 -19.06
C MET A 434 -15.77 17.61 -19.68
N GLY A 435 -14.63 17.29 -19.05
CA GLY A 435 -13.34 17.72 -19.55
C GLY A 435 -13.00 19.16 -19.25
N ILE A 436 -13.66 19.73 -18.25
CA ILE A 436 -13.34 21.11 -17.86
C ILE A 436 -12.55 21.14 -16.54
N PRO A 437 -11.33 21.71 -16.56
CA PRO A 437 -10.50 21.82 -15.39
C PRO A 437 -11.26 22.44 -14.24
N PHE A 438 -11.13 21.85 -13.05
CA PHE A 438 -11.90 22.25 -11.89
C PHE A 438 -11.00 22.43 -10.66
N ARG A 439 -11.15 23.57 -9.98
CA ARG A 439 -10.46 23.81 -8.71
C ARG A 439 -11.49 24.04 -7.64
N GLU A 440 -11.31 23.35 -6.50
CA GLU A 440 -12.18 23.55 -5.37
C GLU A 440 -11.83 24.89 -4.74
N MET A 441 -12.83 25.74 -4.59
CA MET A 441 -12.60 27.12 -4.12
C MET A 441 -13.24 27.33 -2.74
N HIS A 442 -13.68 26.24 -2.12
CA HIS A 442 -13.93 26.22 -0.66
C HIS A 442 -12.70 25.62 0.04
N SER A 443 -12.42 24.36 -0.27
CA SER A 443 -11.37 23.56 0.39
C SER A 443 -10.01 23.82 -0.16
N TRP A 444 -9.93 24.65 -1.20
CA TRP A 444 -8.69 24.90 -1.90
C TRP A 444 -8.10 23.59 -2.45
N ASP A 445 -8.94 22.57 -2.61
CA ASP A 445 -8.48 21.27 -3.11
C ASP A 445 -7.28 20.74 -2.32
N TYR A 446 -7.35 20.91 -0.99
CA TYR A 446 -6.37 20.33 -0.06
C TYR A 446 -4.99 21.03 -0.15
N SER A 447 -5.03 22.24 -0.70
CA SER A 447 -3.82 23.05 -0.93
C SER A 447 -3.99 24.37 -0.17
N GLY A 448 -3.33 25.43 -0.60
CA GLY A 448 -3.40 26.69 0.10
C GLY A 448 -2.29 26.81 1.12
N PRO A 449 -2.22 27.93 1.82
CA PRO A 449 -3.23 28.99 1.81
C PRO A 449 -3.29 29.75 0.51
N TYR A 450 -4.37 30.50 0.28
CA TYR A 450 -4.44 31.38 -0.87
C TYR A 450 -4.41 32.86 -0.49
N HIS A 451 -4.63 33.16 0.80
CA HIS A 451 -4.60 34.54 1.33
C HIS A 451 -3.19 35.06 1.37
N GLY A 452 -3.03 36.37 1.16
CA GLY A 452 -1.73 37.04 1.28
C GLY A 452 -0.79 36.86 0.10
N PHE A 453 0.41 37.41 0.24
CA PHE A 453 1.44 37.22 -0.76
C PHE A 453 1.87 35.75 -0.84
N ASP A 454 2.02 35.09 0.29
CA ASP A 454 2.47 33.70 0.26
C ASP A 454 1.38 32.81 -0.33
N GLY A 455 0.12 33.16 -0.12
CA GLY A 455 -0.98 32.38 -0.64
C GLY A 455 -1.11 32.52 -2.15
N PHE A 456 -0.82 33.71 -2.65
CA PHE A 456 -0.88 33.96 -4.08
C PHE A 456 0.03 33.00 -4.84
N ALA A 457 1.22 32.71 -4.30
CA ALA A 457 2.10 31.77 -4.97
C ALA A 457 1.42 30.38 -5.16
N ILE A 458 0.86 29.88 -4.08
CA ILE A 458 0.17 28.59 -4.11
C ILE A 458 -1.03 28.65 -5.05
N PHE A 459 -1.81 29.72 -4.93
CA PHE A 459 -2.96 29.94 -5.81
C PHE A 459 -2.55 29.82 -7.27
N ALA A 460 -1.49 30.53 -7.64
CA ALA A 460 -1.06 30.57 -9.04
C ALA A 460 -0.61 29.18 -9.51
N ARG A 461 0.23 28.53 -8.70
CA ARG A 461 0.71 27.19 -8.98
C ARG A 461 -0.47 26.25 -9.22
N ASP A 462 -1.45 26.33 -8.31
CA ASP A 462 -2.66 25.51 -8.40
C ASP A 462 -3.51 25.73 -9.65
N MET A 463 -3.82 26.97 -9.99
CA MET A 463 -4.63 27.21 -11.18
C MET A 463 -3.87 26.66 -12.39
N ASP A 464 -2.57 26.90 -12.45
CA ASP A 464 -1.77 26.42 -13.57
C ASP A 464 -1.74 24.89 -13.65
N MET A 465 -1.55 24.22 -12.52
CA MET A 465 -1.30 22.78 -12.56
C MET A 465 -2.52 22.06 -13.11
N THR A 466 -3.68 22.62 -12.81
CA THR A 466 -4.94 22.02 -13.15
C THR A 466 -5.38 22.46 -14.53
N LEU A 467 -5.32 23.77 -14.78
CA LEU A 467 -5.78 24.30 -16.05
C LEU A 467 -4.93 23.71 -17.20
N ASN A 468 -3.61 23.69 -17.03
CA ASN A 468 -2.73 23.16 -18.07
C ASN A 468 -2.27 21.72 -17.91
N ASN A 469 -3.01 20.94 -17.16
CA ASN A 469 -2.65 19.53 -16.95
C ASN A 469 -2.79 18.70 -18.22
N PRO A 470 -1.83 17.80 -18.45
CA PRO A 470 -1.91 16.89 -19.60
C PRO A 470 -3.18 16.03 -19.64
N CYS A 471 -3.83 15.79 -18.51
CA CYS A 471 -4.98 14.91 -18.53
C CYS A 471 -6.12 15.41 -19.41
N TRP A 472 -6.21 16.71 -19.62
CA TRP A 472 -7.40 17.25 -20.25
C TRP A 472 -7.43 17.03 -21.76
N LYS A 473 -6.28 16.73 -22.36
CA LYS A 473 -6.27 16.50 -23.81
C LYS A 473 -6.61 15.04 -24.11
N LYS A 474 -6.83 14.25 -23.08
CA LYS A 474 -6.99 12.80 -23.24
C LYS A 474 -8.43 12.29 -23.17
N LEU A 475 -9.42 13.15 -22.97
CA LEU A 475 -10.76 12.63 -22.71
C LEU A 475 -11.40 11.95 -23.92
N GLN A 476 -11.04 12.36 -25.14
CA GLN A 476 -11.60 11.69 -26.32
C GLN A 476 -10.72 10.51 -26.77
N ALA A 477 -11.30 9.31 -26.82
CA ALA A 477 -10.56 8.17 -27.35
C ALA A 477 -10.27 8.44 -28.84
N PRO A 478 -9.03 8.18 -29.27
CA PRO A 478 -8.67 8.53 -30.65
C PRO A 478 -9.50 7.78 -31.72
N TRP A 479 -10.20 6.73 -31.34
CA TRP A 479 -11.15 6.11 -32.25
C TRP A 479 -12.57 6.72 -32.11
N GLU A 480 -12.65 7.88 -31.46
CA GLU A 480 -13.92 8.57 -31.20
C GLU A 480 -15.03 7.61 -30.79
N SER B 2 7.28 34.10 3.27
CA SER B 2 8.01 34.20 1.98
C SER B 2 7.95 32.91 1.18
N GLN B 3 8.10 33.05 -0.13
CA GLN B 3 8.20 31.91 -1.02
C GLN B 3 9.39 32.08 -1.97
N GLN B 4 10.07 30.97 -2.23
CA GLN B 4 10.98 30.85 -3.36
C GLN B 4 10.15 30.36 -4.54
N VAL B 5 10.14 31.14 -5.62
CA VAL B 5 9.17 30.93 -6.69
C VAL B 5 9.30 29.57 -7.35
N ASP B 6 10.49 28.95 -7.30
CA ASP B 6 10.65 27.69 -8.00
C ASP B 6 10.50 26.51 -7.06
N LYS B 7 10.25 26.79 -5.79
CA LYS B 7 9.96 25.74 -4.83
C LYS B 7 8.92 26.25 -3.83
N ILE B 8 7.69 26.38 -4.32
CA ILE B 8 6.60 27.00 -3.57
C ILE B 8 6.15 26.01 -2.51
N LYS B 9 5.96 26.50 -1.28
CA LYS B 9 5.57 25.66 -0.15
C LYS B 9 4.11 25.88 0.15
N ALA B 10 3.34 24.81 0.22
CA ALA B 10 1.98 24.85 0.75
C ALA B 10 1.99 24.86 2.29
N SER B 11 0.81 24.86 2.91
CA SER B 11 0.71 25.05 4.36
C SER B 11 1.81 24.26 5.08
N TYR B 12 1.94 23.00 4.72
CA TYR B 12 3.09 22.22 5.12
C TYR B 12 4.01 22.17 3.93
N PRO B 13 5.24 22.71 4.02
CA PRO B 13 5.88 23.10 5.25
C PRO B 13 6.02 24.61 5.50
N LEU B 14 5.27 25.42 4.76
CA LEU B 14 5.38 26.85 4.88
C LEU B 14 5.42 27.35 6.31
N PHE B 15 4.45 26.95 7.12
CA PHE B 15 4.30 27.48 8.47
C PHE B 15 5.33 27.00 9.49
N LEU B 16 6.27 26.16 9.05
CA LEU B 16 7.46 25.77 9.82
C LEU B 16 8.62 26.77 9.65
N ASP B 17 8.56 27.65 8.65
CA ASP B 17 9.54 28.73 8.55
C ASP B 17 9.63 29.48 9.88
N GLN B 18 10.82 29.95 10.22
CA GLN B 18 11.05 30.64 11.50
C GLN B 18 10.11 31.80 11.72
N ASP B 19 9.84 32.61 10.70
CA ASP B 19 8.96 33.74 10.92
C ASP B 19 7.52 33.36 11.23
N TYR B 20 7.00 32.29 10.63
CA TYR B 20 5.67 31.81 11.00
C TYR B 20 5.69 31.19 12.41
N LYS B 21 6.75 30.47 12.71
CA LYS B 21 6.88 29.82 13.99
C LYS B 21 6.86 30.85 15.10
N ASP B 22 7.63 31.91 14.93
CA ASP B 22 7.71 32.99 15.93
C ASP B 22 6.35 33.67 16.07
N MET B 23 5.69 33.91 14.94
CA MET B 23 4.41 34.57 14.93
C MET B 23 3.41 33.74 15.70
N LEU B 24 3.47 32.44 15.50
CA LEU B 24 2.48 31.57 16.10
C LEU B 24 2.72 31.50 17.60
N ALA B 25 3.99 31.59 17.99
CA ALA B 25 4.35 31.57 19.41
C ALA B 25 3.85 32.84 20.07
N LYS B 26 3.88 33.95 19.35
CA LYS B 26 3.45 35.22 19.92
C LYS B 26 1.96 35.30 20.09
N LYS B 27 1.23 34.65 19.21
CA LYS B 27 -0.21 34.64 19.28
C LYS B 27 -0.64 33.85 20.49
N ARG B 28 -0.07 32.67 20.62
CA ARG B 28 -0.30 31.81 21.75
C ARG B 28 -0.07 32.57 23.05
N ASP B 29 1.14 33.08 23.20
CA ASP B 29 1.54 33.71 24.45
C ASP B 29 0.78 34.99 24.68
N GLY B 30 0.42 35.68 23.60
CA GLY B 30 -0.17 36.97 23.73
C GLY B 30 -1.65 36.93 24.04
N PHE B 31 -2.40 36.03 23.38
CA PHE B 31 -3.87 36.14 23.40
C PHE B 31 -4.65 34.86 23.64
N GLU B 32 -4.01 33.71 23.59
CA GLU B 32 -4.71 32.42 23.69
C GLU B 32 -4.94 31.90 25.11
N GLU B 33 -4.20 32.44 26.08
CA GLU B 33 -4.31 32.03 27.49
C GLU B 33 -4.31 30.51 27.57
N LYS B 34 -3.34 29.94 26.87
CA LYS B 34 -3.24 28.50 26.70
C LYS B 34 -2.71 27.88 27.98
N TYR B 35 -3.17 26.67 28.30
CA TYR B 35 -2.58 25.86 29.38
C TYR B 35 -1.11 25.58 29.14
N PRO B 36 -0.30 25.56 30.23
CA PRO B 36 1.12 25.30 30.06
C PRO B 36 1.37 23.94 29.44
N GLN B 37 2.47 23.81 28.70
CA GLN B 37 2.74 22.60 27.93
C GLN B 37 2.86 21.41 28.88
N ASP B 38 3.50 21.64 30.03
CA ASP B 38 3.65 20.55 31.00
C ASP B 38 2.29 20.01 31.50
N LYS B 39 1.31 20.89 31.68
CA LYS B 39 -0.05 20.47 31.99
C LYS B 39 -0.71 19.72 30.80
N ILE B 40 -0.54 20.24 29.60
CA ILE B 40 -1.03 19.53 28.41
C ILE B 40 -0.45 18.09 28.35
N ASP B 41 0.86 17.95 28.49
CA ASP B 41 1.48 16.63 28.52
C ASP B 41 0.92 15.76 29.61
N GLU B 42 0.62 16.38 30.73
CA GLU B 42 0.15 15.65 31.89
C GLU B 42 -1.26 15.13 31.61
N VAL B 43 -2.12 15.97 31.07
CA VAL B 43 -3.49 15.53 30.75
C VAL B 43 -3.44 14.48 29.65
N PHE B 44 -2.58 14.67 28.65
CA PHE B 44 -2.48 13.68 27.56
C PHE B 44 -2.11 12.32 28.09
N GLN B 45 -1.08 12.26 28.93
CA GLN B 45 -0.63 10.97 29.42
CA GLN B 45 -0.63 10.99 29.49
C GLN B 45 -1.81 10.32 30.18
N TRP B 46 -2.54 11.11 30.94
CA TRP B 46 -3.68 10.62 31.67
C TRP B 46 -4.76 9.99 30.75
N THR B 47 -5.03 10.60 29.60
CA THR B 47 -5.99 10.04 28.64
C THR B 47 -5.51 8.74 28.01
N THR B 48 -4.27 8.32 28.30
CA THR B 48 -3.78 7.07 27.78
C THR B 48 -3.93 5.94 28.77
N THR B 49 -4.46 6.27 29.96
CA THR B 49 -4.44 5.35 31.09
C THR B 49 -5.68 4.49 31.22
N LYS B 50 -5.52 3.43 32.03
CA LYS B 50 -6.60 2.56 32.41
C LYS B 50 -7.68 3.29 33.19
N GLU B 51 -7.25 4.17 34.09
CA GLU B 51 -8.14 5.04 34.88
C GLU B 51 -9.01 5.89 33.96
N TYR B 52 -8.38 6.58 33.02
CA TYR B 52 -9.16 7.35 32.06
C TYR B 52 -10.08 6.44 31.28
N GLN B 53 -9.62 5.25 30.90
CA GLN B 53 -10.48 4.33 30.14
C GLN B 53 -11.74 3.94 30.89
N GLU B 54 -11.59 3.75 32.20
CA GLU B 54 -12.74 3.35 32.99
C GLU B 54 -13.79 4.49 33.01
N LEU B 55 -13.37 5.75 33.19
CA LEU B 55 -14.31 6.88 33.13
C LEU B 55 -14.98 6.99 31.75
N ASN B 56 -14.16 6.78 30.74
CA ASN B 56 -14.56 6.87 29.33
C ASN B 56 -15.69 5.88 29.07
N PHE B 57 -15.54 4.67 29.59
CA PHE B 57 -16.56 3.63 29.40
C PHE B 57 -17.81 3.80 30.30
N GLN B 58 -17.81 4.81 31.17
CA GLN B 58 -19.00 5.06 31.99
CA GLN B 58 -18.97 5.13 32.03
C GLN B 58 -19.89 6.13 31.36
N ARG B 59 -19.55 6.55 30.15
CA ARG B 59 -20.37 7.53 29.48
C ARG B 59 -21.72 6.97 29.11
N GLU B 60 -22.76 7.80 29.30
CA GLU B 60 -24.12 7.42 28.95
C GLU B 60 -24.70 8.38 27.95
N ALA B 61 -24.38 9.66 28.11
CA ALA B 61 -25.05 10.69 27.33
C ALA B 61 -24.18 11.25 26.22
N LEU B 62 -22.88 11.26 26.44
CA LEU B 62 -21.92 11.82 25.49
C LEU B 62 -21.37 10.77 24.50
N THR B 63 -21.50 11.06 23.20
CA THR B 63 -20.83 10.30 22.16
C THR B 63 -19.66 11.14 21.59
N VAL B 64 -18.55 10.50 21.31
CA VAL B 64 -17.36 11.20 20.82
C VAL B 64 -16.72 10.41 19.70
N ASN B 65 -16.68 11.01 18.53
CA ASN B 65 -16.15 10.37 17.33
C ASN B 65 -16.88 9.07 17.00
N PRO B 66 -18.15 9.21 16.67
CA PRO B 66 -18.97 8.03 16.38
C PRO B 66 -18.51 7.30 15.15
N ALA B 67 -18.87 6.01 15.06
CA ALA B 67 -18.55 5.20 13.90
C ALA B 67 -19.84 4.69 13.21
N LYS B 68 -20.68 5.66 12.82
CA LYS B 68 -21.93 5.42 12.14
C LYS B 68 -22.43 6.75 11.58
N ALA B 69 -23.33 6.69 10.60
CA ALA B 69 -23.98 7.89 10.09
C ALA B 69 -25.49 7.66 10.26
N CYS B 70 -26.31 8.50 9.62
CA CYS B 70 -27.76 8.45 9.85
C CYS B 70 -28.51 7.81 8.66
N GLN B 71 -29.74 7.34 8.96
CA GLN B 71 -30.58 6.60 8.01
C GLN B 71 -30.65 7.12 6.57
N PRO B 72 -31.06 8.37 6.38
CA PRO B 72 -31.27 8.80 5.00
C PRO B 72 -30.01 8.63 4.12
N LEU B 73 -28.82 8.69 4.68
CA LEU B 73 -27.60 8.41 3.91
C LEU B 73 -27.69 7.05 3.21
N GLY B 74 -28.13 6.04 3.94
CA GLY B 74 -28.27 4.69 3.38
C GLY B 74 -29.39 4.57 2.39
N ALA B 75 -30.47 5.31 2.62
CA ALA B 75 -31.61 5.34 1.75
C ALA B 75 -31.21 5.89 0.38
N VAL B 76 -30.44 6.98 0.42
CA VAL B 76 -29.85 7.57 -0.77
C VAL B 76 -29.02 6.54 -1.55
N LEU B 77 -28.11 5.85 -0.87
CA LEU B 77 -27.20 4.93 -1.59
C LEU B 77 -27.99 3.78 -2.23
N CYS B 78 -29.03 3.34 -1.54
CA CYS B 78 -29.90 2.29 -2.05
C CYS B 78 -30.62 2.78 -3.28
N ALA B 79 -31.10 4.02 -3.25
CA ALA B 79 -31.89 4.58 -4.35
C ALA B 79 -31.04 4.80 -5.60
N LEU B 80 -29.79 5.17 -5.39
CA LEU B 80 -28.83 5.35 -6.46
C LEU B 80 -28.61 4.10 -7.29
N GLY B 81 -29.00 2.94 -6.76
CA GLY B 81 -28.73 1.68 -7.43
C GLY B 81 -29.83 1.26 -8.38
N PHE B 82 -30.80 2.14 -8.59
CA PHE B 82 -31.92 1.86 -9.50
C PHE B 82 -31.88 2.72 -10.75
N GLU B 83 -32.28 2.13 -11.87
CA GLU B 83 -32.11 2.80 -13.17
C GLU B 83 -32.81 4.16 -13.20
N LYS B 84 -32.10 5.16 -13.69
CA LYS B 84 -32.64 6.52 -13.85
C LYS B 84 -33.51 6.94 -12.69
N THR B 85 -33.00 6.72 -11.48
CA THR B 85 -33.74 7.01 -10.28
C THR B 85 -33.08 8.15 -9.55
N MET B 86 -33.88 9.13 -9.14
CA MET B 86 -33.42 10.24 -8.34
C MET B 86 -33.77 10.00 -6.89
N PRO B 87 -32.74 9.90 -6.04
CA PRO B 87 -33.04 9.93 -4.61
C PRO B 87 -33.52 11.31 -4.20
N TYR B 88 -34.52 11.34 -3.33
CA TYR B 88 -35.28 12.53 -3.00
C TYR B 88 -35.52 12.39 -1.52
N VAL B 89 -34.95 13.30 -0.76
CA VAL B 89 -35.14 13.32 0.67
C VAL B 89 -36.07 14.47 1.07
N HIS B 90 -37.26 14.10 1.52
CA HIS B 90 -38.31 15.02 1.93
C HIS B 90 -37.92 15.58 3.28
N GLY B 91 -37.77 16.89 3.39
CA GLY B 91 -37.30 17.49 4.61
C GLY B 91 -36.41 18.67 4.31
N SER B 92 -35.38 18.84 5.13
CA SER B 92 -34.53 20.02 5.07
C SER B 92 -33.30 19.80 4.21
N GLN B 93 -32.92 20.85 3.50
CA GLN B 93 -31.96 20.70 2.43
C GLN B 93 -30.51 20.53 2.93
N GLY B 94 -30.23 20.99 4.15
CA GLY B 94 -28.90 20.86 4.75
C GLY B 94 -28.41 19.43 4.67
N CYS B 95 -29.32 18.52 4.94
CA CYS B 95 -29.03 17.09 4.97
C CYS B 95 -28.46 16.61 3.64
N VAL B 96 -29.02 17.11 2.55
CA VAL B 96 -28.73 16.57 1.24
C VAL B 96 -27.36 17.09 0.80
N ALA B 97 -27.06 18.34 1.11
CA ALA B 97 -25.73 18.82 0.82
C ALA B 97 -24.70 17.90 1.48
N TYR B 98 -24.97 17.49 2.72
CA TYR B 98 -24.08 16.57 3.47
C TYR B 98 -23.98 15.15 2.92
N PHE B 99 -25.12 14.55 2.58
CA PHE B 99 -25.12 13.20 2.00
C PHE B 99 -24.29 13.17 0.74
N ARG B 100 -24.51 14.16 -0.11
CA ARG B 100 -23.85 14.21 -1.38
C ARG B 100 -22.37 14.35 -1.22
N SER B 101 -21.95 15.30 -0.38
CA SER B 101 -20.53 15.58 -0.14
C SER B 101 -19.81 14.39 0.49
N TYR B 102 -20.50 13.69 1.39
CA TYR B 102 -19.94 12.56 2.10
C TYR B 102 -19.65 11.46 1.11
N PHE B 103 -20.61 11.18 0.24
CA PHE B 103 -20.35 10.23 -0.82
C PHE B 103 -19.38 10.74 -1.92
N ASN B 104 -19.47 12.03 -2.32
CA ASN B 104 -18.53 12.61 -3.27
C ASN B 104 -17.09 12.31 -2.82
N ARG B 105 -16.83 12.56 -1.54
CA ARG B 105 -15.45 12.44 -1.02
C ARG B 105 -14.92 11.00 -1.03
N HIS B 106 -15.81 10.04 -0.81
CA HIS B 106 -15.43 8.62 -0.75
C HIS B 106 -15.26 8.05 -2.16
N PHE B 107 -16.21 8.35 -3.05
CA PHE B 107 -16.19 7.76 -4.40
C PHE B 107 -15.46 8.61 -5.44
N ARG B 108 -15.18 9.86 -5.08
CA ARG B 108 -14.67 10.86 -6.04
C ARG B 108 -15.50 10.79 -7.33
N GLU B 109 -16.81 10.82 -7.14
CA GLU B 109 -17.79 10.84 -8.23
C GLU B 109 -18.93 11.80 -7.90
N PRO B 110 -19.70 12.17 -8.93
CA PRO B 110 -20.93 12.92 -8.70
C PRO B 110 -21.89 12.07 -7.92
N VAL B 111 -22.73 12.71 -7.12
CA VAL B 111 -23.72 12.01 -6.33
C VAL B 111 -24.94 12.91 -6.38
N SER B 112 -25.94 12.46 -7.13
CA SER B 112 -27.12 13.24 -7.41
C SER B 112 -28.24 12.86 -6.44
N CYS B 113 -28.91 13.88 -5.89
CA CYS B 113 -29.91 13.73 -4.82
C CYS B 113 -30.53 15.10 -4.64
N VAL B 114 -31.85 15.11 -4.46
CA VAL B 114 -32.55 16.36 -4.24
C VAL B 114 -33.26 16.34 -2.89
N SER B 115 -33.70 17.53 -2.53
CA SER B 115 -34.42 17.81 -1.31
C SER B 115 -35.64 18.58 -1.76
N ASP B 116 -36.67 18.65 -0.94
CA ASP B 116 -37.76 19.58 -1.23
C ASP B 116 -37.82 20.72 -0.21
N SER B 117 -36.66 20.98 0.38
CA SER B 117 -36.38 22.25 1.01
C SER B 117 -37.51 22.74 1.91
N MET B 118 -37.80 21.94 2.93
CA MET B 118 -38.76 22.28 3.96
C MET B 118 -38.14 23.24 4.97
N THR B 119 -38.87 24.31 5.26
CA THR B 119 -38.40 25.34 6.18
C THR B 119 -39.32 25.46 7.40
N GLU B 120 -39.12 26.51 8.18
CA GLU B 120 -39.83 26.68 9.43
C GLU B 120 -41.33 26.83 9.20
N ASP B 121 -41.73 27.25 8.00
CA ASP B 121 -43.15 27.39 7.73
C ASP B 121 -43.83 26.02 7.70
N ALA B 122 -43.21 25.07 7.01
CA ALA B 122 -43.76 23.71 6.92
C ALA B 122 -43.78 23.02 8.28
N ALA B 123 -43.02 23.55 9.21
CA ALA B 123 -42.93 22.96 10.55
C ALA B 123 -44.25 23.04 11.30
N VAL B 124 -45.20 23.85 10.82
CA VAL B 124 -46.47 24.04 11.51
C VAL B 124 -47.70 23.82 10.63
N PHE B 125 -47.50 23.68 9.32
CA PHE B 125 -48.57 23.24 8.43
C PHE B 125 -48.16 22.01 7.59
N GLY B 126 -46.96 21.49 7.84
CA GLY B 126 -46.47 20.31 7.12
C GLY B 126 -45.90 20.57 5.74
N GLY B 127 -45.29 19.54 5.16
CA GLY B 127 -44.56 19.67 3.91
C GLY B 127 -45.27 19.17 2.66
N GLN B 128 -46.60 19.22 2.64
CA GLN B 128 -47.37 18.65 1.53
C GLN B 128 -47.12 19.43 0.25
N GLN B 129 -47.12 20.76 0.34
CA GLN B 129 -46.86 21.60 -0.83
C GLN B 129 -45.43 21.40 -1.38
N ASN B 130 -44.49 21.20 -0.48
CA ASN B 130 -43.11 20.94 -0.89
C ASN B 130 -43.07 19.68 -1.77
N MET B 131 -43.76 18.64 -1.30
CA MET B 131 -43.77 17.37 -2.02
C MET B 131 -44.42 17.56 -3.39
N LYS B 132 -45.53 18.29 -3.48
CA LYS B 132 -46.17 18.51 -4.77
C LYS B 132 -45.23 19.22 -5.74
N ASP B 133 -44.73 20.39 -5.36
CA ASP B 133 -43.87 21.13 -6.27
C ASP B 133 -42.51 20.41 -6.44
N GLY B 134 -41.97 19.84 -5.36
CA GLY B 134 -40.73 19.08 -5.45
C GLY B 134 -40.78 17.95 -6.48
N LEU B 135 -41.80 17.09 -6.40
CA LEU B 135 -41.88 15.98 -7.33
C LEU B 135 -41.99 16.48 -8.74
N GLN B 136 -42.83 17.50 -8.94
CA GLN B 136 -43.05 18.03 -10.28
C GLN B 136 -41.76 18.63 -10.81
N ASN B 137 -41.10 19.43 -9.97
CA ASN B 137 -39.87 20.08 -10.38
C ASN B 137 -38.79 19.03 -10.68
N CYS B 138 -38.58 18.11 -9.74
CA CYS B 138 -37.57 17.08 -9.95
C CYS B 138 -37.82 16.33 -11.29
N LYS B 139 -39.01 15.77 -11.46
CA LYS B 139 -39.31 14.99 -12.66
C LYS B 139 -39.02 15.74 -13.95
N ALA B 140 -39.41 17.02 -13.99
CA ALA B 140 -39.26 17.83 -15.19
C ALA B 140 -37.83 18.27 -15.43
N THR B 141 -37.10 18.56 -14.35
CA THR B 141 -35.78 19.16 -14.49
C THR B 141 -34.72 18.08 -14.71
N TYR B 142 -34.78 16.98 -13.96
CA TYR B 142 -33.75 15.93 -14.02
C TYR B 142 -34.17 14.66 -14.75
N LYS B 143 -35.41 14.65 -15.22
CA LYS B 143 -35.94 13.59 -16.09
C LYS B 143 -35.63 12.16 -15.62
N PRO B 144 -35.80 11.89 -14.33
CA PRO B 144 -35.65 10.52 -13.86
C PRO B 144 -36.85 9.66 -14.29
N ASP B 145 -36.68 8.34 -14.38
CA ASP B 145 -37.84 7.47 -14.60
C ASP B 145 -38.47 7.03 -13.28
N MET B 146 -37.82 7.35 -12.16
CA MET B 146 -38.35 7.03 -10.84
C MET B 146 -37.77 7.96 -9.79
N ILE B 147 -38.58 8.29 -8.79
CA ILE B 147 -38.16 9.12 -7.68
C ILE B 147 -38.38 8.34 -6.40
N ALA B 148 -37.32 8.17 -5.62
CA ALA B 148 -37.33 7.31 -4.45
C ALA B 148 -37.20 8.19 -3.21
N VAL B 149 -38.25 8.20 -2.40
CA VAL B 149 -38.42 9.26 -1.39
C VAL B 149 -38.09 8.72 -0.01
N SER B 150 -37.20 9.45 0.69
CA SER B 150 -36.86 9.22 2.09
C SER B 150 -37.16 10.49 2.91
N THR B 151 -36.77 10.52 4.18
CA THR B 151 -37.04 11.70 5.01
C THR B 151 -35.87 12.10 5.89
N THR B 152 -35.83 13.39 6.20
CA THR B 152 -34.90 13.94 7.19
C THR B 152 -35.63 14.05 8.53
N CYS B 153 -34.88 14.33 9.60
CA CYS B 153 -35.44 14.13 10.93
C CYS B 153 -36.50 15.19 11.24
N MET B 154 -36.38 16.36 10.64
CA MET B 154 -37.42 17.37 10.73
C MET B 154 -38.80 16.84 10.28
N ALA B 155 -38.83 16.22 9.11
CA ALA B 155 -40.06 15.71 8.56
C ALA B 155 -40.63 14.59 9.43
N GLU B 156 -39.76 13.74 9.98
CA GLU B 156 -40.18 12.71 10.93
C GLU B 156 -40.79 13.27 12.20
N VAL B 157 -40.13 14.24 12.81
CA VAL B 157 -40.66 14.82 14.04
C VAL B 157 -42.01 15.51 13.81
N ILE B 158 -42.15 16.29 12.74
CA ILE B 158 -43.43 16.96 12.51
C ILE B 158 -44.52 16.00 12.03
N GLY B 159 -44.12 14.80 11.63
CA GLY B 159 -45.05 13.71 11.33
C GLY B 159 -45.66 13.65 9.94
N ASP B 160 -44.99 14.21 8.93
CA ASP B 160 -45.52 14.24 7.57
C ASP B 160 -45.82 12.82 7.07
N ASP B 161 -47.01 12.60 6.53
CA ASP B 161 -47.42 11.27 6.08
C ASP B 161 -47.02 11.16 4.62
N LEU B 162 -45.86 10.53 4.39
CA LEU B 162 -45.31 10.40 3.05
C LEU B 162 -46.29 9.81 2.03
N ASN B 163 -46.90 8.70 2.38
CA ASN B 163 -47.84 8.02 1.48
C ASN B 163 -48.96 8.95 1.00
N ALA B 164 -49.57 9.69 1.93
CA ALA B 164 -50.71 10.55 1.60
C ALA B 164 -50.25 11.72 0.76
N PHE B 165 -49.06 12.25 1.07
CA PHE B 165 -48.53 13.42 0.37
C PHE B 165 -48.19 13.10 -1.08
N ILE B 166 -47.63 11.91 -1.28
CA ILE B 166 -47.32 11.42 -2.61
C ILE B 166 -48.61 11.10 -3.37
N ASN B 167 -49.54 10.40 -2.72
CA ASN B 167 -50.86 10.14 -3.34
C ASN B 167 -51.55 11.46 -3.77
N ASN B 168 -51.55 12.46 -2.90
CA ASN B 168 -52.11 13.78 -3.25
C ASN B 168 -51.37 14.50 -4.38
N SER B 169 -50.07 14.26 -4.49
CA SER B 169 -49.33 14.89 -5.54
C SER B 169 -49.81 14.32 -6.85
N LYS B 170 -50.03 13.01 -6.86
CA LYS B 170 -50.56 12.35 -8.04
C LYS B 170 -52.02 12.79 -8.30
N LYS B 171 -52.88 12.64 -7.30
CA LYS B 171 -54.27 13.11 -7.41
C LYS B 171 -54.40 14.52 -7.99
N GLU B 172 -53.62 15.47 -7.50
CA GLU B 172 -53.70 16.87 -7.97
C GLU B 172 -52.88 17.15 -9.24
N GLY B 173 -52.40 16.09 -9.89
CA GLY B 173 -51.76 16.23 -11.20
C GLY B 173 -50.33 16.78 -11.24
N PHE B 174 -49.65 16.82 -10.10
CA PHE B 174 -48.24 17.28 -10.09
C PHE B 174 -47.30 16.28 -10.79
N ILE B 175 -47.62 15.00 -10.71
CA ILE B 175 -46.93 14.00 -11.53
C ILE B 175 -47.93 12.95 -12.03
N PRO B 176 -47.58 12.24 -13.10
CA PRO B 176 -48.49 11.21 -13.56
C PRO B 176 -48.73 10.14 -12.51
N ASP B 177 -49.95 9.63 -12.52
CA ASP B 177 -50.36 8.53 -11.68
C ASP B 177 -49.44 7.32 -11.77
N GLU B 178 -49.02 6.96 -12.98
CA GLU B 178 -48.19 5.78 -13.21
C GLU B 178 -46.71 6.01 -12.81
N PHE B 179 -46.31 7.25 -12.56
CA PHE B 179 -44.90 7.53 -12.32
C PHE B 179 -44.49 6.95 -10.96
N PRO B 180 -43.46 6.12 -10.97
CA PRO B 180 -43.12 5.42 -9.74
C PRO B 180 -42.48 6.35 -8.68
N VAL B 181 -43.09 6.38 -7.51
CA VAL B 181 -42.55 7.12 -6.37
C VAL B 181 -42.62 6.24 -5.13
N PRO B 182 -41.70 5.25 -5.03
CA PRO B 182 -41.59 4.49 -3.80
C PRO B 182 -41.08 5.39 -2.69
N PHE B 183 -41.38 5.02 -1.45
CA PHE B 183 -41.02 5.87 -0.31
C PHE B 183 -40.69 5.04 0.92
N ALA B 184 -39.97 5.68 1.84
CA ALA B 184 -39.68 5.10 3.12
C ALA B 184 -39.45 6.19 4.13
N HIS B 185 -39.97 5.97 5.33
CA HIS B 185 -39.65 6.80 6.47
C HIS B 185 -38.28 6.41 6.99
N THR B 186 -37.39 7.41 7.09
CA THR B 186 -36.00 7.16 7.48
C THR B 186 -35.56 8.10 8.62
N PRO B 187 -36.08 7.88 9.83
CA PRO B 187 -35.72 8.70 10.97
C PRO B 187 -34.27 8.54 11.40
N SER B 188 -33.52 9.64 11.38
CA SER B 188 -32.10 9.59 11.76
C SER B 188 -31.86 9.25 13.22
N PHE B 189 -32.88 9.42 14.05
CA PHE B 189 -32.78 9.11 15.49
C PHE B 189 -33.15 7.66 15.79
N VAL B 190 -33.30 6.86 14.74
CA VAL B 190 -33.44 5.40 14.88
C VAL B 190 -32.36 4.68 14.08
N GLY B 191 -31.68 3.72 14.71
CA GLY B 191 -30.60 2.97 14.10
C GLY B 191 -29.53 3.83 13.46
N SER B 192 -29.18 3.49 12.22
CA SER B 192 -28.09 4.15 11.51
C SER B 192 -28.29 4.17 9.98
N HIS B 193 -27.26 4.57 9.26
CA HIS B 193 -27.33 4.60 7.82
C HIS B 193 -27.76 3.27 7.22
N VAL B 194 -27.34 2.14 7.81
CA VAL B 194 -27.72 0.84 7.23
C VAL B 194 -29.23 0.58 7.36
N THR B 195 -29.82 1.08 8.44
CA THR B 195 -31.25 0.97 8.66
C THR B 195 -31.98 1.75 7.58
N GLY B 196 -31.40 2.87 7.18
CA GLY B 196 -31.98 3.66 6.11
C GLY B 196 -32.01 2.90 4.81
N TRP B 197 -30.91 2.20 4.52
CA TRP B 197 -30.80 1.38 3.33
C TRP B 197 -31.90 0.32 3.30
N ASP B 198 -31.98 -0.47 4.37
CA ASP B 198 -33.01 -1.50 4.54
C ASP B 198 -34.42 -0.92 4.35
N ASN B 199 -34.73 0.15 5.08
CA ASN B 199 -36.02 0.81 4.92
C ASN B 199 -36.31 1.24 3.50
N MET B 200 -35.33 1.86 2.84
CA MET B 200 -35.54 2.32 1.49
C MET B 200 -35.81 1.14 0.60
N PHE B 201 -35.04 0.07 0.79
CA PHE B 201 -35.13 -1.08 -0.12
C PHE B 201 -36.46 -1.79 0.04
N GLU B 202 -36.87 -2.03 1.27
CA GLU B 202 -38.17 -2.67 1.52
C GLU B 202 -39.28 -1.79 0.89
N GLY B 203 -39.19 -0.46 1.05
CA GLY B 203 -40.18 0.44 0.45
C GLY B 203 -40.29 0.30 -1.07
N ILE B 204 -39.16 0.19 -1.76
CA ILE B 204 -39.17 0.00 -3.21
C ILE B 204 -39.72 -1.34 -3.62
N ALA B 205 -39.33 -2.39 -2.91
CA ALA B 205 -39.83 -3.74 -3.18
C ALA B 205 -41.36 -3.76 -3.02
N ARG B 206 -41.83 -3.14 -1.94
CA ARG B 206 -43.26 -2.98 -1.65
C ARG B 206 -43.95 -2.33 -2.82
N TYR B 207 -43.48 -1.14 -3.16
CA TYR B 207 -44.07 -0.36 -4.22
C TYR B 207 -44.31 -1.20 -5.46
N PHE B 208 -43.33 -2.02 -5.84
CA PHE B 208 -43.41 -2.72 -7.13
C PHE B 208 -44.05 -4.11 -7.08
N THR B 209 -44.38 -4.63 -5.90
CA THR B 209 -44.85 -6.03 -5.79
C THR B 209 -46.09 -6.26 -4.93
N LEU B 210 -46.34 -5.38 -3.96
CA LEU B 210 -47.29 -5.69 -2.90
C LEU B 210 -48.68 -6.00 -3.45
N LYS B 211 -49.12 -5.21 -4.43
CA LYS B 211 -50.47 -5.31 -4.97
C LYS B 211 -50.53 -6.18 -6.24
N SER B 212 -49.45 -6.88 -6.56
CA SER B 212 -49.39 -7.66 -7.79
C SER B 212 -49.02 -9.10 -7.59
N MET B 213 -49.16 -9.59 -6.37
CA MET B 213 -48.68 -10.90 -6.05
C MET B 213 -49.52 -12.02 -6.68
N ASP B 214 -50.74 -11.69 -7.11
CA ASP B 214 -51.69 -12.69 -7.61
C ASP B 214 -51.11 -13.61 -8.70
N ASP B 215 -50.38 -13.02 -9.62
CA ASP B 215 -49.88 -13.78 -10.76
C ASP B 215 -48.43 -14.26 -10.57
N LYS B 216 -47.89 -14.18 -9.36
CA LYS B 216 -46.49 -14.56 -9.18
C LYS B 216 -46.31 -16.05 -8.91
N VAL B 217 -45.23 -16.64 -9.38
CA VAL B 217 -44.91 -18.04 -9.06
C VAL B 217 -43.43 -18.19 -8.75
N VAL B 218 -43.13 -18.49 -7.49
CA VAL B 218 -41.75 -18.68 -7.06
C VAL B 218 -41.04 -19.62 -8.02
N GLY B 219 -39.87 -19.22 -8.51
CA GLY B 219 -39.05 -20.09 -9.34
C GLY B 219 -39.32 -19.96 -10.83
N SER B 220 -40.41 -19.31 -11.20
CA SER B 220 -40.81 -19.24 -12.60
C SER B 220 -39.83 -18.45 -13.49
N ASN B 221 -39.04 -17.51 -12.94
CA ASN B 221 -38.04 -16.82 -13.78
C ASN B 221 -36.65 -17.47 -13.71
N LYS B 222 -36.50 -18.48 -12.87
CA LYS B 222 -35.28 -19.28 -12.79
C LYS B 222 -34.04 -18.50 -12.33
N LYS B 223 -34.28 -17.41 -11.61
CA LYS B 223 -33.21 -16.52 -11.24
C LYS B 223 -33.11 -16.50 -9.74
N ILE B 224 -31.96 -16.04 -9.24
CA ILE B 224 -31.81 -15.77 -7.82
C ILE B 224 -31.69 -14.26 -7.64
N ASN B 225 -32.48 -13.70 -6.74
CA ASN B 225 -32.30 -12.28 -6.37
C ASN B 225 -31.13 -12.11 -5.41
N ILE B 226 -30.38 -11.04 -5.61
CA ILE B 226 -29.31 -10.71 -4.68
C ILE B 226 -29.52 -9.29 -4.18
N VAL B 227 -29.53 -9.11 -2.86
CA VAL B 227 -29.67 -7.79 -2.24
C VAL B 227 -28.35 -7.48 -1.51
N PRO B 228 -27.60 -6.47 -1.97
CA PRO B 228 -26.25 -6.22 -1.49
C PRO B 228 -26.19 -5.50 -0.15
N GLY B 229 -27.21 -4.73 0.16
CA GLY B 229 -27.13 -3.85 1.28
C GLY B 229 -26.20 -2.68 1.05
N PHE B 230 -25.94 -1.94 2.11
CA PHE B 230 -25.20 -0.70 2.09
C PHE B 230 -23.78 -1.08 1.74
N GLU B 231 -23.31 -0.69 0.56
CA GLU B 231 -22.05 -1.21 0.05
C GLU B 231 -21.27 -0.11 -0.68
N THR B 232 -20.05 0.13 -0.26
CA THR B 232 -19.31 1.26 -0.78
C THR B 232 -18.01 0.88 -1.48
N TYR B 233 -17.83 -0.40 -1.78
CA TYR B 233 -16.73 -0.85 -2.63
C TYR B 233 -17.31 -1.30 -3.96
N LEU B 234 -16.90 -0.64 -5.05
CA LEU B 234 -17.33 -1.04 -6.39
C LEU B 234 -17.04 -2.51 -6.68
N GLY B 235 -15.88 -2.98 -6.24
CA GLY B 235 -15.43 -4.35 -6.48
C GLY B 235 -16.36 -5.39 -5.89
N ASN B 236 -17.09 -5.02 -4.86
CA ASN B 236 -18.04 -5.92 -4.25
C ASN B 236 -19.29 -6.20 -5.11
N PHE B 237 -19.89 -5.18 -5.71
CA PHE B 237 -20.94 -5.42 -6.68
C PHE B 237 -20.41 -6.25 -7.85
N ARG B 238 -19.21 -5.93 -8.31
CA ARG B 238 -18.62 -6.58 -9.46
C ARG B 238 -18.31 -8.05 -9.21
N VAL B 239 -17.63 -8.32 -8.09
CA VAL B 239 -17.25 -9.69 -7.78
C VAL B 239 -18.45 -10.62 -7.67
N ILE B 240 -19.57 -10.14 -7.12
CA ILE B 240 -20.77 -10.96 -7.01
C ILE B 240 -21.30 -11.32 -8.39
N LYS B 241 -21.42 -10.33 -9.27
CA LYS B 241 -21.98 -10.59 -10.58
C LYS B 241 -21.05 -11.48 -11.37
N ARG B 242 -19.76 -11.24 -11.23
CA ARG B 242 -18.75 -12.02 -11.93
C ARG B 242 -18.86 -13.52 -11.55
N MET B 243 -18.92 -13.81 -10.27
CA MET B 243 -18.93 -15.18 -9.81
C MET B 243 -20.22 -15.87 -10.26
N LEU B 244 -21.33 -15.15 -10.16
CA LEU B 244 -22.61 -15.73 -10.57
C LEU B 244 -22.63 -15.96 -12.07
N SER B 245 -22.06 -15.04 -12.83
CA SER B 245 -21.95 -15.22 -14.29
C SER B 245 -21.10 -16.43 -14.63
N GLU B 246 -19.96 -16.54 -13.94
CA GLU B 246 -19.04 -17.66 -14.16
C GLU B 246 -19.71 -18.99 -13.88
N MET B 247 -20.67 -18.97 -12.95
CA MET B 247 -21.40 -20.17 -12.57
C MET B 247 -22.54 -20.50 -13.52
N GLY B 248 -22.87 -19.57 -14.42
CA GLY B 248 -23.97 -19.75 -15.33
C GLY B 248 -25.30 -19.58 -14.62
N VAL B 249 -25.30 -18.77 -13.55
CA VAL B 249 -26.47 -18.61 -12.70
C VAL B 249 -27.24 -17.36 -13.05
N GLY B 250 -28.54 -17.50 -13.23
CA GLY B 250 -29.39 -16.36 -13.51
C GLY B 250 -29.62 -15.59 -12.23
N TYR B 251 -29.43 -14.29 -12.27
CA TYR B 251 -29.52 -13.55 -11.04
C TYR B 251 -30.05 -12.16 -11.29
N SER B 252 -30.56 -11.55 -10.25
CA SER B 252 -30.96 -10.18 -10.36
C SER B 252 -30.39 -9.43 -9.16
N LEU B 253 -29.47 -8.51 -9.41
CA LEU B 253 -28.88 -7.71 -8.33
C LEU B 253 -29.78 -6.51 -8.06
N LEU B 254 -30.44 -6.50 -6.92
CA LEU B 254 -31.45 -5.50 -6.61
C LEU B 254 -30.84 -4.35 -5.80
N SER B 255 -30.67 -3.22 -6.49
CA SER B 255 -29.92 -2.05 -6.07
C SER B 255 -28.48 -2.27 -6.51
N ASP B 256 -28.12 -1.68 -7.64
CA ASP B 256 -26.81 -1.87 -8.27
C ASP B 256 -26.29 -0.53 -8.80
N PRO B 257 -25.55 0.21 -7.96
CA PRO B 257 -25.03 1.53 -8.28
C PRO B 257 -23.65 1.51 -8.92
N GLU B 258 -23.15 0.35 -9.31
CA GLU B 258 -21.75 0.25 -9.70
C GLU B 258 -21.44 1.09 -10.93
N GLU B 259 -22.40 1.19 -11.85
CA GLU B 259 -22.20 2.01 -13.03
C GLU B 259 -22.29 3.52 -12.74
N VAL B 260 -23.29 3.93 -11.98
CA VAL B 260 -23.51 5.34 -11.79
C VAL B 260 -22.46 5.93 -10.85
N LEU B 261 -21.73 5.06 -10.15
CA LEU B 261 -20.65 5.51 -9.27
C LEU B 261 -19.28 5.28 -9.93
N ASP B 262 -19.27 5.08 -11.25
CA ASP B 262 -18.01 4.87 -11.96
C ASP B 262 -18.12 5.19 -13.44
N THR B 263 -18.74 6.34 -13.74
CA THR B 263 -18.86 6.81 -15.10
C THR B 263 -17.53 7.27 -15.66
N PRO B 264 -17.33 7.02 -16.95
CA PRO B 264 -16.11 7.48 -17.59
C PRO B 264 -16.05 9.00 -17.73
N ALA B 265 -14.83 9.54 -17.63
CA ALA B 265 -14.59 10.93 -17.99
C ALA B 265 -14.31 10.99 -19.50
N ASP B 266 -15.35 11.11 -20.29
CA ASP B 266 -15.18 11.10 -21.74
C ASP B 266 -15.73 12.37 -22.42
N GLY B 267 -15.94 13.41 -21.63
CA GLY B 267 -16.46 14.68 -22.15
C GLY B 267 -17.91 14.94 -21.81
N GLN B 268 -18.60 13.97 -21.23
CA GLN B 268 -19.98 14.27 -20.85
C GLN B 268 -20.30 13.77 -19.46
N PHE B 269 -21.14 14.52 -18.79
CA PHE B 269 -21.63 14.13 -17.49
C PHE B 269 -22.85 13.26 -17.70
N ARG B 270 -22.83 12.07 -17.08
CA ARG B 270 -24.02 11.22 -17.10
C ARG B 270 -24.63 11.18 -15.70
N MET B 271 -25.77 11.84 -15.51
CA MET B 271 -26.39 11.85 -14.20
C MET B 271 -26.80 10.46 -13.73
N TYR B 272 -27.29 9.64 -14.68
CA TYR B 272 -27.69 8.27 -14.39
C TYR B 272 -26.94 7.31 -15.29
N ALA B 273 -26.68 6.11 -14.76
CA ALA B 273 -26.14 5.00 -15.55
C ALA B 273 -26.45 3.64 -14.92
N GLY B 274 -26.72 2.66 -15.79
CA GLY B 274 -27.00 1.31 -15.36
C GLY B 274 -28.01 1.26 -14.24
N GLY B 275 -27.81 0.37 -13.28
CA GLY B 275 -28.76 0.20 -12.20
C GLY B 275 -29.86 -0.81 -12.41
N THR B 276 -30.47 -1.24 -11.31
CA THR B 276 -31.54 -2.23 -11.35
C THR B 276 -32.76 -1.64 -12.02
N THR B 277 -33.41 -2.41 -12.90
CA THR B 277 -34.58 -1.88 -13.60
C THR B 277 -35.84 -2.06 -12.77
N GLN B 278 -36.88 -1.30 -13.12
CA GLN B 278 -38.17 -1.41 -12.45
C GLN B 278 -38.73 -2.79 -12.72
N GLU B 279 -38.51 -3.26 -13.94
CA GLU B 279 -38.96 -4.59 -14.32
C GLU B 279 -38.37 -5.68 -13.43
N GLU B 280 -37.05 -5.62 -13.22
CA GLU B 280 -36.42 -6.56 -12.30
C GLU B 280 -37.07 -6.56 -10.92
N MET B 281 -37.51 -5.41 -10.45
CA MET B 281 -38.16 -5.38 -9.15
C MET B 281 -39.57 -5.95 -9.25
N LYS B 282 -40.29 -5.59 -10.30
CA LYS B 282 -41.63 -6.12 -10.54
C LYS B 282 -41.63 -7.63 -10.62
N ASP B 283 -40.56 -8.18 -11.17
CA ASP B 283 -40.50 -9.62 -11.47
C ASP B 283 -39.75 -10.43 -10.40
N ALA B 284 -39.13 -9.75 -9.44
CA ALA B 284 -38.36 -10.42 -8.39
C ALA B 284 -39.12 -11.52 -7.62
N PRO B 285 -40.42 -11.35 -7.37
CA PRO B 285 -41.13 -12.44 -6.69
C PRO B 285 -41.13 -13.78 -7.46
N ASN B 286 -40.87 -13.72 -8.75
CA ASN B 286 -40.79 -14.94 -9.58
C ASN B 286 -39.46 -15.68 -9.49
N ALA B 287 -38.55 -15.19 -8.65
CA ALA B 287 -37.25 -15.83 -8.47
C ALA B 287 -37.39 -17.15 -7.72
N LEU B 288 -36.39 -18.00 -7.86
CA LEU B 288 -36.28 -19.19 -7.05
C LEU B 288 -36.15 -18.83 -5.58
N ASN B 289 -35.38 -17.77 -5.32
CA ASN B 289 -35.14 -17.36 -3.92
C ASN B 289 -34.46 -15.99 -3.90
N THR B 290 -34.19 -15.51 -2.69
CA THR B 290 -33.57 -14.21 -2.49
C THR B 290 -32.46 -14.35 -1.46
N VAL B 291 -31.25 -13.96 -1.85
CA VAL B 291 -30.07 -14.03 -1.00
C VAL B 291 -29.68 -12.64 -0.47
N LEU B 292 -29.52 -12.50 0.83
CA LEU B 292 -29.15 -11.22 1.41
C LEU B 292 -27.65 -11.24 1.68
N LEU B 293 -26.89 -10.35 1.06
CA LEU B 293 -25.44 -10.35 1.25
C LEU B 293 -25.04 -9.83 2.63
N GLN B 294 -25.86 -8.96 3.20
CA GLN B 294 -25.55 -8.38 4.48
C GLN B 294 -26.77 -8.49 5.40
N PRO B 295 -27.01 -9.72 5.93
CA PRO B 295 -28.26 -9.99 6.65
C PRO B 295 -28.48 -9.17 7.91
N TRP B 296 -27.41 -8.78 8.59
CA TRP B 296 -27.56 -8.04 9.82
C TRP B 296 -28.05 -6.59 9.67
N HIS B 297 -28.19 -6.05 8.47
CA HIS B 297 -29.00 -4.83 8.32
C HIS B 297 -30.07 -4.90 7.24
N LEU B 298 -30.50 -6.12 6.93
CA LEU B 298 -31.59 -6.35 5.99
C LEU B 298 -32.79 -7.08 6.62
N GLU B 299 -33.03 -6.83 7.90
CA GLU B 299 -34.10 -7.49 8.65
C GLU B 299 -35.51 -7.13 8.14
N LYS B 300 -35.78 -5.85 7.90
CA LYS B 300 -37.09 -5.45 7.42
C LYS B 300 -37.31 -6.07 6.04
N THR B 301 -36.26 -6.03 5.23
CA THR B 301 -36.32 -6.54 3.88
C THR B 301 -36.61 -8.02 3.91
N LYS B 302 -35.94 -8.70 4.83
CA LYS B 302 -36.10 -10.13 4.95
C LYS B 302 -37.57 -10.44 5.27
N LYS B 303 -38.16 -9.70 6.20
CA LYS B 303 -39.55 -10.01 6.56
C LYS B 303 -40.48 -9.89 5.36
N PHE B 304 -40.21 -8.94 4.47
CA PHE B 304 -41.08 -8.69 3.36
C PHE B 304 -40.93 -9.73 2.24
N VAL B 305 -39.69 -10.03 1.93
CA VAL B 305 -39.34 -11.09 1.02
C VAL B 305 -39.91 -12.46 1.43
N GLU B 306 -39.84 -12.78 2.71
CA GLU B 306 -40.39 -14.03 3.20
C GLU B 306 -41.91 -13.94 3.38
N GLY B 307 -42.38 -12.84 3.95
CA GLY B 307 -43.79 -12.67 4.29
C GLY B 307 -44.69 -12.48 3.09
N THR B 308 -44.18 -11.79 2.08
CA THR B 308 -44.99 -11.48 0.93
C THR B 308 -44.57 -12.25 -0.30
N TRP B 309 -43.28 -12.32 -0.56
CA TRP B 309 -42.82 -13.03 -1.75
C TRP B 309 -42.81 -14.54 -1.51
N LYS B 310 -42.87 -14.95 -0.24
CA LYS B 310 -42.80 -16.36 0.11
C LYS B 310 -41.45 -17.01 -0.25
N HIS B 311 -40.37 -16.22 -0.35
CA HIS B 311 -39.06 -16.84 -0.53
C HIS B 311 -38.53 -17.37 0.78
N GLU B 312 -37.71 -18.40 0.74
CA GLU B 312 -37.18 -18.97 1.97
C GLU B 312 -35.72 -18.54 2.09
N VAL B 313 -35.51 -17.32 2.56
CA VAL B 313 -34.18 -16.71 2.52
C VAL B 313 -33.17 -17.59 3.26
N PRO B 314 -32.14 -18.07 2.56
CA PRO B 314 -31.18 -18.95 3.24
C PRO B 314 -30.40 -18.23 4.31
N LYS B 315 -30.05 -18.95 5.36
CA LYS B 315 -29.22 -18.45 6.45
C LYS B 315 -27.77 -18.48 6.00
N LEU B 316 -27.28 -17.34 5.54
CA LEU B 316 -25.93 -17.24 5.03
C LEU B 316 -25.28 -15.99 5.61
N ASN B 317 -24.04 -16.15 6.03
CA ASN B 317 -23.21 -15.01 6.37
C ASN B 317 -22.83 -14.23 5.11
N ILE B 318 -22.48 -12.96 5.30
CA ILE B 318 -21.81 -12.19 4.27
C ILE B 318 -20.68 -13.06 3.66
N PRO B 319 -20.52 -13.02 2.32
CA PRO B 319 -19.46 -13.89 1.80
C PRO B 319 -18.07 -13.22 1.83
N MET B 320 -17.46 -13.26 3.00
CA MET B 320 -16.11 -12.78 3.22
C MET B 320 -15.27 -13.93 3.78
N GLY B 321 -14.02 -13.98 3.37
CA GLY B 321 -13.14 -15.04 3.82
C GLY B 321 -13.34 -16.32 3.06
N LEU B 322 -12.68 -17.36 3.50
CA LEU B 322 -12.72 -18.63 2.78
C LEU B 322 -14.00 -19.44 3.12
N ASP B 323 -14.27 -19.69 4.38
CA ASP B 323 -15.41 -20.54 4.72
C ASP B 323 -16.72 -19.94 4.19
N TRP B 324 -16.92 -18.64 4.39
CA TRP B 324 -18.20 -18.03 4.03
C TRP B 324 -18.40 -17.81 2.54
N THR B 325 -17.32 -17.66 1.78
CA THR B 325 -17.45 -17.63 0.33
C THR B 325 -17.82 -19.02 -0.15
N ASP B 326 -17.18 -20.05 0.42
CA ASP B 326 -17.50 -21.43 0.09
C ASP B 326 -19.01 -21.68 0.32
N GLU B 327 -19.49 -21.32 1.50
CA GLU B 327 -20.89 -21.59 1.83
C GLU B 327 -21.84 -20.87 0.90
N PHE B 328 -21.48 -19.64 0.53
CA PHE B 328 -22.32 -18.84 -0.35
C PHE B 328 -22.45 -19.54 -1.68
N LEU B 329 -21.33 -19.93 -2.25
CA LEU B 329 -21.32 -20.59 -3.54
C LEU B 329 -22.04 -21.93 -3.50
N MET B 330 -21.90 -22.67 -2.39
CA MET B 330 -22.56 -23.97 -2.27
C MET B 330 -24.08 -23.85 -2.21
N LYS B 331 -24.55 -22.79 -1.56
CA LYS B 331 -25.97 -22.51 -1.46
C LYS B 331 -26.54 -22.07 -2.79
N VAL B 332 -25.84 -21.18 -3.49
CA VAL B 332 -26.23 -20.75 -4.83
C VAL B 332 -26.28 -21.96 -5.75
N SER B 333 -25.31 -22.86 -5.62
CA SER B 333 -25.28 -24.04 -6.45
C SER B 333 -26.51 -24.89 -6.16
N GLU B 334 -26.81 -25.10 -4.88
CA GLU B 334 -27.98 -25.87 -4.49
C GLU B 334 -29.26 -25.25 -5.09
N ILE B 335 -29.47 -23.97 -4.82
CA ILE B 335 -30.69 -23.29 -5.27
C ILE B 335 -30.83 -23.31 -6.79
N SER B 336 -29.72 -23.10 -7.51
CA SER B 336 -29.76 -22.88 -8.96
C SER B 336 -29.58 -24.12 -9.82
N GLY B 337 -29.03 -25.19 -9.27
CA GLY B 337 -28.74 -26.41 -10.03
C GLY B 337 -27.49 -26.28 -10.88
N GLN B 338 -26.70 -25.24 -10.62
CA GLN B 338 -25.46 -25.02 -11.33
C GLN B 338 -24.32 -25.51 -10.48
N PRO B 339 -23.44 -26.34 -11.06
CA PRO B 339 -22.25 -26.74 -10.32
C PRO B 339 -21.29 -25.55 -10.17
N ILE B 340 -20.46 -25.57 -9.12
CA ILE B 340 -19.41 -24.55 -8.98
C ILE B 340 -18.36 -24.83 -10.07
N PRO B 341 -18.11 -23.87 -10.97
CA PRO B 341 -17.25 -24.22 -12.11
C PRO B 341 -15.80 -24.37 -11.70
N ALA B 342 -15.01 -24.98 -12.58
CA ALA B 342 -13.57 -25.13 -12.39
C ALA B 342 -12.87 -23.81 -12.03
N SER B 343 -13.34 -22.71 -12.63
CA SER B 343 -12.67 -21.42 -12.54
C SER B 343 -12.69 -20.88 -11.09
N LEU B 344 -13.84 -21.00 -10.43
CA LEU B 344 -13.97 -20.60 -9.04
C LEU B 344 -13.19 -21.55 -8.10
N THR B 345 -13.20 -22.83 -8.42
CA THR B 345 -12.46 -23.81 -7.63
C THR B 345 -10.97 -23.48 -7.65
N LYS B 346 -10.46 -23.09 -8.82
CA LYS B 346 -9.05 -22.67 -8.95
C LYS B 346 -8.72 -21.37 -8.23
N GLU B 347 -9.61 -20.39 -8.35
CA GLU B 347 -9.44 -19.12 -7.66
C GLU B 347 -9.38 -19.35 -6.17
N ARG B 348 -10.27 -20.20 -5.66
CA ARG B 348 -10.28 -20.61 -4.27
C ARG B 348 -8.92 -21.14 -3.81
N GLY B 349 -8.35 -22.07 -4.57
CA GLY B 349 -7.05 -22.67 -4.28
C GLY B 349 -5.91 -21.69 -4.37
N ARG B 350 -6.05 -20.68 -5.23
CA ARG B 350 -5.06 -19.61 -5.29
C ARG B 350 -5.12 -18.76 -4.03
N LEU B 351 -6.32 -18.52 -3.50
CA LEU B 351 -6.41 -17.81 -2.25
C LEU B 351 -5.76 -18.66 -1.15
N VAL B 352 -6.07 -19.94 -1.15
CA VAL B 352 -5.49 -20.80 -0.12
C VAL B 352 -3.98 -20.80 -0.24
N ASP B 353 -3.48 -20.87 -1.47
CA ASP B 353 -2.05 -20.79 -1.70
C ASP B 353 -1.48 -19.54 -1.06
N MET B 354 -2.13 -18.40 -1.24
CA MET B 354 -1.65 -17.15 -0.66
C MET B 354 -1.61 -17.19 0.85
N MET B 355 -2.62 -17.80 1.46
CA MET B 355 -2.63 -17.98 2.91
C MET B 355 -1.43 -18.81 3.38
N THR B 356 -1.11 -19.88 2.64
CA THR B 356 0.03 -20.67 3.04
C THR B 356 1.33 -19.86 2.91
N ASP B 357 1.47 -19.06 1.84
CA ASP B 357 2.68 -18.24 1.59
C ASP B 357 2.93 -17.19 2.66
N SER B 358 1.84 -16.64 3.19
CA SER B 358 1.93 -15.46 4.03
C SER B 358 1.68 -15.76 5.51
N HIS B 359 1.34 -16.99 5.86
CA HIS B 359 0.87 -17.28 7.24
C HIS B 359 1.86 -16.98 8.35
N THR B 360 3.16 -17.01 8.06
CA THR B 360 4.15 -16.80 9.11
C THR B 360 4.23 -15.35 9.55
N TRP B 361 3.94 -14.39 8.66
CA TRP B 361 3.95 -12.99 9.09
C TRP B 361 2.63 -12.58 9.75
N LEU B 362 1.56 -13.24 9.34
CA LEU B 362 0.24 -12.93 9.85
C LEU B 362 0.06 -13.51 11.25
N HIS B 363 0.77 -14.60 11.55
CA HIS B 363 0.43 -15.37 12.73
C HIS B 363 0.50 -14.53 13.99
N GLY B 364 -0.59 -14.54 14.76
CA GLY B 364 -0.59 -13.91 16.06
C GLY B 364 -0.70 -12.39 16.02
N LYS B 365 -0.80 -11.83 14.84
CA LYS B 365 -0.92 -10.37 14.75
C LYS B 365 -2.23 -9.90 15.34
N ARG B 366 -2.16 -8.84 16.13
CA ARG B 366 -3.28 -8.35 16.89
C ARG B 366 -3.85 -7.09 16.23
N PHE B 367 -5.17 -7.06 16.09
CA PHE B 367 -5.89 -5.99 15.44
C PHE B 367 -7.02 -5.42 16.27
N ALA B 368 -7.16 -4.10 16.15
CA ALA B 368 -8.37 -3.41 16.54
C ALA B 368 -9.08 -3.02 15.27
N LEU B 369 -10.40 -3.20 15.22
CA LEU B 369 -11.16 -2.93 14.00
C LEU B 369 -12.61 -2.47 14.26
N TRP B 370 -13.16 -1.77 13.28
CA TRP B 370 -14.53 -1.28 13.36
C TRP B 370 -15.20 -1.20 12.01
N GLY B 371 -16.49 -0.90 12.05
CA GLY B 371 -17.33 -0.88 10.85
C GLY B 371 -18.78 -1.28 11.08
N ASP B 372 -19.48 -1.58 9.99
CA ASP B 372 -20.88 -1.99 10.04
C ASP B 372 -20.87 -3.47 10.37
N PRO B 373 -21.99 -4.00 10.91
CA PRO B 373 -21.94 -5.31 11.56
C PRO B 373 -21.56 -6.48 10.68
N ASP B 374 -22.10 -6.51 9.46
CA ASP B 374 -21.80 -7.61 8.55
C ASP B 374 -20.36 -7.54 8.10
N PHE B 375 -19.92 -6.34 7.71
CA PHE B 375 -18.52 -6.16 7.33
C PHE B 375 -17.61 -6.58 8.48
N VAL B 376 -17.93 -6.12 9.68
CA VAL B 376 -17.04 -6.39 10.82
C VAL B 376 -16.95 -7.89 11.11
N MET B 377 -18.09 -8.58 11.09
CA MET B 377 -18.07 -10.02 11.36
C MET B 377 -17.32 -10.84 10.33
N GLY B 378 -17.39 -10.43 9.06
CA GLY B 378 -16.65 -11.08 7.97
C GLY B 378 -15.16 -10.87 8.10
N LEU B 379 -14.80 -9.67 8.52
CA LEU B 379 -13.41 -9.33 8.71
C LEU B 379 -12.87 -10.16 9.87
N VAL B 380 -13.69 -10.29 10.92
CA VAL B 380 -13.30 -11.08 12.10
C VAL B 380 -13.08 -12.53 11.70
N LYS B 381 -14.07 -13.08 11.00
CA LYS B 381 -13.98 -14.44 10.50
C LYS B 381 -12.69 -14.68 9.71
N PHE B 382 -12.43 -13.84 8.72
CA PHE B 382 -11.25 -14.01 7.89
C PHE B 382 -9.95 -13.89 8.70
N LEU B 383 -9.90 -12.92 9.61
CA LEU B 383 -8.73 -12.78 10.46
C LEU B 383 -8.43 -14.09 11.19
N LEU B 384 -9.47 -14.75 11.73
CA LEU B 384 -9.25 -16.02 12.41
C LEU B 384 -8.73 -17.06 11.43
N GLU B 385 -9.26 -17.03 10.20
CA GLU B 385 -8.84 -17.96 9.18
C GLU B 385 -7.34 -17.75 8.89
N LEU B 386 -6.85 -16.53 9.10
CA LEU B 386 -5.44 -16.18 8.81
C LEU B 386 -4.52 -16.39 10.00
N GLY B 387 -5.10 -16.83 11.12
CA GLY B 387 -4.33 -17.01 12.35
C GLY B 387 -3.98 -15.70 13.04
N CYS B 388 -4.77 -14.66 12.79
CA CYS B 388 -4.61 -13.36 13.44
C CYS B 388 -5.56 -13.27 14.63
N GLU B 389 -5.23 -12.41 15.60
CA GLU B 389 -6.11 -12.18 16.76
C GLU B 389 -6.87 -10.87 16.70
N PRO B 390 -8.19 -10.94 16.45
CA PRO B 390 -9.04 -9.77 16.40
C PRO B 390 -9.43 -9.28 17.81
N VAL B 391 -8.48 -8.66 18.48
CA VAL B 391 -8.55 -8.30 19.90
C VAL B 391 -9.61 -7.26 20.30
N HIS B 392 -9.75 -6.18 19.51
CA HIS B 392 -10.74 -5.13 19.78
C HIS B 392 -11.70 -4.99 18.62
N ILE B 393 -12.94 -5.43 18.81
CA ILE B 393 -13.92 -5.51 17.74
C ILE B 393 -15.07 -4.58 18.06
N LEU B 394 -15.19 -3.49 17.30
CA LEU B 394 -16.11 -2.44 17.68
C LEU B 394 -17.10 -2.22 16.59
N CYS B 395 -18.38 -2.38 16.92
CA CYS B 395 -19.44 -2.01 16.00
C CYS B 395 -20.42 -1.03 16.67
N HIS B 396 -20.25 0.26 16.39
CA HIS B 396 -21.03 1.27 17.06
C HIS B 396 -22.51 0.98 16.85
N ASN B 397 -22.87 0.59 15.62
CA ASN B 397 -24.27 0.32 15.28
C ASN B 397 -24.64 -1.16 15.43
N GLY B 398 -23.87 -1.90 16.22
CA GLY B 398 -24.15 -3.31 16.40
C GLY B 398 -25.29 -3.55 17.38
N ASN B 399 -25.80 -4.76 17.44
CA ASN B 399 -26.79 -5.09 18.45
C ASN B 399 -26.46 -6.36 19.24
N LYS B 400 -27.21 -6.57 20.31
CA LYS B 400 -27.09 -7.73 21.19
C LYS B 400 -27.04 -9.05 20.45
N ARG B 401 -27.97 -9.26 19.55
CA ARG B 401 -28.05 -10.52 18.83
C ARG B 401 -26.81 -10.73 17.96
N TRP B 402 -26.39 -9.67 17.27
CA TRP B 402 -25.16 -9.71 16.45
C TRP B 402 -23.96 -10.01 17.33
N LYS B 403 -23.88 -9.37 18.48
CA LYS B 403 -22.72 -9.56 19.36
C LYS B 403 -22.60 -10.98 19.84
N LYS B 404 -23.73 -11.59 20.20
CA LYS B 404 -23.76 -13.00 20.54
C LYS B 404 -23.14 -13.85 19.44
N ALA B 405 -23.56 -13.55 18.20
CA ALA B 405 -23.11 -14.28 17.02
C ALA B 405 -21.61 -14.16 16.84
N VAL B 406 -21.12 -12.94 16.79
CA VAL B 406 -19.70 -12.74 16.72
C VAL B 406 -19.00 -13.49 17.86
N ASP B 407 -19.48 -13.32 19.09
CA ASP B 407 -18.86 -13.99 20.23
C ASP B 407 -18.73 -15.51 20.05
N ALA B 408 -19.69 -16.13 19.38
CA ALA B 408 -19.66 -17.56 19.13
C ALA B 408 -18.60 -17.92 18.07
N ILE B 409 -18.42 -17.03 17.11
CA ILE B 409 -17.42 -17.24 16.08
C ILE B 409 -16.05 -17.16 16.73
N LEU B 410 -15.89 -16.25 17.68
CA LEU B 410 -14.63 -16.13 18.40
C LEU B 410 -14.35 -17.40 19.21
N ALA B 411 -15.38 -17.91 19.88
CA ALA B 411 -15.21 -19.03 20.80
C ALA B 411 -14.82 -20.28 20.05
N ALA B 412 -15.21 -20.36 18.78
CA ALA B 412 -14.93 -21.54 17.96
C ALA B 412 -13.49 -21.60 17.45
N SER B 413 -12.65 -20.65 17.84
CA SER B 413 -11.24 -20.62 17.40
C SER B 413 -10.27 -20.27 18.54
N PRO B 414 -9.08 -20.88 18.54
CA PRO B 414 -8.07 -20.47 19.51
C PRO B 414 -7.64 -19.00 19.33
N TYR B 415 -7.78 -18.48 18.13
CA TYR B 415 -7.34 -17.11 17.83
C TYR B 415 -8.31 -16.05 18.34
N GLY B 416 -9.46 -16.49 18.86
CA GLY B 416 -10.46 -15.57 19.36
C GLY B 416 -10.37 -15.33 20.86
N LYS B 417 -9.34 -15.89 21.47
CA LYS B 417 -9.23 -16.00 22.93
C LYS B 417 -9.08 -14.67 23.63
N ASN B 418 -8.36 -13.74 23.01
CA ASN B 418 -8.13 -12.46 23.67
C ASN B 418 -8.92 -11.34 23.02
N ALA B 419 -10.05 -11.72 22.41
CA ALA B 419 -10.88 -10.78 21.68
C ALA B 419 -12.11 -10.38 22.48
N THR B 420 -12.55 -9.13 22.34
CA THR B 420 -13.80 -8.67 22.92
C THR B 420 -14.56 -7.89 21.87
N VAL B 421 -15.86 -8.10 21.83
CA VAL B 421 -16.74 -7.38 20.94
C VAL B 421 -17.46 -6.26 21.69
N TYR B 422 -17.49 -5.07 21.09
CA TYR B 422 -18.08 -3.88 21.68
C TYR B 422 -19.19 -3.34 20.79
N ILE B 423 -20.32 -3.00 21.38
CA ILE B 423 -21.41 -2.40 20.63
C ILE B 423 -21.83 -1.16 21.36
N GLY B 424 -22.30 -0.17 20.62
CA GLY B 424 -22.72 1.07 21.21
C GLY B 424 -21.54 1.94 21.59
N LYS B 425 -20.31 1.50 21.34
CA LYS B 425 -19.12 2.25 21.70
C LYS B 425 -18.58 2.99 20.47
N ASP B 426 -17.85 4.06 20.70
CA ASP B 426 -17.38 4.89 19.60
C ASP B 426 -15.86 4.84 19.46
N LEU B 427 -15.30 5.66 18.58
CA LEU B 427 -13.87 5.63 18.37
C LEU B 427 -13.08 6.29 19.52
N TRP B 428 -13.75 7.05 20.38
CA TRP B 428 -13.05 7.56 21.57
C TRP B 428 -12.90 6.46 22.63
N HIS B 429 -13.89 5.56 22.72
CA HIS B 429 -13.70 4.31 23.48
C HIS B 429 -12.55 3.49 22.88
N LEU B 430 -12.60 3.27 21.56
CA LEU B 430 -11.56 2.48 20.90
C LEU B 430 -10.16 3.04 21.12
N ARG B 431 -10.04 4.36 21.07
CA ARG B 431 -8.77 5.03 21.37
C ARG B 431 -8.17 4.54 22.72
N SER B 432 -8.97 4.51 23.77
CA SER B 432 -8.48 4.02 25.05
C SER B 432 -7.99 2.58 24.95
N LEU B 433 -8.75 1.71 24.27
CA LEU B 433 -8.37 0.31 24.17
C LEU B 433 -7.01 0.09 23.49
N VAL B 434 -6.71 0.90 22.46
CA VAL B 434 -5.47 0.68 21.75
C VAL B 434 -4.27 1.26 22.51
N PHE B 435 -4.53 2.06 23.55
CA PHE B 435 -3.50 2.47 24.51
C PHE B 435 -3.32 1.45 25.63
N THR B 436 -4.42 0.99 26.22
CA THR B 436 -4.32 0.11 27.39
C THR B 436 -4.02 -1.35 27.08
N ASP B 437 -4.44 -1.79 25.90
CA ASP B 437 -4.25 -3.15 25.44
C ASP B 437 -3.85 -3.06 23.98
N LYS B 438 -2.62 -2.62 23.75
CA LYS B 438 -2.19 -2.16 22.42
C LYS B 438 -2.17 -3.29 21.40
N PRO B 439 -2.87 -3.11 20.27
CA PRO B 439 -2.76 -4.09 19.22
C PRO B 439 -1.60 -3.75 18.28
N ASP B 440 -1.36 -4.58 17.28
CA ASP B 440 -0.29 -4.27 16.30
C ASP B 440 -0.75 -3.27 15.25
N PHE B 441 -2.02 -3.39 14.84
CA PHE B 441 -2.63 -2.48 13.85
C PHE B 441 -4.10 -2.26 14.13
N MET B 442 -4.64 -1.22 13.48
CA MET B 442 -6.09 -1.02 13.37
C MET B 442 -6.48 -1.30 11.93
N ILE B 443 -7.63 -1.92 11.72
CA ILE B 443 -8.21 -1.99 10.39
C ILE B 443 -9.47 -1.12 10.53
N GLY B 444 -9.53 0.00 9.81
CA GLY B 444 -10.70 0.85 9.94
C GLY B 444 -10.78 1.91 8.87
N ASN B 445 -11.71 2.85 9.04
CA ASN B 445 -11.89 3.92 8.09
C ASN B 445 -10.99 5.12 8.44
N SER B 446 -11.10 6.19 7.64
CA SER B 446 -10.20 7.33 7.73
C SER B 446 -10.17 8.02 9.11
N TYR B 447 -11.27 7.95 9.85
CA TYR B 447 -11.32 8.52 11.20
C TYR B 447 -10.31 7.87 12.10
N GLY B 448 -9.91 6.64 11.76
CA GLY B 448 -8.85 5.96 12.47
C GLY B 448 -7.51 6.66 12.44
N LYS B 449 -7.30 7.59 11.51
CA LYS B 449 -5.96 8.16 11.42
C LYS B 449 -5.65 8.98 12.67
N PHE B 450 -6.70 9.52 13.29
CA PHE B 450 -6.53 10.41 14.42
C PHE B 450 -6.18 9.60 15.64
N ILE B 451 -6.65 8.37 15.70
CA ILE B 451 -6.16 7.45 16.73
C ILE B 451 -4.66 7.10 16.49
N GLN B 452 -4.26 6.79 15.27
CA GLN B 452 -2.84 6.56 15.02
C GLN B 452 -2.02 7.76 15.48
N ARG B 453 -2.49 8.97 15.15
CA ARG B 453 -1.81 10.19 15.56
C ARG B 453 -1.61 10.24 17.06
N ASP B 454 -2.70 10.06 17.82
CA ASP B 454 -2.64 10.07 19.29
C ASP B 454 -1.65 9.02 19.80
N THR B 455 -1.67 7.81 19.25
CA THR B 455 -0.73 6.78 19.74
C THR B 455 0.74 7.13 19.47
N LEU B 456 1.03 7.74 18.33
CA LEU B 456 2.43 8.07 18.04
C LEU B 456 2.92 9.17 19.01
N HIS B 457 2.02 10.07 19.42
CA HIS B 457 2.41 11.15 20.36
C HIS B 457 2.84 10.55 21.72
N LYS B 458 2.27 9.42 22.11
CA LYS B 458 2.76 8.80 23.35
C LYS B 458 4.17 8.29 23.09
N GLY B 459 4.39 7.72 21.91
CA GLY B 459 5.73 7.31 21.54
C GLY B 459 5.69 6.41 20.33
N LYS B 460 6.82 6.36 19.62
CA LYS B 460 6.94 5.56 18.43
C LYS B 460 6.64 4.09 18.75
N GLU B 461 7.06 3.60 19.91
CA GLU B 461 6.88 2.19 20.24
C GLU B 461 5.43 1.89 20.66
N PHE B 462 4.62 2.93 20.80
CA PHE B 462 3.19 2.77 21.10
C PHE B 462 2.29 3.07 19.89
N GLU B 463 2.88 3.56 18.80
CA GLU B 463 2.09 3.88 17.62
C GLU B 463 1.40 2.64 17.09
N VAL B 464 0.13 2.79 16.76
CA VAL B 464 -0.64 1.72 16.13
C VAL B 464 -1.08 2.13 14.73
N PRO B 465 -0.43 1.59 13.67
CA PRO B 465 -0.78 2.06 12.35
C PRO B 465 -2.16 1.66 11.88
N LEU B 466 -2.79 2.53 11.11
CA LEU B 466 -4.09 2.26 10.49
C LEU B 466 -3.96 1.54 9.14
N ILE B 467 -4.81 0.55 8.93
CA ILE B 467 -4.93 -0.08 7.64
C ILE B 467 -6.36 0.23 7.21
N ARG B 468 -6.48 0.99 6.14
CA ARG B 468 -7.78 1.49 5.69
C ARG B 468 -8.59 0.45 4.93
N ILE B 469 -9.62 -0.07 5.60
CA ILE B 469 -10.65 -0.91 5.01
C ILE B 469 -11.97 -0.50 5.69
N GLY B 470 -12.99 -0.16 4.88
CA GLY B 470 -14.28 0.35 5.37
C GLY B 470 -14.83 1.58 4.64
N PHE B 471 -15.67 2.31 5.36
CA PHE B 471 -16.29 3.53 4.88
C PHE B 471 -16.42 4.51 6.05
N PRO B 472 -16.07 5.78 5.87
CA PRO B 472 -15.54 6.33 4.64
C PRO B 472 -14.03 6.34 4.60
N ILE B 473 -13.47 6.25 3.39
CA ILE B 473 -12.05 6.45 3.19
C ILE B 473 -11.86 7.70 2.34
N PHE B 474 -11.37 8.77 2.98
CA PHE B 474 -11.31 10.09 2.38
C PHE B 474 -9.90 10.55 2.08
N ASP B 475 -8.93 9.87 2.67
CA ASP B 475 -7.55 10.40 2.68
C ASP B 475 -6.58 9.53 1.87
N ARG B 476 -7.14 8.64 1.08
CA ARG B 476 -6.43 7.90 0.07
C ARG B 476 -7.33 7.94 -1.15
N HIS B 477 -6.74 7.73 -2.32
CA HIS B 477 -7.45 7.79 -3.60
C HIS B 477 -7.73 6.41 -4.18
N HIS B 478 -8.98 6.19 -4.53
CA HIS B 478 -9.40 5.06 -5.34
C HIS B 478 -9.51 3.72 -4.59
N LEU B 479 -9.43 3.72 -3.25
CA LEU B 479 -9.59 2.45 -2.52
C LEU B 479 -11.03 1.96 -2.68
N HIS B 480 -11.96 2.87 -2.97
CA HIS B 480 -13.33 2.48 -3.20
C HIS B 480 -13.49 1.55 -4.41
N ARG B 481 -12.43 1.38 -5.19
CA ARG B 481 -12.48 0.44 -6.32
C ARG B 481 -12.21 -1.00 -5.88
N SER B 482 -11.76 -1.15 -4.64
CA SER B 482 -11.30 -2.44 -4.14
C SER B 482 -12.46 -3.38 -3.91
N THR B 483 -12.11 -4.58 -3.44
CA THR B 483 -13.04 -5.67 -3.24
C THR B 483 -12.74 -6.28 -1.88
N THR B 484 -13.77 -6.54 -1.09
CA THR B 484 -13.58 -7.23 0.19
C THR B 484 -14.40 -8.52 0.25
N LEU B 485 -15.29 -8.74 -0.70
CA LEU B 485 -16.08 -9.96 -0.75
C LEU B 485 -15.47 -11.07 -1.62
N GLY B 486 -15.88 -12.31 -1.37
CA GLY B 486 -15.46 -13.43 -2.19
C GLY B 486 -13.99 -13.79 -2.02
N TYR B 487 -13.52 -14.67 -2.88
CA TYR B 487 -12.09 -15.05 -2.83
C TYR B 487 -11.24 -13.87 -3.28
N GLU B 488 -11.77 -13.11 -4.23
CA GLU B 488 -11.02 -11.97 -4.76
C GLU B 488 -10.79 -10.97 -3.63
N GLY B 489 -11.85 -10.69 -2.87
CA GLY B 489 -11.77 -9.75 -1.78
C GLY B 489 -10.84 -10.23 -0.70
N ALA B 490 -10.88 -11.54 -0.42
CA ALA B 490 -10.03 -12.15 0.60
C ALA B 490 -8.56 -11.99 0.23
N MET B 491 -8.28 -12.22 -1.04
CA MET B 491 -6.92 -12.04 -1.57
C MET B 491 -6.44 -10.60 -1.36
N GLN B 492 -7.34 -9.65 -1.61
CA GLN B 492 -7.01 -8.25 -1.49
C GLN B 492 -6.76 -7.91 -0.04
N ILE B 493 -7.59 -8.42 0.86
CA ILE B 493 -7.39 -8.12 2.27
C ILE B 493 -6.10 -8.74 2.80
N LEU B 494 -5.89 -10.01 2.53
CA LEU B 494 -4.64 -10.71 2.91
C LEU B 494 -3.40 -9.92 2.47
N THR B 495 -3.38 -9.55 1.20
CA THR B 495 -2.28 -8.79 0.63
C THR B 495 -2.06 -7.44 1.34
N THR B 496 -3.12 -6.68 1.57
CA THR B 496 -2.98 -5.44 2.31
C THR B 496 -2.53 -5.66 3.77
N LEU B 497 -3.11 -6.63 4.46
CA LEU B 497 -2.63 -6.96 5.80
C LEU B 497 -1.12 -7.33 5.84
N VAL B 498 -0.71 -8.34 5.07
CA VAL B 498 0.65 -8.82 5.18
C VAL B 498 1.63 -7.71 4.79
N ASN B 499 1.29 -6.94 3.76
CA ASN B 499 2.22 -5.92 3.36
C ASN B 499 2.27 -4.75 4.31
N SER B 500 1.18 -4.46 5.04
CA SER B 500 1.22 -3.39 6.03
C SER B 500 2.15 -3.86 7.16
N ILE B 501 2.09 -5.15 7.43
CA ILE B 501 2.97 -5.72 8.43
C ILE B 501 4.45 -5.57 7.97
N LEU B 502 4.73 -5.96 6.74
CA LEU B 502 6.11 -5.90 6.27
C LEU B 502 6.60 -4.46 6.11
N GLU B 503 5.71 -3.53 5.76
CA GLU B 503 6.07 -2.12 5.70
C GLU B 503 6.52 -1.63 7.04
N ARG B 504 5.74 -1.93 8.06
CA ARG B 504 6.07 -1.46 9.40
C ARG B 504 7.36 -2.12 9.90
N LEU B 505 7.56 -3.40 9.62
CA LEU B 505 8.84 -4.03 9.96
C LEU B 505 10.03 -3.36 9.25
N ASP B 506 9.87 -3.03 7.98
CA ASP B 506 10.94 -2.35 7.26
C ASP B 506 11.21 -1.02 7.91
N GLU B 507 10.16 -0.33 8.35
CA GLU B 507 10.37 0.92 9.03
C GLU B 507 11.16 0.74 10.32
N GLU B 508 10.79 -0.25 11.12
CA GLU B 508 11.43 -0.49 12.40
C GLU B 508 12.88 -1.01 12.27
N THR B 509 13.23 -1.56 11.11
CA THR B 509 14.58 -2.11 10.88
C THR B 509 15.44 -1.31 9.90
N ARG B 510 15.08 -0.05 9.69
CA ARG B 510 15.72 0.72 8.63
C ARG B 510 16.87 1.58 9.20
N GLY B 511 17.08 1.49 10.51
CA GLY B 511 18.08 2.30 11.19
C GLY B 511 19.49 1.75 11.09
N MET B 512 20.34 2.50 10.40
CA MET B 512 21.69 2.06 10.05
C MET B 512 22.53 1.73 11.28
N GLN B 513 23.07 0.52 11.30
CA GLN B 513 23.89 0.03 12.39
C GLN B 513 23.16 -0.07 13.74
N ALA B 514 21.85 0.11 13.76
CA ALA B 514 21.09 -0.01 14.99
C ALA B 514 20.09 -1.18 14.91
N THR B 515 19.21 -1.15 13.92
CA THR B 515 18.17 -2.17 13.77
C THR B 515 18.19 -2.85 12.40
N ASP B 516 19.11 -2.41 11.53
CA ASP B 516 19.17 -2.90 10.17
C ASP B 516 19.83 -4.28 10.02
N TYR B 517 20.28 -4.88 11.12
CA TYR B 517 20.70 -6.26 11.02
C TYR B 517 19.51 -7.11 10.49
N ASN B 518 18.27 -6.70 10.80
CA ASN B 518 17.08 -7.42 10.33
C ASN B 518 16.36 -6.74 9.15
N HIS B 519 17.07 -5.93 8.37
CA HIS B 519 16.49 -5.28 7.22
C HIS B 519 16.59 -6.15 5.98
N ASP B 520 15.96 -7.32 6.02
CA ASP B 520 16.17 -8.39 5.04
C ASP B 520 15.69 -8.00 3.66
N LEU B 521 16.42 -8.41 2.63
CA LEU B 521 15.96 -8.22 1.25
C LEU B 521 14.77 -9.14 0.96
N VAL B 522 14.83 -10.34 1.52
CA VAL B 522 13.85 -11.37 1.23
C VAL B 522 13.00 -11.58 2.49
N ARG B 523 11.68 -11.51 2.34
CA ARG B 523 10.73 -11.79 3.42
C ARG B 523 9.58 -12.67 2.89
N MET C 4 5.61 -46.94 9.53
CA MET C 4 6.57 -47.22 8.41
C MET C 4 7.68 -48.18 8.86
N SER C 5 7.56 -49.45 8.47
CA SER C 5 8.54 -50.46 8.83
C SER C 5 9.75 -50.41 7.92
N ARG C 6 10.81 -51.09 8.30
CA ARG C 6 12.02 -51.18 7.49
C ARG C 6 11.73 -51.77 6.11
N GLU C 7 10.87 -52.77 6.04
CA GLU C 7 10.61 -53.46 4.78
C GLU C 7 9.86 -52.53 3.83
N GLU C 8 8.88 -51.81 4.36
CA GLU C 8 8.11 -50.82 3.58
C GLU C 8 9.01 -49.71 3.03
N VAL C 9 9.93 -49.22 3.85
CA VAL C 9 10.84 -48.16 3.43
C VAL C 9 11.74 -48.64 2.29
N GLU C 10 12.24 -49.87 2.40
CA GLU C 10 13.05 -50.46 1.34
C GLU C 10 12.26 -50.61 0.05
N SER C 11 10.98 -50.93 0.14
CA SER C 11 10.13 -51.06 -1.05
C SER C 11 9.87 -49.69 -1.66
N LEU C 12 9.70 -48.69 -0.78
CA LEU C 12 9.53 -47.31 -1.24
C LEU C 12 10.71 -46.91 -2.12
N ILE C 13 11.91 -47.19 -1.63
CA ILE C 13 13.11 -46.85 -2.38
C ILE C 13 13.15 -47.53 -3.74
N GLN C 14 12.89 -48.83 -3.80
CA GLN C 14 13.01 -49.56 -5.06
C GLN C 14 11.96 -49.09 -6.06
N GLU C 15 10.77 -48.82 -5.56
CA GLU C 15 9.65 -48.42 -6.40
C GLU C 15 9.92 -47.06 -7.03
N VAL C 16 10.44 -46.12 -6.24
CA VAL C 16 10.73 -44.76 -6.71
C VAL C 16 11.84 -44.85 -7.75
N LEU C 17 12.83 -45.70 -7.52
CA LEU C 17 13.94 -45.86 -8.46
C LEU C 17 13.53 -46.46 -9.82
N GLU C 18 12.33 -47.04 -9.88
CA GLU C 18 11.83 -47.69 -11.10
C GLU C 18 11.65 -46.75 -12.29
N VAL C 19 11.57 -45.45 -12.02
CA VAL C 19 11.32 -44.46 -13.06
C VAL C 19 12.60 -44.17 -13.88
N TYR C 20 13.76 -44.37 -13.26
CA TYR C 20 15.04 -43.96 -13.85
C TYR C 20 15.56 -44.88 -14.97
N PRO C 21 16.35 -44.33 -15.89
CA PRO C 21 17.15 -45.16 -16.81
C PRO C 21 18.23 -45.91 -16.03
N GLU C 22 18.66 -47.07 -16.54
CA GLU C 22 19.56 -48.00 -15.81
C GLU C 22 20.68 -47.32 -15.01
N LYS C 23 21.44 -46.49 -15.71
CA LYS C 23 22.62 -45.85 -15.14
C LYS C 23 22.25 -44.97 -13.93
N ALA C 24 21.24 -44.13 -14.10
CA ALA C 24 20.76 -43.29 -13.02
C ALA C 24 20.25 -44.12 -11.84
N ARG C 25 19.49 -45.20 -12.09
CA ARG C 25 18.97 -45.95 -10.94
C ARG C 25 20.11 -46.61 -10.16
N LYS C 26 21.12 -47.13 -10.87
CA LYS C 26 22.26 -47.79 -10.22
C LYS C 26 23.00 -46.81 -9.32
N ASP C 27 23.21 -45.61 -9.81
CA ASP C 27 23.82 -44.56 -8.97
C ASP C 27 22.97 -44.17 -7.75
N ARG C 28 21.70 -43.81 -7.98
CA ARG C 28 20.87 -43.26 -6.92
C ARG C 28 20.56 -44.29 -5.84
N ASN C 29 20.61 -45.57 -6.21
CA ASN C 29 20.42 -46.63 -5.24
C ASN C 29 21.51 -46.58 -4.15
N LYS C 30 22.70 -46.16 -4.54
CA LYS C 30 23.85 -46.05 -3.61
C LYS C 30 23.74 -44.86 -2.64
N HIS C 31 22.88 -43.89 -2.99
CA HIS C 31 22.71 -42.63 -2.25
C HIS C 31 21.42 -42.59 -1.44
N LEU C 32 20.75 -43.73 -1.32
CA LEU C 32 19.50 -43.84 -0.57
C LEU C 32 19.62 -45.02 0.39
N ALA C 33 19.29 -44.83 1.67
CA ALA C 33 19.50 -45.89 2.67
C ALA C 33 18.49 -45.85 3.83
N VAL C 34 18.25 -47.00 4.44
CA VAL C 34 17.41 -47.05 5.62
C VAL C 34 18.32 -47.16 6.83
N ASN C 35 18.12 -46.29 7.80
CA ASN C 35 19.06 -46.20 8.92
C ASN C 35 19.13 -47.47 9.71
N ASP C 36 20.36 -47.88 10.04
CA ASP C 36 20.60 -48.83 11.10
C ASP C 36 21.60 -48.15 12.05
N PRO C 37 21.12 -47.72 13.23
CA PRO C 37 22.02 -46.99 14.14
C PRO C 37 23.14 -47.85 14.72
N ALA C 38 23.01 -49.18 14.61
CA ALA C 38 24.10 -50.12 14.92
C ALA C 38 25.31 -49.85 14.00
N VAL C 39 25.09 -49.92 12.69
CA VAL C 39 26.12 -49.59 11.71
C VAL C 39 26.78 -48.25 12.05
N THR C 40 28.10 -48.26 12.23
CA THR C 40 28.86 -47.06 12.61
C THR C 40 29.86 -46.64 11.53
N GLN C 41 29.93 -47.43 10.46
CA GLN C 41 30.69 -47.05 9.27
C GLN C 41 29.66 -46.77 8.18
N SER C 42 29.34 -45.50 7.99
CA SER C 42 28.27 -45.09 7.08
C SER C 42 28.59 -45.57 5.68
N LYS C 43 29.89 -45.62 5.38
CA LYS C 43 30.36 -46.13 4.10
C LYS C 43 29.62 -47.41 3.76
N LYS C 44 29.41 -48.26 4.75
CA LYS C 44 28.81 -49.57 4.53
C LYS C 44 27.31 -49.53 4.22
N CYS C 45 26.67 -48.38 4.39
CA CYS C 45 25.26 -48.29 4.02
C CYS C 45 24.88 -47.18 2.99
N ILE C 46 25.74 -46.16 2.79
CA ILE C 46 25.43 -45.06 1.85
C ILE C 46 26.68 -44.39 1.27
N ILE C 47 26.60 -44.03 -0.01
CA ILE C 47 27.64 -43.24 -0.67
C ILE C 47 27.30 -41.74 -0.65
N SER C 48 28.31 -40.89 -0.73
CA SER C 48 28.09 -39.45 -0.63
C SER C 48 29.23 -38.68 -1.27
N ASN C 49 29.02 -37.38 -1.47
CA ASN C 49 30.07 -36.53 -2.02
C ASN C 49 30.58 -37.01 -3.39
N LYS C 50 29.64 -37.47 -4.24
CA LYS C 50 29.92 -37.81 -5.65
C LYS C 50 29.21 -36.83 -6.58
N LYS C 51 29.51 -36.87 -7.87
CA LYS C 51 28.82 -36.01 -8.85
C LYS C 51 27.29 -36.25 -8.81
N SER C 52 26.52 -35.20 -9.11
CA SER C 52 25.11 -35.34 -9.33
C SER C 52 24.89 -35.93 -10.72
N GLN C 53 23.92 -36.83 -10.85
CA GLN C 53 23.53 -37.34 -12.17
C GLN C 53 22.87 -36.25 -13.00
N PRO C 54 23.19 -36.17 -14.29
CA PRO C 54 22.59 -35.09 -15.08
C PRO C 54 21.07 -35.19 -15.20
N GLY C 55 20.40 -34.05 -15.08
CA GLY C 55 19.04 -33.96 -15.54
C GLY C 55 18.01 -34.34 -14.53
N LEU C 56 18.44 -34.60 -13.28
CA LEU C 56 17.53 -35.17 -12.28
C LEU C 56 17.01 -34.14 -11.27
N MET C 57 17.40 -32.89 -11.46
CA MET C 57 16.98 -31.75 -10.62
C MET C 57 17.49 -31.87 -9.20
N THR C 58 18.80 -32.00 -9.09
CA THR C 58 19.45 -31.86 -7.80
C THR C 58 19.11 -30.49 -7.19
N ILE C 59 19.29 -30.39 -5.88
CA ILE C 59 18.96 -29.19 -5.11
C ILE C 59 20.27 -28.48 -4.79
N ARG C 60 21.36 -29.16 -5.09
CA ARG C 60 22.69 -28.64 -4.89
C ARG C 60 23.07 -27.33 -5.56
N GLY C 61 23.91 -26.58 -4.87
CA GLY C 61 24.60 -25.41 -5.40
C GLY C 61 26.00 -25.79 -5.91
N CYS C 62 26.84 -24.77 -6.06
CA CYS C 62 28.16 -24.90 -6.65
C CYS C 62 29.23 -24.37 -5.69
N ALA C 63 30.48 -24.53 -6.08
CA ALA C 63 31.61 -24.16 -5.21
C ALA C 63 31.68 -22.68 -4.86
N TYR C 64 31.22 -21.83 -5.77
CA TYR C 64 31.16 -20.39 -5.54
C TYR C 64 30.19 -20.10 -4.42
N ALA C 65 29.05 -20.80 -4.43
CA ALA C 65 28.09 -20.66 -3.33
C ALA C 65 28.74 -21.00 -1.98
N GLY C 66 29.57 -22.05 -1.96
CA GLY C 66 30.21 -22.48 -0.71
C GLY C 66 31.29 -21.56 -0.19
N SER C 67 32.00 -20.91 -1.13
CA SER C 67 33.06 -19.98 -0.80
C SER C 67 32.51 -18.59 -0.61
N LYS C 68 31.87 -18.05 -1.64
CA LYS C 68 31.40 -16.66 -1.52
C LYS C 68 30.14 -16.57 -0.65
N GLY C 69 29.13 -17.33 -1.02
CA GLY C 69 27.85 -17.28 -0.31
C GLY C 69 28.00 -17.66 1.16
N VAL C 70 28.78 -18.70 1.43
CA VAL C 70 28.76 -19.34 2.75
C VAL C 70 29.90 -18.88 3.68
N VAL C 71 31.15 -19.17 3.30
CA VAL C 71 32.34 -18.86 4.13
C VAL C 71 32.78 -17.40 4.10
N TRP C 72 33.00 -16.84 2.91
CA TRP C 72 33.62 -15.51 2.83
C TRP C 72 32.64 -14.33 2.90
N GLY C 73 31.55 -14.42 2.13
CA GLY C 73 30.54 -13.36 2.12
C GLY C 73 30.23 -12.69 3.45
N PRO C 74 30.10 -13.48 4.54
CA PRO C 74 29.68 -12.94 5.86
C PRO C 74 30.69 -11.99 6.53
N ILE C 75 31.96 -12.11 6.16
CA ILE C 75 33.02 -11.29 6.76
C ILE C 75 32.74 -9.84 6.44
N LYS C 76 32.53 -9.02 7.46
CA LYS C 76 31.77 -7.79 7.23
C LYS C 76 32.55 -6.58 6.81
N ASP C 77 33.84 -6.54 7.14
CA ASP C 77 34.63 -5.35 6.85
C ASP C 77 35.56 -5.53 5.66
N MET C 78 35.38 -6.63 4.92
CA MET C 78 36.06 -6.84 3.67
C MET C 78 35.08 -6.65 2.54
N ILE C 79 35.61 -6.45 1.33
CA ILE C 79 34.83 -6.37 0.14
C ILE C 79 35.10 -7.60 -0.69
N HIS C 80 34.01 -8.26 -1.07
CA HIS C 80 34.11 -9.54 -1.73
C HIS C 80 33.67 -9.38 -3.17
N ILE C 81 34.59 -9.59 -4.10
CA ILE C 81 34.33 -9.42 -5.52
C ILE C 81 33.84 -10.70 -6.19
N SER C 82 32.63 -10.68 -6.70
CA SER C 82 32.18 -11.79 -7.51
C SER C 82 32.75 -11.55 -8.87
N HIS C 83 33.76 -12.34 -9.22
CA HIS C 83 34.60 -12.06 -10.38
C HIS C 83 34.19 -12.96 -11.53
N GLY C 84 33.64 -12.34 -12.58
CA GLY C 84 32.94 -13.07 -13.60
C GLY C 84 31.70 -12.33 -14.07
N PRO C 85 30.82 -13.03 -14.82
CA PRO C 85 29.59 -12.44 -15.36
C PRO C 85 28.57 -12.10 -14.24
N VAL C 86 27.56 -11.33 -14.58
CA VAL C 86 26.68 -10.70 -13.59
C VAL C 86 25.75 -11.63 -12.76
N GLY C 87 25.38 -12.79 -13.29
CA GLY C 87 24.46 -13.72 -12.63
C GLY C 87 24.76 -14.07 -11.18
N CYS C 88 25.87 -14.77 -10.93
CA CYS C 88 26.15 -15.35 -9.61
C CYS C 88 26.06 -14.36 -8.43
N GLY C 89 26.75 -13.23 -8.56
CA GLY C 89 26.73 -12.18 -7.56
C GLY C 89 25.35 -11.60 -7.30
N GLN C 90 24.51 -11.62 -8.33
CA GLN C 90 23.20 -11.01 -8.24
C GLN C 90 22.19 -11.97 -7.58
N TYR C 91 22.21 -13.25 -7.96
CA TYR C 91 21.33 -14.23 -7.35
C TYR C 91 21.71 -14.48 -5.92
N SER C 92 22.98 -14.28 -5.60
CA SER C 92 23.41 -14.52 -4.24
C SER C 92 23.45 -13.25 -3.45
N ARG C 93 22.88 -12.17 -3.97
CA ARG C 93 22.93 -10.89 -3.23
C ARG C 93 21.88 -10.88 -2.12
N ALA C 94 22.34 -10.86 -0.87
CA ALA C 94 21.52 -10.72 0.32
C ALA C 94 20.50 -11.85 0.51
N GLY C 95 20.81 -13.02 -0.03
CA GLY C 95 19.86 -14.12 0.02
C GLY C 95 20.02 -14.94 1.28
N ARG C 96 21.21 -14.92 1.85
CA ARG C 96 21.53 -15.65 3.08
C ARG C 96 21.62 -14.70 4.23
N ARG C 97 20.99 -15.09 5.34
CA ARG C 97 20.80 -14.14 6.43
C ARG C 97 21.92 -14.19 7.46
N ASN C 98 23.15 -14.05 6.96
CA ASN C 98 24.37 -13.98 7.81
C ASN C 98 24.48 -12.60 8.44
N TYR C 99 23.91 -12.46 9.64
CA TYR C 99 23.64 -11.14 10.17
C TYR C 99 24.91 -10.50 10.71
N TYR C 100 24.94 -9.19 10.71
CA TYR C 100 26.11 -8.45 11.15
C TYR C 100 25.70 -7.07 11.63
N ILE C 101 26.60 -6.48 12.41
CA ILE C 101 26.50 -5.07 12.85
C ILE C 101 27.50 -4.23 12.06
N GLY C 102 27.01 -3.19 11.40
CA GLY C 102 27.90 -2.32 10.63
C GLY C 102 27.15 -1.25 9.88
N THR C 103 27.89 -0.37 9.21
CA THR C 103 27.33 0.72 8.45
C THR C 103 27.58 0.37 7.02
N THR C 104 26.55 -0.13 6.38
CA THR C 104 26.70 -0.82 5.11
C THR C 104 27.03 0.19 4.01
N GLY C 105 27.99 -0.15 3.18
CA GLY C 105 28.48 0.77 2.17
C GLY C 105 29.55 1.73 2.67
N VAL C 106 29.76 1.77 3.99
CA VAL C 106 30.77 2.63 4.59
C VAL C 106 31.89 1.80 5.24
N ASN C 107 31.56 1.04 6.27
CA ASN C 107 32.56 0.20 6.88
C ASN C 107 32.25 -1.28 6.79
N ALA C 108 31.05 -1.61 6.30
CA ALA C 108 30.68 -2.99 6.17
C ALA C 108 29.97 -3.18 4.83
N PHE C 109 30.08 -4.36 4.24
CA PHE C 109 29.68 -4.48 2.86
C PHE C 109 28.88 -5.72 2.50
N VAL C 110 28.36 -6.43 3.50
CA VAL C 110 27.84 -7.80 3.30
C VAL C 110 26.72 -7.95 2.26
N THR C 111 25.74 -7.06 2.30
CA THR C 111 24.55 -7.17 1.46
C THR C 111 24.67 -6.44 0.12
N MET C 112 25.86 -5.90 -0.11
CA MET C 112 26.23 -5.30 -1.40
C MET C 112 26.75 -6.35 -2.40
N ASN C 113 26.51 -6.12 -3.68
CA ASN C 113 27.01 -6.98 -4.73
C ASN C 113 28.05 -6.24 -5.53
N PHE C 114 29.33 -6.52 -5.26
CA PHE C 114 30.43 -6.02 -6.08
C PHE C 114 30.80 -7.08 -7.08
N THR C 115 30.94 -6.69 -8.35
CA THR C 115 31.19 -7.65 -9.42
C THR C 115 32.01 -6.99 -10.54
N SER C 116 32.72 -7.84 -11.29
CA SER C 116 33.47 -7.38 -12.45
C SER C 116 32.61 -7.45 -13.72
N ASP C 117 31.39 -7.95 -13.59
CA ASP C 117 30.41 -7.95 -14.72
C ASP C 117 31.09 -8.23 -16.04
N PHE C 118 31.70 -9.41 -16.14
CA PHE C 118 32.40 -9.83 -17.35
C PHE C 118 31.53 -9.68 -18.58
N GLN C 119 32.13 -9.06 -19.59
CA GLN C 119 31.59 -8.96 -20.93
C GLN C 119 32.45 -9.81 -21.87
N GLU C 120 32.06 -9.90 -23.13
CA GLU C 120 32.78 -10.75 -24.05
C GLU C 120 34.25 -10.40 -24.14
N LYS C 121 34.59 -9.13 -24.11
CA LYS C 121 36.00 -8.76 -24.27
C LYS C 121 36.89 -9.27 -23.11
N ASP C 122 36.27 -9.48 -21.95
CA ASP C 122 36.97 -10.08 -20.81
C ASP C 122 37.14 -11.58 -20.97
N ILE C 123 36.17 -12.23 -21.62
CA ILE C 123 36.25 -13.67 -21.87
C ILE C 123 37.32 -13.97 -22.91
N VAL C 124 37.37 -13.16 -23.96
CA VAL C 124 38.31 -13.37 -25.04
C VAL C 124 39.73 -13.00 -24.63
N PHE C 125 39.87 -11.90 -23.91
CA PHE C 125 41.21 -11.36 -23.61
C PHE C 125 41.65 -11.43 -22.16
N GLY C 126 40.80 -11.97 -21.29
CA GLY C 126 41.17 -12.12 -19.88
C GLY C 126 40.76 -10.96 -18.99
N GLY C 127 40.50 -11.24 -17.72
CA GLY C 127 39.99 -10.23 -16.81
C GLY C 127 40.96 -9.67 -15.81
N ASP C 128 42.24 -10.04 -15.92
CA ASP C 128 43.24 -9.67 -14.94
C ASP C 128 43.53 -8.18 -14.86
N LYS C 129 43.53 -7.50 -16.01
CA LYS C 129 43.67 -6.05 -16.02
C LYS C 129 42.42 -5.38 -15.45
N LYS C 130 41.26 -5.90 -15.82
CA LYS C 130 40.01 -5.37 -15.25
C LYS C 130 40.02 -5.48 -13.71
N LEU C 131 40.53 -6.60 -13.20
CA LEU C 131 40.58 -6.85 -11.75
C LEU C 131 41.42 -5.81 -11.05
N ALA C 132 42.58 -5.51 -11.64
CA ALA C 132 43.52 -4.56 -11.06
C ALA C 132 42.91 -3.19 -11.03
N LYS C 133 42.27 -2.82 -12.13
CA LYS C 133 41.54 -1.56 -12.20
C LYS C 133 40.39 -1.56 -11.19
N LEU C 134 39.63 -2.66 -11.13
CA LEU C 134 38.52 -2.78 -10.19
C LEU C 134 38.97 -2.53 -8.74
N ILE C 135 40.12 -3.10 -8.39
CA ILE C 135 40.68 -2.93 -7.05
C ILE C 135 41.00 -1.46 -6.74
N ASP C 136 41.54 -0.74 -7.70
CA ASP C 136 41.82 0.68 -7.49
C ASP C 136 40.50 1.44 -7.28
N GLU C 137 39.48 1.10 -8.04
CA GLU C 137 38.16 1.77 -7.96
C GLU C 137 37.49 1.49 -6.62
N VAL C 138 37.55 0.25 -6.19
CA VAL C 138 37.11 -0.10 -4.86
C VAL C 138 37.78 0.74 -3.78
N GLU C 139 39.10 0.86 -3.88
CA GLU C 139 39.89 1.51 -2.84
C GLU C 139 39.56 3.01 -2.78
N THR C 140 39.28 3.59 -3.94
CA THR C 140 38.84 4.98 -4.03
C THR C 140 37.46 5.24 -3.42
N LEU C 141 36.49 4.40 -3.75
CA LEU C 141 35.10 4.63 -3.39
C LEU C 141 34.70 3.98 -2.06
N PHE C 142 35.51 3.04 -1.58
CA PHE C 142 35.25 2.34 -0.31
C PHE C 142 36.52 2.27 0.53
N PRO C 143 37.00 3.43 1.00
CA PRO C 143 38.31 3.51 1.69
C PRO C 143 38.39 2.80 3.05
N LEU C 144 37.26 2.54 3.70
CA LEU C 144 37.32 1.92 5.02
C LEU C 144 37.32 0.41 4.98
N ASN C 145 37.28 -0.20 3.80
CA ASN C 145 37.42 -1.65 3.72
C ASN C 145 38.77 -2.05 4.28
N LYS C 146 38.82 -3.21 4.90
CA LYS C 146 40.06 -3.69 5.53
C LYS C 146 40.53 -4.93 4.80
N GLY C 147 40.15 -5.04 3.54
CA GLY C 147 40.65 -6.12 2.73
C GLY C 147 39.64 -6.53 1.70
N ILE C 148 40.11 -7.26 0.70
CA ILE C 148 39.30 -7.60 -0.46
C ILE C 148 39.45 -9.08 -0.73
N SER C 149 38.37 -9.76 -1.13
CA SER C 149 38.49 -11.14 -1.59
C SER C 149 38.02 -11.17 -2.99
N VAL C 150 38.56 -12.11 -3.77
CA VAL C 150 38.23 -12.28 -5.17
C VAL C 150 37.66 -13.67 -5.34
N GLN C 151 36.35 -13.74 -5.53
CA GLN C 151 35.65 -14.98 -5.58
C GLN C 151 35.39 -15.35 -7.02
N SER C 152 36.06 -16.40 -7.51
CA SER C 152 36.03 -16.74 -8.92
C SER C 152 34.77 -17.45 -9.36
N GLU C 153 34.16 -16.95 -10.43
CA GLU C 153 33.03 -17.60 -11.08
C GLU C 153 33.57 -18.46 -12.22
N CYS C 154 32.70 -19.29 -12.79
CA CYS C 154 33.10 -20.37 -13.71
C CYS C 154 34.19 -20.02 -14.74
N PRO C 155 34.03 -18.88 -15.47
CA PRO C 155 34.95 -18.56 -16.58
C PRO C 155 36.41 -18.28 -16.20
N ILE C 156 36.67 -17.80 -15.00
CA ILE C 156 38.00 -17.29 -14.66
C ILE C 156 39.09 -18.33 -14.94
N GLY C 157 39.00 -19.50 -14.31
CA GLY C 157 40.00 -20.54 -14.52
C GLY C 157 39.96 -21.08 -15.94
N LEU C 158 38.75 -21.21 -16.50
CA LEU C 158 38.60 -21.79 -17.83
C LEU C 158 39.30 -20.98 -18.90
N ILE C 159 39.51 -19.69 -18.65
CA ILE C 159 40.15 -18.83 -19.66
C ILE C 159 41.60 -18.52 -19.33
N GLY C 160 42.10 -19.10 -18.24
CA GLY C 160 43.51 -18.99 -17.89
C GLY C 160 43.92 -17.70 -17.20
N ASP C 161 42.97 -17.03 -16.57
CA ASP C 161 43.30 -15.83 -15.78
C ASP C 161 44.18 -16.24 -14.60
N ASP C 162 44.90 -15.28 -14.04
CA ASP C 162 45.80 -15.48 -12.89
C ASP C 162 45.49 -14.48 -11.77
N ILE C 163 44.41 -14.74 -11.04
CA ILE C 163 44.01 -13.83 -9.97
C ILE C 163 45.02 -13.84 -8.83
N GLU C 164 45.78 -14.94 -8.68
CA GLU C 164 46.78 -15.03 -7.64
CA GLU C 164 46.77 -15.00 -7.61
C GLU C 164 47.83 -13.94 -7.82
N SER C 165 48.32 -13.81 -9.04
CA SER C 165 49.31 -12.80 -9.36
C SER C 165 48.75 -11.38 -9.19
N VAL C 166 47.54 -11.13 -9.69
CA VAL C 166 46.94 -9.81 -9.51
C VAL C 166 46.84 -9.49 -8.02
N SER C 167 46.47 -10.48 -7.21
CA SER C 167 46.29 -10.23 -5.79
C SER C 167 47.63 -9.90 -5.10
N LYS C 168 48.65 -10.74 -5.35
CA LYS C 168 49.98 -10.50 -4.77
C LYS C 168 50.53 -9.12 -5.14
N VAL C 169 50.46 -8.81 -6.42
CA VAL C 169 51.00 -7.54 -6.93
C VAL C 169 50.23 -6.36 -6.33
N LYS C 170 48.91 -6.42 -6.45
CA LYS C 170 48.06 -5.34 -5.97
C LYS C 170 48.07 -5.27 -4.45
N GLY C 171 48.13 -6.43 -3.80
CA GLY C 171 48.25 -6.47 -2.35
C GLY C 171 49.52 -5.82 -1.83
N ALA C 172 50.64 -6.08 -2.48
CA ALA C 172 51.90 -5.46 -2.09
C ALA C 172 51.87 -3.97 -2.39
N GLU C 173 51.33 -3.61 -3.56
CA GLU C 173 51.26 -2.19 -3.95
C GLU C 173 50.47 -1.33 -2.98
N LEU C 174 49.32 -1.82 -2.51
CA LEU C 174 48.43 -1.01 -1.68
C LEU C 174 48.59 -1.33 -0.18
N SER C 175 49.50 -2.24 0.14
CA SER C 175 49.65 -2.75 1.50
C SER C 175 48.32 -3.30 2.03
N LYS C 176 47.65 -4.12 1.23
CA LYS C 176 46.31 -4.55 1.60
C LYS C 176 46.15 -6.05 1.39
N THR C 177 45.42 -6.67 2.32
CA THR C 177 45.09 -8.07 2.19
C THR C 177 44.10 -8.23 1.06
N ILE C 178 44.53 -8.93 0.02
CA ILE C 178 43.69 -9.28 -1.13
C ILE C 178 43.76 -10.78 -1.32
N VAL C 179 42.62 -11.44 -1.16
CA VAL C 179 42.58 -12.88 -1.11
C VAL C 179 42.01 -13.44 -2.41
N PRO C 180 42.83 -14.22 -3.16
CA PRO C 180 42.32 -14.86 -4.36
C PRO C 180 41.68 -16.19 -4.04
N VAL C 181 40.45 -16.38 -4.48
CA VAL C 181 39.78 -17.63 -4.20
C VAL C 181 39.34 -18.28 -5.50
N ARG C 182 39.85 -19.49 -5.72
CA ARG C 182 39.58 -20.20 -6.94
C ARG C 182 38.40 -21.12 -6.73
N CYS C 183 37.23 -20.52 -6.54
CA CYS C 183 36.04 -21.26 -6.17
C CYS C 183 35.10 -21.47 -7.36
N GLU C 184 35.63 -21.45 -8.57
CA GLU C 184 34.81 -21.63 -9.78
C GLU C 184 33.83 -22.78 -9.61
N GLY C 185 32.59 -22.54 -10.02
CA GLY C 185 31.49 -23.48 -9.82
C GLY C 185 31.57 -24.78 -10.60
N PHE C 186 32.46 -24.88 -11.56
CA PHE C 186 32.68 -26.18 -12.20
C PHE C 186 33.57 -27.07 -11.34
N ARG C 187 34.21 -26.50 -10.31
CA ARG C 187 35.02 -27.32 -9.43
C ARG C 187 34.16 -28.15 -8.48
N GLY C 188 34.58 -29.38 -8.24
CA GLY C 188 33.92 -30.23 -7.28
C GLY C 188 32.56 -30.68 -7.75
N VAL C 189 31.69 -30.98 -6.80
CA VAL C 189 30.39 -31.53 -7.14
C VAL C 189 29.25 -30.78 -6.46
N SER C 190 29.57 -29.74 -5.70
CA SER C 190 28.63 -29.15 -4.76
C SER C 190 29.28 -27.96 -4.05
N GLN C 191 28.53 -27.35 -3.12
CA GLN C 191 29.03 -26.26 -2.29
C GLN C 191 30.26 -26.71 -1.53
N SER C 192 30.35 -28.02 -1.26
CA SER C 192 31.37 -28.54 -0.34
C SER C 192 32.81 -28.19 -0.69
N LEU C 193 33.24 -28.47 -1.90
CA LEU C 193 34.61 -28.13 -2.29
C LEU C 193 34.85 -26.63 -2.12
N GLY C 194 33.77 -25.85 -2.22
CA GLY C 194 33.84 -24.41 -1.96
C GLY C 194 34.26 -24.09 -0.54
N HIS C 195 33.71 -24.79 0.44
CA HIS C 195 34.18 -24.60 1.81
C HIS C 195 35.68 -24.87 1.89
N HIS C 196 36.09 -26.00 1.32
CA HIS C 196 37.50 -26.39 1.43
C HIS C 196 38.41 -25.33 0.82
N ILE C 197 38.10 -24.96 -0.41
CA ILE C 197 38.89 -23.96 -1.12
C ILE C 197 38.96 -22.66 -0.33
N ALA C 198 37.84 -22.36 0.33
CA ALA C 198 37.70 -21.14 1.09
C ALA C 198 38.54 -21.19 2.37
N ASN C 199 38.51 -22.31 3.08
CA ASN C 199 39.38 -22.46 4.25
C ASN C 199 40.83 -22.31 3.83
N ASP C 200 41.20 -22.97 2.73
CA ASP C 200 42.60 -22.93 2.30
C ASP C 200 43.07 -21.50 2.00
N ALA C 201 42.20 -20.71 1.39
CA ALA C 201 42.51 -19.32 1.09
C ALA C 201 42.69 -18.48 2.36
N VAL C 202 41.92 -18.80 3.41
CA VAL C 202 42.05 -18.12 4.72
C VAL C 202 43.42 -18.43 5.28
N ARG C 203 43.73 -19.71 5.35
CA ARG C 203 45.05 -20.15 5.80
C ARG C 203 46.19 -19.44 5.06
N ASP C 204 46.08 -19.40 3.73
CA ASP C 204 47.19 -19.00 2.90
C ASP C 204 47.34 -17.49 2.82
N TRP C 205 46.26 -16.74 3.02
CA TRP C 205 46.30 -15.32 2.75
C TRP C 205 45.95 -14.40 3.91
N VAL C 206 45.38 -14.94 4.98
CA VAL C 206 44.96 -14.09 6.11
C VAL C 206 45.50 -14.57 7.44
N LEU C 207 45.30 -15.86 7.70
CA LEU C 207 45.39 -16.40 9.06
C LEU C 207 46.77 -16.28 9.68
N GLY C 208 47.80 -16.17 8.84
CA GLY C 208 49.18 -16.14 9.30
C GLY C 208 49.70 -14.76 9.65
N LYS C 209 48.90 -13.75 9.39
CA LYS C 209 49.38 -12.37 9.43
C LYS C 209 49.96 -11.97 10.78
N ARG C 210 49.45 -12.52 11.87
CA ARG C 210 49.95 -12.10 13.19
C ARG C 210 50.80 -13.16 13.88
N ASP C 211 51.39 -14.05 13.10
CA ASP C 211 52.20 -15.12 13.66
C ASP C 211 53.36 -14.59 14.53
N GLU C 212 53.88 -13.41 14.22
CA GLU C 212 54.99 -12.80 14.99
C GLU C 212 54.51 -11.85 16.07
N ASP C 213 53.20 -11.68 16.18
CA ASP C 213 52.64 -10.65 17.05
C ASP C 213 52.35 -11.13 18.44
N THR C 214 52.88 -10.42 19.42
CA THR C 214 52.70 -10.76 20.82
C THR C 214 52.00 -9.65 21.59
N THR C 215 51.32 -8.75 20.89
CA THR C 215 50.62 -7.64 21.55
C THR C 215 49.21 -8.00 22.00
N PHE C 216 48.72 -9.17 21.58
CA PHE C 216 47.37 -9.55 21.97
C PHE C 216 47.35 -9.99 23.42
N ALA C 217 46.48 -9.38 24.23
CA ALA C 217 46.40 -9.70 25.66
C ALA C 217 45.55 -10.95 25.87
N SER C 218 46.21 -12.11 25.93
CA SER C 218 45.52 -13.40 26.00
C SER C 218 45.11 -13.79 27.42
N THR C 219 44.08 -14.65 27.52
CA THR C 219 43.61 -15.17 28.80
C THR C 219 43.41 -16.67 28.69
N PRO C 220 43.32 -17.34 29.83
CA PRO C 220 43.06 -18.78 29.82
C PRO C 220 41.70 -19.17 29.18
N TYR C 221 40.80 -18.20 29.05
CA TYR C 221 39.41 -18.49 28.67
C TYR C 221 39.02 -18.09 27.23
N ASP C 222 40.01 -17.83 26.40
CA ASP C 222 39.78 -17.38 25.02
C ASP C 222 39.39 -18.54 24.09
N VAL C 223 38.32 -18.32 23.36
CA VAL C 223 37.80 -19.28 22.45
C VAL C 223 37.43 -18.60 21.14
N ALA C 224 37.25 -19.37 20.09
CA ALA C 224 36.71 -18.85 18.87
C ALA C 224 35.50 -19.68 18.51
N ILE C 225 34.43 -19.04 18.04
CA ILE C 225 33.31 -19.79 17.49
C ILE C 225 33.59 -20.08 16.03
N ILE C 226 33.80 -21.35 15.69
CA ILE C 226 34.17 -21.72 14.31
C ILE C 226 33.01 -22.39 13.59
N GLY C 227 32.61 -21.83 12.45
CA GLY C 227 31.52 -22.41 11.65
C GLY C 227 30.13 -22.04 12.17
N ASP C 228 29.93 -20.78 12.52
CA ASP C 228 28.59 -20.24 12.81
C ASP C 228 28.47 -18.95 12.03
N TYR C 229 27.47 -18.93 11.14
CA TYR C 229 27.34 -17.88 10.16
C TYR C 229 26.25 -16.86 10.57
N ASN C 230 25.76 -17.01 11.80
CA ASN C 230 24.86 -16.04 12.43
C ASN C 230 23.57 -15.82 11.65
N ILE C 231 22.98 -16.91 11.20
CA ILE C 231 21.75 -16.86 10.47
C ILE C 231 20.67 -16.38 11.45
N GLY C 232 20.07 -15.23 11.14
CA GLY C 232 19.06 -14.65 12.00
C GLY C 232 19.56 -14.28 13.37
N GLY C 233 20.88 -14.23 13.55
CA GLY C 233 21.49 -13.93 14.84
C GLY C 233 21.96 -15.14 15.64
N ASP C 234 21.91 -16.33 15.04
CA ASP C 234 22.32 -17.58 15.70
C ASP C 234 23.63 -17.50 16.50
N ALA C 235 24.61 -16.75 16.00
CA ALA C 235 25.91 -16.74 16.60
C ALA C 235 25.95 -15.84 17.83
N TRP C 236 25.18 -14.75 17.78
CA TRP C 236 24.99 -13.91 18.94
C TRP C 236 24.28 -14.59 20.10
N SER C 237 23.26 -15.36 19.79
CA SER C 237 22.54 -16.08 20.84
C SER C 237 23.28 -17.35 21.28
N SER C 238 24.47 -17.57 20.72
CA SER C 238 25.37 -18.65 21.17
C SER C 238 26.50 -18.02 22.00
N ARG C 239 27.10 -16.99 21.42
CA ARG C 239 28.12 -16.18 22.03
C ARG C 239 27.76 -15.74 23.45
N ILE C 240 26.51 -15.30 23.63
CA ILE C 240 26.07 -14.74 24.89
C ILE C 240 26.19 -15.79 25.99
N LEU C 241 25.86 -17.03 25.66
CA LEU C 241 25.95 -18.13 26.62
C LEU C 241 27.40 -18.45 26.99
N LEU C 242 28.28 -18.49 25.99
CA LEU C 242 29.66 -18.79 26.25
C LEU C 242 30.30 -17.75 27.16
N GLU C 243 29.96 -16.49 26.95
CA GLU C 243 30.52 -15.42 27.77
C GLU C 243 29.88 -15.31 29.14
N GLU C 244 28.60 -15.67 29.26
CA GLU C 244 27.98 -15.78 30.57
C GLU C 244 28.66 -16.91 31.35
N MET C 245 29.15 -17.91 30.63
CA MET C 245 29.89 -19.01 31.24
C MET C 245 31.32 -18.60 31.64
N GLY C 246 31.73 -17.38 31.28
CA GLY C 246 33.06 -16.88 31.66
C GLY C 246 34.11 -16.98 30.56
N LEU C 247 33.72 -17.43 29.38
CA LEU C 247 34.69 -17.52 28.30
C LEU C 247 34.76 -16.20 27.54
N ARG C 248 35.85 -16.02 26.79
CA ARG C 248 36.03 -14.84 26.00
C ARG C 248 36.06 -15.23 24.55
N CYS C 249 35.02 -14.82 23.84
CA CYS C 249 34.87 -15.17 22.44
CA CYS C 249 34.88 -15.18 22.45
C CYS C 249 35.64 -14.21 21.54
N VAL C 250 36.84 -14.62 21.18
CA VAL C 250 37.75 -13.78 20.41
C VAL C 250 37.32 -13.62 18.97
N ALA C 251 36.68 -14.64 18.40
CA ALA C 251 36.35 -14.64 16.99
C ALA C 251 35.10 -15.43 16.70
N GLN C 252 34.41 -15.02 15.64
CA GLN C 252 33.26 -15.73 15.07
C GLN C 252 33.50 -15.91 13.59
N TRP C 253 33.53 -17.18 13.17
CA TRP C 253 33.82 -17.55 11.81
C TRP C 253 32.58 -18.13 11.16
N SER C 254 31.87 -17.39 10.30
CA SER C 254 32.21 -16.02 9.90
C SER C 254 31.03 -15.05 10.03
N GLY C 255 29.95 -15.49 10.65
CA GLY C 255 28.82 -14.62 10.86
C GLY C 255 29.20 -13.44 11.74
N ASP C 256 28.87 -12.25 11.24
CA ASP C 256 29.25 -11.00 11.90
C ASP C 256 30.73 -10.89 12.17
N GLY C 257 31.52 -11.62 11.38
CA GLY C 257 32.97 -11.69 11.58
C GLY C 257 33.73 -10.55 10.94
N SER C 258 34.82 -10.14 11.59
CA SER C 258 35.74 -9.13 11.07
C SER C 258 37.07 -9.77 10.63
N ILE C 259 37.77 -9.15 9.69
CA ILE C 259 39.10 -9.67 9.35
C ILE C 259 40.00 -9.71 10.58
N SER C 260 39.97 -8.72 11.45
CA SER C 260 40.91 -8.75 12.59
C SER C 260 40.65 -9.94 13.51
N GLU C 261 39.38 -10.30 13.70
CA GLU C 261 39.04 -11.46 14.53
C GLU C 261 39.61 -12.73 13.97
N ILE C 262 39.55 -12.85 12.64
CA ILE C 262 40.13 -14.00 11.96
C ILE C 262 41.64 -14.04 12.30
N GLU C 263 42.31 -12.91 12.11
CA GLU C 263 43.76 -12.86 12.37
C GLU C 263 44.16 -13.18 13.83
N LEU C 264 43.24 -12.96 14.78
CA LEU C 264 43.53 -13.19 16.20
C LEU C 264 43.22 -14.62 16.64
N THR C 265 42.53 -15.36 15.79
CA THR C 265 42.08 -16.68 16.18
C THR C 265 43.24 -17.61 16.59
N PRO C 266 44.41 -17.50 15.94
CA PRO C 266 45.53 -18.37 16.32
C PRO C 266 46.02 -18.17 17.75
N LYS C 267 45.51 -17.13 18.40
CA LYS C 267 45.86 -16.81 19.79
C LYS C 267 44.94 -17.47 20.82
N VAL C 268 43.88 -18.16 20.40
CA VAL C 268 42.90 -18.61 21.39
C VAL C 268 43.32 -19.93 22.03
N LYS C 269 42.62 -20.33 23.08
CA LYS C 269 42.96 -21.58 23.74
C LYS C 269 42.18 -22.76 23.15
N LEU C 270 41.01 -22.50 22.57
CA LEU C 270 40.14 -23.57 22.14
C LEU C 270 39.25 -23.12 20.98
N ASN C 271 39.23 -23.90 19.90
CA ASN C 271 38.34 -23.66 18.78
C ASN C 271 37.07 -24.49 18.93
N LEU C 272 35.93 -23.82 19.04
CA LEU C 272 34.64 -24.48 19.23
C LEU C 272 33.94 -24.62 17.89
N VAL C 273 33.84 -25.84 17.38
CA VAL C 273 33.32 -26.05 16.02
C VAL C 273 31.86 -26.45 16.01
N HIS C 274 31.04 -25.57 15.45
CA HIS C 274 29.63 -25.87 15.24
C HIS C 274 29.50 -26.54 13.88
N CYS C 275 29.69 -25.81 12.79
CA CYS C 275 29.64 -26.45 11.46
C CYS C 275 30.95 -27.15 11.11
N TYR C 276 31.01 -28.41 11.48
CA TYR C 276 32.12 -29.31 11.12
C TYR C 276 32.34 -29.38 9.61
N ARG C 277 31.29 -29.61 8.84
CA ARG C 277 31.50 -29.79 7.38
C ARG C 277 32.26 -28.62 6.76
N SER C 278 31.82 -27.39 7.00
CA SER C 278 32.39 -26.23 6.32
C SER C 278 33.73 -25.78 6.89
N MET C 279 34.01 -26.07 8.15
CA MET C 279 35.29 -25.60 8.76
C MET C 279 36.14 -26.59 9.57
N ASN C 280 35.93 -27.89 9.40
CA ASN C 280 36.89 -28.85 9.96
C ASN C 280 38.29 -28.69 9.35
N TYR C 281 38.37 -28.29 8.08
CA TYR C 281 39.69 -28.09 7.43
C TYR C 281 40.60 -27.09 8.18
N ILE C 282 40.12 -25.88 8.43
CA ILE C 282 40.95 -24.87 9.07
C ILE C 282 41.17 -25.21 10.56
N SER C 283 40.19 -25.85 11.17
CA SER C 283 40.33 -26.27 12.55
C SER C 283 41.46 -27.29 12.73
N ARG C 284 41.56 -28.25 11.80
CA ARG C 284 42.65 -29.24 11.84
C ARG C 284 44.00 -28.56 11.60
N HIS C 285 44.03 -27.60 10.69
CA HIS C 285 45.26 -26.90 10.40
C HIS C 285 45.73 -26.12 11.63
N MET C 286 44.78 -25.49 12.32
CA MET C 286 45.14 -24.67 13.46
C MET C 286 45.67 -25.55 14.59
N GLU C 287 45.16 -26.77 14.69
CA GLU C 287 45.65 -27.68 15.72
C GLU C 287 47.07 -28.09 15.37
N GLU C 288 47.29 -28.40 14.10
CA GLU C 288 48.56 -28.90 13.65
C GLU C 288 49.61 -27.79 13.76
N LYS C 289 49.26 -26.60 13.31
CA LYS C 289 50.23 -25.50 13.27
C LYS C 289 50.40 -24.75 14.60
N TYR C 290 49.31 -24.46 15.31
CA TYR C 290 49.42 -23.61 16.52
C TYR C 290 49.19 -24.42 17.79
N GLY C 291 48.92 -25.70 17.64
CA GLY C 291 48.60 -26.56 18.78
C GLY C 291 47.27 -26.26 19.44
N ILE C 292 46.35 -25.60 18.73
CA ILE C 292 45.03 -25.29 19.33
C ILE C 292 44.06 -26.46 19.17
N PRO C 293 43.57 -26.99 20.30
CA PRO C 293 42.63 -28.08 20.20
C PRO C 293 41.27 -27.59 19.64
N TRP C 294 40.54 -28.45 18.96
CA TRP C 294 39.19 -28.09 18.53
C TRP C 294 38.20 -29.15 18.96
N MET C 295 36.97 -28.74 19.25
CA MET C 295 35.89 -29.70 19.59
C MET C 295 34.57 -29.39 18.91
N GLU C 296 33.77 -30.41 18.61
CA GLU C 296 32.48 -30.17 17.98
C GLU C 296 31.45 -29.88 19.02
N TYR C 297 30.52 -28.96 18.75
CA TYR C 297 29.41 -28.73 19.67
C TYR C 297 28.06 -28.53 18.96
N ASN C 298 27.01 -28.35 19.76
CA ASN C 298 25.65 -28.29 19.23
C ASN C 298 24.77 -27.45 20.13
N PHE C 299 24.32 -26.31 19.60
CA PHE C 299 23.49 -25.39 20.33
C PHE C 299 22.06 -25.36 19.80
N PHE C 300 21.59 -26.48 19.27
CA PHE C 300 20.19 -26.60 18.91
C PHE C 300 19.35 -27.26 20.01
N GLY C 301 18.54 -26.48 20.71
CA GLY C 301 17.62 -27.01 21.72
C GLY C 301 18.24 -27.14 23.11
N PRO C 302 17.41 -27.27 24.16
CA PRO C 302 17.98 -27.30 25.51
C PRO C 302 18.87 -28.51 25.79
N THR C 303 18.47 -29.70 25.38
CA THR C 303 19.29 -30.88 25.68
C THR C 303 20.74 -30.76 25.13
N LYS C 304 20.86 -30.44 23.84
CA LYS C 304 22.17 -30.35 23.20
C LYS C 304 23.00 -29.18 23.72
N THR C 305 22.34 -28.06 24.02
CA THR C 305 23.00 -26.83 24.44
C THR C 305 23.57 -27.01 25.86
N ILE C 306 22.80 -27.67 26.74
CA ILE C 306 23.27 -27.99 28.09
C ILE C 306 24.46 -28.95 28.07
N GLU C 307 24.33 -30.03 27.29
CA GLU C 307 25.41 -30.98 27.09
C GLU C 307 26.65 -30.30 26.49
N SER C 308 26.44 -29.42 25.51
CA SER C 308 27.54 -28.66 24.94
C SER C 308 28.21 -27.72 25.93
N LEU C 309 27.43 -26.93 26.66
CA LEU C 309 28.02 -26.00 27.62
C LEU C 309 28.93 -26.79 28.58
N ARG C 310 28.41 -27.91 29.06
CA ARG C 310 29.09 -28.74 30.03
C ARG C 310 30.40 -29.34 29.48
N ALA C 311 30.40 -29.78 28.23
CA ALA C 311 31.61 -30.38 27.65
C ALA C 311 32.70 -29.32 27.42
N ILE C 312 32.26 -28.12 27.03
CA ILE C 312 33.15 -27.00 26.74
C ILE C 312 33.77 -26.54 28.06
N ALA C 313 32.94 -26.42 29.10
CA ALA C 313 33.39 -25.95 30.41
C ALA C 313 34.46 -26.88 30.99
N ALA C 314 34.32 -28.16 30.69
CA ALA C 314 35.16 -29.20 31.24
C ALA C 314 36.55 -29.14 30.68
N LYS C 315 36.73 -28.39 29.59
CA LYS C 315 38.06 -28.17 29.05
C LYS C 315 38.80 -27.11 29.86
N PHE C 316 38.09 -26.38 30.70
CA PHE C 316 38.74 -25.32 31.48
C PHE C 316 38.83 -25.69 32.95
N ASP C 317 38.73 -24.70 33.82
CA ASP C 317 38.97 -24.92 35.24
C ASP C 317 37.65 -24.85 36.01
N GLU C 318 37.74 -24.97 37.34
CA GLU C 318 36.56 -25.09 38.17
C GLU C 318 35.66 -23.87 38.14
N SER C 319 36.26 -22.70 37.97
CA SER C 319 35.50 -21.44 37.95
C SER C 319 34.59 -21.37 36.71
N ILE C 320 35.03 -21.97 35.62
CA ILE C 320 34.23 -22.01 34.40
C ILE C 320 33.12 -23.06 34.52
N GLN C 321 33.44 -24.22 35.10
CA GLN C 321 32.44 -25.26 35.32
C GLN C 321 31.39 -24.81 36.33
N LYS C 322 31.80 -24.00 37.30
CA LYS C 322 30.83 -23.35 38.20
C LYS C 322 29.92 -22.38 37.43
N LYS C 323 30.49 -21.53 36.59
CA LYS C 323 29.66 -20.60 35.83
C LYS C 323 28.76 -21.34 34.84
N CYS C 324 29.25 -22.46 34.29
CA CYS C 324 28.44 -23.31 33.41
C CYS C 324 27.14 -23.67 34.09
N GLU C 325 27.24 -24.16 35.32
CA GLU C 325 26.07 -24.57 36.07
C GLU C 325 25.16 -23.37 36.42
N GLU C 326 25.74 -22.19 36.61
CA GLU C 326 24.93 -20.97 36.86
C GLU C 326 24.14 -20.57 35.62
N VAL C 327 24.76 -20.65 34.47
CA VAL C 327 24.06 -20.40 33.20
C VAL C 327 22.89 -21.40 33.04
N ILE C 328 23.18 -22.68 33.19
CA ILE C 328 22.19 -23.71 32.98
C ILE C 328 20.99 -23.51 33.92
N ALA C 329 21.27 -23.13 35.17
CA ALA C 329 20.21 -22.80 36.15
C ALA C 329 19.41 -21.55 35.79
N LYS C 330 20.09 -20.54 35.25
CA LYS C 330 19.44 -19.31 34.85
C LYS C 330 18.37 -19.58 33.79
N TYR C 331 18.71 -20.34 32.77
CA TYR C 331 17.82 -20.51 31.62
C TYR C 331 16.83 -21.67 31.75
N LYS C 332 17.05 -22.54 32.73
CA LYS C 332 16.15 -23.68 32.95
C LYS C 332 14.67 -23.30 32.94
N PRO C 333 14.27 -22.31 33.77
CA PRO C 333 12.84 -21.97 33.76
C PRO C 333 12.36 -21.45 32.39
N GLU C 334 13.24 -20.75 31.69
CA GLU C 334 12.85 -20.19 30.38
C GLU C 334 12.59 -21.29 29.36
N TRP C 335 13.52 -22.23 29.15
CA TRP C 335 13.26 -23.30 28.17
C TRP C 335 12.21 -24.30 28.65
N GLU C 336 12.12 -24.49 29.96
CA GLU C 336 11.04 -25.32 30.49
C GLU C 336 9.68 -24.73 30.18
N ALA C 337 9.53 -23.42 30.33
CA ALA C 337 8.26 -22.78 29.97
C ALA C 337 7.95 -22.97 28.49
N VAL C 338 8.98 -22.92 27.64
CA VAL C 338 8.79 -23.16 26.20
C VAL C 338 8.29 -24.58 25.93
N VAL C 339 8.93 -25.55 26.57
CA VAL C 339 8.53 -26.94 26.42
C VAL C 339 7.07 -27.11 26.92
N ALA C 340 6.74 -26.55 28.07
CA ALA C 340 5.40 -26.73 28.64
C ALA C 340 4.33 -26.23 27.68
N LYS C 341 4.59 -25.08 27.06
CA LYS C 341 3.63 -24.49 26.12
C LYS C 341 3.56 -25.22 24.79
N TYR C 342 4.71 -25.59 24.22
CA TYR C 342 4.75 -26.03 22.84
C TYR C 342 4.82 -27.55 22.62
N ARG C 343 5.47 -28.28 23.51
CA ARG C 343 5.55 -29.71 23.28
C ARG C 343 4.16 -30.36 23.17
N PRO C 344 3.23 -30.03 24.09
CA PRO C 344 1.90 -30.62 23.93
C PRO C 344 1.25 -30.33 22.58
N ARG C 345 1.65 -29.25 21.91
CA ARG C 345 1.07 -28.91 20.62
CA ARG C 345 1.08 -28.89 20.62
C ARG C 345 1.77 -29.65 19.49
N LEU C 346 2.91 -30.25 19.79
CA LEU C 346 3.75 -30.85 18.75
C LEU C 346 4.07 -32.31 18.98
N GLU C 347 3.76 -32.82 20.16
CA GLU C 347 4.12 -34.19 20.53
C GLU C 347 3.66 -35.22 19.49
N GLY C 348 4.54 -36.13 19.11
CA GLY C 348 4.19 -37.19 18.19
C GLY C 348 4.27 -36.84 16.72
N LYS C 349 4.44 -35.54 16.42
CA LYS C 349 4.48 -35.09 15.03
C LYS C 349 5.74 -35.56 14.33
N ARG C 350 5.62 -35.87 13.04
CA ARG C 350 6.69 -36.49 12.27
C ARG C 350 7.29 -35.52 11.25
N VAL C 351 8.62 -35.36 11.29
CA VAL C 351 9.32 -34.40 10.43
C VAL C 351 10.28 -35.08 9.46
N MET C 352 10.32 -34.57 8.23
CA MET C 352 11.34 -34.93 7.25
C MET C 352 12.17 -33.71 6.93
N LEU C 353 13.48 -33.87 6.91
CA LEU C 353 14.36 -32.80 6.64
C LEU C 353 15.14 -33.05 5.40
N TYR C 354 15.53 -31.98 4.73
CA TYR C 354 16.58 -32.04 3.71
C TYR C 354 17.30 -30.71 3.71
N ILE C 355 18.59 -30.72 4.05
CA ILE C 355 19.35 -29.46 4.10
C ILE C 355 20.79 -29.72 3.62
N GLY C 356 21.77 -28.96 4.10
CA GLY C 356 23.06 -28.88 3.43
C GLY C 356 24.15 -29.84 3.86
N GLY C 357 24.77 -29.55 5.00
CA GLY C 357 25.91 -30.30 5.45
C GLY C 357 25.97 -30.50 6.96
N LEU C 358 25.03 -29.88 7.70
CA LEU C 358 25.09 -29.95 9.15
C LEU C 358 23.73 -30.16 9.82
N ARG C 359 22.83 -29.23 9.53
CA ARG C 359 21.56 -29.16 10.17
C ARG C 359 20.71 -30.44 10.05
N PRO C 360 20.89 -31.21 8.96
CA PRO C 360 20.08 -32.43 8.79
C PRO C 360 20.22 -33.39 9.99
N ARG C 361 21.34 -33.29 10.70
CA ARG C 361 21.52 -34.06 11.94
CA ARG C 361 21.54 -34.06 11.93
C ARG C 361 21.48 -33.19 13.18
N HIS C 362 21.98 -31.97 13.07
CA HIS C 362 22.15 -31.12 14.25
C HIS C 362 20.84 -30.66 14.89
N VAL C 363 19.76 -30.61 14.11
CA VAL C 363 18.51 -30.08 14.66
C VAL C 363 17.62 -31.18 15.24
N ILE C 364 18.02 -32.44 15.11
CA ILE C 364 17.16 -33.56 15.55
C ILE C 364 16.84 -33.44 17.04
N GLY C 365 17.84 -33.12 17.85
CA GLY C 365 17.66 -33.02 19.29
C GLY C 365 16.65 -31.96 19.69
N ALA C 366 16.65 -30.84 18.94
CA ALA C 366 15.68 -29.78 19.21
C ALA C 366 14.26 -30.25 18.89
N TYR C 367 14.09 -30.97 17.78
CA TYR C 367 12.76 -31.52 17.46
C TYR C 367 12.29 -32.49 18.56
N GLU C 368 13.19 -33.38 18.98
CA GLU C 368 12.93 -34.35 20.04
C GLU C 368 12.60 -33.64 21.35
N ASP C 369 13.19 -32.47 21.61
CA ASP C 369 12.89 -31.75 22.85
C ASP C 369 11.45 -31.22 22.83
N LEU C 370 10.80 -31.34 21.69
CA LEU C 370 9.41 -30.92 21.56
C LEU C 370 8.54 -32.14 21.27
N GLY C 371 9.10 -33.32 21.48
CA GLY C 371 8.37 -34.56 21.30
C GLY C 371 8.15 -34.96 19.87
N MET C 372 8.85 -34.33 18.94
CA MET C 372 8.65 -34.64 17.54
C MET C 372 9.66 -35.69 17.10
N GLU C 373 9.37 -36.33 15.97
CA GLU C 373 10.21 -37.42 15.47
C GLU C 373 10.64 -37.12 14.05
N VAL C 374 11.96 -37.17 13.81
CA VAL C 374 12.52 -37.02 12.49
C VAL C 374 12.56 -38.38 11.77
N VAL C 375 11.63 -38.59 10.85
CA VAL C 375 11.48 -39.89 10.22
C VAL C 375 12.27 -39.97 8.93
N GLY C 376 12.85 -38.85 8.52
CA GLY C 376 13.63 -38.85 7.30
C GLY C 376 14.58 -37.68 7.30
N THR C 377 15.82 -37.92 6.89
CA THR C 377 16.74 -36.82 6.74
C THR C 377 17.75 -37.08 5.65
N GLY C 378 18.32 -36.00 5.16
CA GLY C 378 19.32 -36.07 4.13
C GLY C 378 20.06 -34.76 3.94
N TYR C 379 21.14 -34.83 3.19
CA TYR C 379 21.98 -33.68 2.92
C TYR C 379 22.22 -33.54 1.43
N GLU C 380 22.37 -32.30 1.01
CA GLU C 380 22.77 -31.98 -0.36
C GLU C 380 24.22 -32.43 -0.64
N PHE C 381 25.13 -32.16 0.28
CA PHE C 381 26.55 -32.25 -0.01
C PHE C 381 27.45 -32.75 1.14
N ALA C 382 26.88 -33.42 2.14
CA ALA C 382 27.66 -34.02 3.23
C ALA C 382 28.63 -35.12 2.75
N HIS C 383 29.64 -35.39 3.55
CA HIS C 383 30.58 -36.49 3.26
C HIS C 383 30.27 -37.65 4.18
N ASN C 384 30.92 -38.79 3.96
CA ASN C 384 30.68 -39.93 4.80
C ASN C 384 30.93 -39.69 6.32
N ASP C 385 31.92 -38.88 6.70
CA ASP C 385 32.08 -38.60 8.14
C ASP C 385 30.86 -37.89 8.73
N ASP C 386 30.13 -37.12 7.92
CA ASP C 386 28.84 -36.57 8.38
C ASP C 386 27.80 -37.69 8.56
N TYR C 387 27.73 -38.61 7.62
CA TYR C 387 26.72 -39.68 7.73
C TYR C 387 27.04 -40.58 8.93
N ASP C 388 28.32 -40.72 9.26
CA ASP C 388 28.69 -41.48 10.47
C ASP C 388 28.04 -40.81 11.67
N ARG C 389 28.15 -39.49 11.74
CA ARG C 389 27.61 -38.75 12.88
C ARG C 389 26.09 -38.78 12.93
N THR C 390 25.49 -39.07 11.77
CA THR C 390 24.05 -38.98 11.59
C THR C 390 23.33 -40.27 12.01
N MET C 391 23.94 -41.42 11.71
CA MET C 391 23.26 -42.68 11.88
C MET C 391 22.95 -42.94 13.36
N LYS C 392 23.77 -42.42 14.26
CA LYS C 392 23.44 -42.54 15.69
C LYS C 392 22.40 -41.54 16.17
N GLU C 393 22.25 -40.40 15.49
CA GLU C 393 21.20 -39.42 15.86
C GLU C 393 19.83 -39.83 15.34
N MET C 394 19.81 -40.52 14.21
CA MET C 394 18.56 -40.90 13.60
C MET C 394 18.06 -42.22 14.22
N GLY C 395 16.74 -42.34 14.35
CA GLY C 395 16.13 -43.55 14.85
C GLY C 395 16.29 -44.68 13.86
N ASP C 396 16.14 -45.91 14.34
CA ASP C 396 16.30 -47.04 13.48
C ASP C 396 15.18 -47.06 12.45
N SER C 397 15.48 -47.62 11.29
CA SER C 397 14.51 -47.80 10.20
C SER C 397 13.97 -46.48 9.62
N THR C 398 14.68 -45.37 9.86
CA THR C 398 14.36 -44.09 9.23
C THR C 398 15.01 -44.00 7.86
N LEU C 399 14.54 -43.09 7.03
CA LEU C 399 15.06 -42.95 5.65
C LEU C 399 16.18 -41.94 5.60
N LEU C 400 17.26 -42.29 4.88
CA LEU C 400 18.34 -41.37 4.64
C LEU C 400 18.53 -41.13 3.14
N TYR C 401 18.72 -39.89 2.71
CA TYR C 401 18.88 -39.59 1.28
C TYR C 401 20.01 -38.59 1.08
N ASP C 402 20.97 -38.95 0.24
CA ASP C 402 22.06 -38.05 -0.14
C ASP C 402 21.82 -37.45 -1.51
N ASP C 403 21.96 -36.12 -1.61
CA ASP C 403 21.78 -35.44 -2.87
C ASP C 403 20.47 -35.93 -3.52
N VAL C 404 19.40 -35.85 -2.75
CA VAL C 404 18.10 -36.30 -3.20
C VAL C 404 17.66 -35.53 -4.47
N THR C 405 16.92 -36.23 -5.33
CA THR C 405 16.40 -35.62 -6.53
C THR C 405 15.02 -35.08 -6.23
N GLY C 406 14.55 -34.18 -7.08
CA GLY C 406 13.27 -33.54 -6.82
C GLY C 406 12.20 -34.58 -6.85
N TYR C 407 12.29 -35.49 -7.82
CA TYR C 407 11.35 -36.59 -7.98
C TYR C 407 11.32 -37.45 -6.71
N GLU C 408 12.51 -37.84 -6.26
CA GLU C 408 12.62 -38.69 -5.08
C GLU C 408 11.95 -38.06 -3.87
N PHE C 409 12.32 -36.81 -3.59
CA PHE C 409 11.82 -36.12 -2.39
C PHE C 409 10.30 -36.07 -2.43
N GLU C 410 9.74 -35.73 -3.59
CA GLU C 410 8.29 -35.67 -3.74
C GLU C 410 7.65 -37.04 -3.49
N GLU C 411 8.19 -38.09 -4.11
CA GLU C 411 7.62 -39.43 -3.98
C GLU C 411 7.73 -39.95 -2.53
N PHE C 412 8.89 -39.72 -1.91
CA PHE C 412 9.10 -40.07 -0.51
C PHE C 412 8.04 -39.45 0.42
N VAL C 413 7.79 -38.16 0.24
CA VAL C 413 6.86 -37.42 1.08
C VAL C 413 5.44 -37.91 0.87
N LYS C 414 5.07 -38.21 -0.38
CA LYS C 414 3.75 -38.71 -0.71
C LYS C 414 3.43 -40.00 0.06
N ARG C 415 4.42 -40.88 0.17
CA ARG C 415 4.25 -42.17 0.83
CA ARG C 415 4.26 -42.17 0.83
C ARG C 415 4.35 -42.02 2.34
N ILE C 416 5.35 -41.28 2.79
CA ILE C 416 5.60 -41.12 4.23
C ILE C 416 4.63 -40.16 4.91
N LYS C 417 4.13 -39.18 4.16
CA LYS C 417 3.16 -38.25 4.71
C LYS C 417 3.59 -37.69 6.07
N PRO C 418 4.75 -37.01 6.11
CA PRO C 418 5.18 -36.36 7.35
C PRO C 418 4.23 -35.22 7.70
N ASP C 419 4.18 -34.83 8.96
CA ASP C 419 3.32 -33.73 9.39
C ASP C 419 3.96 -32.37 9.08
N LEU C 420 5.25 -32.39 8.81
CA LEU C 420 6.06 -31.17 8.69
C LEU C 420 7.31 -31.55 7.94
N ILE C 421 7.72 -30.65 7.05
CA ILE C 421 8.95 -30.82 6.27
C ILE C 421 9.81 -29.58 6.45
N GLY C 422 11.11 -29.77 6.57
CA GLY C 422 12.04 -28.69 6.83
C GLY C 422 13.13 -28.74 5.80
N SER C 423 13.15 -27.76 4.92
CA SER C 423 14.10 -27.79 3.80
C SER C 423 14.27 -26.36 3.33
N GLY C 424 14.51 -26.18 2.04
CA GLY C 424 14.87 -24.87 1.50
C GLY C 424 13.84 -24.19 0.62
N ILE C 425 14.26 -23.10 -0.02
CA ILE C 425 13.31 -22.25 -0.76
C ILE C 425 12.80 -22.96 -2.02
N LYS C 426 13.64 -23.80 -2.61
CA LYS C 426 13.26 -24.50 -3.84
C LYS C 426 12.24 -25.61 -3.58
N GLU C 427 12.17 -26.02 -2.32
CA GLU C 427 11.29 -27.10 -1.88
C GLU C 427 9.98 -26.56 -1.33
N LYS C 428 10.04 -25.39 -0.69
CA LYS C 428 8.92 -24.88 0.14
C LYS C 428 7.56 -24.89 -0.55
N PHE C 429 7.51 -24.29 -1.73
CA PHE C 429 6.23 -24.04 -2.37
C PHE C 429 5.64 -25.29 -3.01
N ILE C 430 6.50 -26.27 -3.30
CA ILE C 430 6.01 -27.56 -3.72
C ILE C 430 5.16 -28.21 -2.62
N PHE C 431 5.69 -28.25 -1.40
CA PHE C 431 5.07 -29.02 -0.35
C PHE C 431 3.88 -28.31 0.26
N GLN C 432 3.93 -26.99 0.24
CA GLN C 432 2.74 -26.20 0.60
C GLN C 432 1.54 -26.51 -0.31
N LYS C 433 1.78 -26.70 -1.60
CA LYS C 433 0.66 -27.07 -2.48
C LYS C 433 0.08 -28.43 -2.15
N MET C 434 0.92 -29.31 -1.62
CA MET C 434 0.50 -30.64 -1.26
C MET C 434 -0.21 -30.65 0.07
N GLY C 435 -0.24 -29.49 0.73
CA GLY C 435 -0.92 -29.36 2.00
C GLY C 435 -0.09 -29.80 3.18
N ILE C 436 1.21 -29.91 2.97
CA ILE C 436 2.10 -30.28 4.06
C ILE C 436 2.82 -29.06 4.64
N PRO C 437 2.61 -28.75 5.93
CA PRO C 437 3.34 -27.67 6.61
C PRO C 437 4.81 -27.71 6.33
N PHE C 438 5.36 -26.57 5.95
CA PHE C 438 6.76 -26.48 5.60
C PHE C 438 7.44 -25.37 6.36
N ARG C 439 8.63 -25.67 6.89
CA ARG C 439 9.50 -24.63 7.47
C ARG C 439 10.83 -24.62 6.77
N GLU C 440 11.28 -23.42 6.46
CA GLU C 440 12.59 -23.22 5.87
C GLU C 440 13.67 -23.42 6.93
N MET C 441 14.61 -24.30 6.63
CA MET C 441 15.64 -24.68 7.61
C MET C 441 17.05 -24.26 7.15
N HIS C 442 17.09 -23.42 6.11
CA HIS C 442 18.28 -22.63 5.85
C HIS C 442 18.03 -21.20 6.39
N SER C 443 17.08 -20.50 5.76
CA SER C 443 16.72 -19.14 6.12
C SER C 443 15.90 -18.99 7.39
N TRP C 444 15.50 -20.08 8.03
CA TRP C 444 14.66 -19.98 9.21
C TRP C 444 13.34 -19.25 8.87
N ASP C 445 13.01 -19.24 7.59
CA ASP C 445 11.77 -18.59 7.11
C ASP C 445 11.65 -17.17 7.59
N TYR C 446 12.78 -16.45 7.59
CA TYR C 446 12.81 -15.01 7.89
C TYR C 446 12.65 -14.74 9.42
N SER C 447 12.91 -15.78 10.19
CA SER C 447 12.71 -15.77 11.65
C SER C 447 14.04 -16.19 12.28
N GLY C 448 14.02 -16.80 13.47
CA GLY C 448 15.27 -17.07 14.15
C GLY C 448 15.68 -15.90 15.01
N PRO C 449 16.72 -16.04 15.82
CA PRO C 449 17.65 -17.16 15.77
C PRO C 449 17.08 -18.49 16.29
N TYR C 450 17.74 -19.58 15.94
CA TYR C 450 17.34 -20.89 16.46
C TYR C 450 18.38 -21.45 17.41
N HIS C 451 19.60 -20.88 17.38
CA HIS C 451 20.70 -21.36 18.27
C HIS C 451 20.50 -20.91 19.71
N GLY C 452 20.92 -21.76 20.65
CA GLY C 452 20.92 -21.41 22.05
C GLY C 452 19.57 -21.52 22.72
N PHE C 453 19.49 -21.04 23.95
CA PHE C 453 18.23 -21.06 24.67
C PHE C 453 17.24 -20.07 24.08
N ASP C 454 17.71 -18.88 23.72
CA ASP C 454 16.79 -17.88 23.20
C ASP C 454 16.27 -18.36 21.86
N GLY C 455 17.10 -19.08 21.13
CA GLY C 455 16.74 -19.60 19.84
C GLY C 455 15.69 -20.69 19.89
N PHE C 456 15.77 -21.58 20.89
CA PHE C 456 14.80 -22.65 21.01
C PHE C 456 13.38 -22.10 21.12
N ALA C 457 13.21 -21.01 21.88
CA ALA C 457 11.89 -20.43 22.05
C ALA C 457 11.30 -20.01 20.71
N ILE C 458 12.14 -19.44 19.84
CA ILE C 458 11.68 -19.01 18.51
C ILE C 458 11.40 -20.21 17.59
N PHE C 459 12.30 -21.21 17.63
CA PHE C 459 12.12 -22.45 16.88
C PHE C 459 10.79 -23.11 17.24
N ALA C 460 10.52 -23.19 18.54
CA ALA C 460 9.31 -23.82 19.02
C ALA C 460 8.07 -23.05 18.55
N ARG C 461 8.09 -21.75 18.76
CA ARG C 461 7.01 -20.90 18.28
C ARG C 461 6.76 -21.14 16.80
N ASP C 462 7.86 -21.18 16.04
CA ASP C 462 7.81 -21.33 14.61
C ASP C 462 7.27 -22.69 14.16
N MET C 463 7.74 -23.80 14.71
CA MET C 463 7.24 -25.09 14.29
C MET C 463 5.75 -25.19 14.64
N ASP C 464 5.34 -24.64 15.79
CA ASP C 464 3.93 -24.64 16.15
C ASP C 464 3.08 -23.80 15.20
N MET C 465 3.52 -22.57 14.92
CA MET C 465 2.63 -21.64 14.22
C MET C 465 2.30 -22.25 12.87
N THR C 466 3.26 -23.00 12.33
CA THR C 466 3.15 -23.52 10.97
C THR C 466 2.46 -24.89 10.91
N LEU C 467 2.91 -25.81 11.76
CA LEU C 467 2.34 -27.14 11.81
C LEU C 467 0.86 -27.04 12.11
N ASN C 468 0.50 -26.24 13.11
CA ASN C 468 -0.89 -26.13 13.56
C ASN C 468 -1.68 -24.98 12.97
N ASN C 469 -1.20 -24.36 11.90
CA ASN C 469 -1.91 -23.22 11.31
C ASN C 469 -3.27 -23.61 10.73
N PRO C 470 -4.28 -22.74 10.89
CA PRO C 470 -5.62 -23.06 10.35
C PRO C 470 -5.69 -23.24 8.82
N CYS C 471 -4.71 -22.72 8.10
CA CYS C 471 -4.76 -22.78 6.65
C CYS C 471 -4.76 -24.21 6.13
N TRP C 472 -4.15 -25.12 6.86
CA TRP C 472 -3.90 -26.48 6.36
C TRP C 472 -5.14 -27.34 6.28
N LYS C 473 -6.22 -26.94 6.92
CA LYS C 473 -7.42 -27.76 6.85
C LYS C 473 -8.36 -27.25 5.74
N LYS C 474 -7.93 -26.21 5.06
CA LYS C 474 -8.81 -25.53 4.11
CA LYS C 474 -8.77 -25.49 4.10
C LYS C 474 -8.44 -25.84 2.66
N LEU C 475 -7.43 -26.66 2.45
CA LEU C 475 -7.00 -26.96 1.07
C LEU C 475 -8.03 -27.71 0.23
N GLN C 476 -8.86 -28.54 0.82
CA GLN C 476 -9.85 -29.22 0.01
C GLN C 476 -11.19 -28.48 0.06
N ALA C 477 -11.65 -28.04 -1.11
CA ALA C 477 -12.93 -27.38 -1.22
C ALA C 477 -14.03 -28.34 -0.75
N PRO C 478 -15.03 -27.81 -0.06
CA PRO C 478 -16.12 -28.59 0.52
C PRO C 478 -17.02 -29.32 -0.50
N TRP C 479 -16.98 -28.94 -1.77
CA TRP C 479 -17.80 -29.61 -2.78
C TRP C 479 -17.02 -30.70 -3.54
N GLU C 480 -15.88 -31.09 -2.99
CA GLU C 480 -15.16 -32.25 -3.49
C GLU C 480 -14.93 -33.24 -2.35
N SER D 2 17.56 -13.67 26.94
CA SER D 2 16.36 -14.17 27.66
C SER D 2 15.13 -13.99 26.80
N GLN D 3 14.13 -14.81 27.09
CA GLN D 3 12.83 -14.74 26.46
C GLN D 3 11.75 -14.87 27.51
N GLN D 4 10.66 -14.12 27.33
CA GLN D 4 9.44 -14.33 28.09
C GLN D 4 8.56 -15.19 27.21
N VAL D 5 8.12 -16.34 27.73
CA VAL D 5 7.48 -17.37 26.91
C VAL D 5 6.17 -16.93 26.26
N ASP D 6 5.52 -15.91 26.81
CA ASP D 6 4.26 -15.47 26.26
C ASP D 6 4.43 -14.29 25.31
N LYS D 7 5.67 -13.81 25.19
CA LYS D 7 5.96 -12.70 24.30
C LYS D 7 7.33 -12.94 23.66
N ILE D 8 7.42 -13.91 22.77
CA ILE D 8 8.74 -14.33 22.26
C ILE D 8 9.25 -13.32 21.24
N LYS D 9 10.52 -12.93 21.39
CA LYS D 9 11.18 -11.94 20.52
C LYS D 9 12.09 -12.61 19.49
N ALA D 10 11.84 -12.34 18.20
CA ALA D 10 12.79 -12.76 17.16
C ALA D 10 13.95 -11.77 17.08
N SER D 11 14.89 -12.02 16.16
CA SER D 11 16.13 -11.28 16.10
C SER D 11 15.89 -9.79 16.38
N TYR D 12 14.94 -9.22 15.66
CA TYR D 12 14.36 -7.91 16.01
C TYR D 12 13.07 -8.20 16.81
N PRO D 13 12.98 -7.81 18.08
CA PRO D 13 13.91 -6.91 18.75
C PRO D 13 14.81 -7.56 19.80
N LEU D 14 14.97 -8.88 19.78
CA LEU D 14 15.76 -9.57 20.78
C LEU D 14 17.10 -8.86 21.04
N PHE D 15 17.80 -8.52 19.97
CA PHE D 15 19.20 -8.14 20.09
C PHE D 15 19.41 -6.72 20.59
N LEU D 16 18.29 -6.02 20.79
CA LEU D 16 18.24 -4.72 21.43
C LEU D 16 18.18 -4.83 22.95
N ASP D 17 17.92 -6.03 23.49
CA ASP D 17 17.95 -6.22 24.94
C ASP D 17 19.33 -5.77 25.45
N GLN D 18 19.37 -5.23 26.67
CA GLN D 18 20.63 -4.66 27.19
C GLN D 18 21.77 -5.65 27.20
N ASP D 19 21.48 -6.91 27.52
CA ASP D 19 22.57 -7.85 27.62
C ASP D 19 23.19 -8.14 26.24
N TYR D 20 22.36 -8.22 25.20
CA TYR D 20 22.90 -8.39 23.87
C TYR D 20 23.67 -7.15 23.43
N LYS D 21 23.15 -5.99 23.77
CA LYS D 21 23.77 -4.76 23.34
C LYS D 21 25.17 -4.64 23.92
N ASP D 22 25.30 -4.96 25.22
CA ASP D 22 26.60 -4.84 25.89
C ASP D 22 27.57 -5.85 25.29
N MET D 23 27.08 -7.04 24.93
CA MET D 23 27.91 -8.09 24.35
C MET D 23 28.43 -7.67 22.99
N LEU D 24 27.57 -7.05 22.19
CA LEU D 24 27.97 -6.64 20.86
C LEU D 24 29.00 -5.51 20.92
N ALA D 25 28.83 -4.62 21.90
CA ALA D 25 29.81 -3.56 22.20
C ALA D 25 31.15 -4.14 22.60
N LYS D 26 31.15 -5.16 23.45
CA LYS D 26 32.38 -5.80 23.85
C LYS D 26 33.06 -6.52 22.69
N LYS D 27 32.27 -7.13 21.81
CA LYS D 27 32.83 -7.82 20.66
C LYS D 27 33.56 -6.79 19.80
N ARG D 28 32.89 -5.68 19.56
CA ARG D 28 33.40 -4.67 18.69
C ARG D 28 34.71 -4.09 19.29
N ASP D 29 34.66 -3.77 20.58
CA ASP D 29 35.77 -3.08 21.23
C ASP D 29 36.94 -4.02 21.36
N GLY D 30 36.67 -5.27 21.69
CA GLY D 30 37.75 -6.21 21.98
C GLY D 30 38.45 -6.78 20.76
N PHE D 31 37.72 -6.99 19.66
CA PHE D 31 38.27 -7.83 18.61
C PHE D 31 38.09 -7.37 17.16
N GLU D 32 37.19 -6.43 16.92
CA GLU D 32 36.85 -6.03 15.54
C GLU D 32 37.75 -4.95 14.96
N GLU D 33 38.49 -4.26 15.83
CA GLU D 33 39.41 -3.23 15.39
C GLU D 33 38.76 -2.23 14.46
N LYS D 34 37.62 -1.75 14.87
CA LYS D 34 36.68 -1.05 14.00
C LYS D 34 37.04 0.41 13.91
N TYR D 35 36.82 1.05 12.76
CA TYR D 35 37.07 2.49 12.67
C TYR D 35 36.22 3.25 13.68
N PRO D 36 36.77 4.31 14.29
CA PRO D 36 35.93 5.10 15.21
C PRO D 36 34.66 5.59 14.52
N GLN D 37 33.59 5.75 15.29
CA GLN D 37 32.31 6.17 14.73
C GLN D 37 32.44 7.51 14.01
N ASP D 38 33.28 8.42 14.54
CA ASP D 38 33.40 9.76 13.92
C ASP D 38 33.94 9.66 12.49
N LYS D 39 34.85 8.73 12.28
CA LYS D 39 35.40 8.42 10.97
C LYS D 39 34.34 7.74 10.04
N ILE D 40 33.62 6.78 10.55
CA ILE D 40 32.49 6.22 9.77
C ILE D 40 31.50 7.32 9.35
N ASP D 41 31.08 8.17 10.29
CA ASP D 41 30.19 9.27 10.00
C ASP D 41 30.76 10.19 8.92
N GLU D 42 32.04 10.50 9.05
CA GLU D 42 32.73 11.31 8.05
C GLU D 42 32.72 10.65 6.66
N VAL D 43 33.04 9.38 6.55
CA VAL D 43 33.06 8.74 5.24
C VAL D 43 31.64 8.66 4.69
N PHE D 44 30.67 8.36 5.55
CA PHE D 44 29.28 8.32 5.09
C PHE D 44 28.88 9.65 4.46
N GLN D 45 29.12 10.76 5.14
CA GLN D 45 28.74 12.07 4.60
C GLN D 45 29.39 12.31 3.26
N TRP D 46 30.66 11.95 3.14
CA TRP D 46 31.38 12.08 1.89
C TRP D 46 30.71 11.24 0.76
N THR D 47 30.22 10.04 1.07
CA THR D 47 29.54 9.23 0.05
C THR D 47 28.24 9.83 -0.46
N THR D 48 27.75 10.86 0.23
CA THR D 48 26.53 11.51 -0.19
C THR D 48 26.79 12.72 -1.05
N THR D 49 28.06 13.07 -1.26
CA THR D 49 28.44 14.31 -1.96
C THR D 49 28.55 14.24 -3.48
N LYS D 50 28.56 15.42 -4.10
CA LYS D 50 28.76 15.55 -5.52
C LYS D 50 30.17 15.10 -5.90
N GLU D 51 31.15 15.43 -5.06
CA GLU D 51 32.52 15.01 -5.27
CA GLU D 51 32.53 15.01 -5.27
C GLU D 51 32.60 13.49 -5.35
N TYR D 52 31.98 12.81 -4.39
CA TYR D 52 31.95 11.36 -4.43
C TYR D 52 31.21 10.92 -5.69
N GLN D 53 30.10 11.58 -6.01
CA GLN D 53 29.35 11.22 -7.20
C GLN D 53 30.23 11.24 -8.46
N GLU D 54 31.09 12.26 -8.56
CA GLU D 54 31.98 12.35 -9.72
C GLU D 54 32.93 11.16 -9.80
N LEU D 55 33.56 10.79 -8.68
CA LEU D 55 34.41 9.60 -8.66
C LEU D 55 33.64 8.34 -9.04
N ASN D 56 32.41 8.28 -8.55
CA ASN D 56 31.60 7.09 -8.68
C ASN D 56 31.26 6.92 -10.16
N PHE D 57 31.03 8.04 -10.83
CA PHE D 57 30.66 7.97 -12.24
C PHE D 57 31.87 7.76 -13.16
N GLN D 58 33.08 7.80 -12.62
CA GLN D 58 34.26 7.48 -13.42
C GLN D 58 34.58 5.99 -13.42
N ARG D 59 33.83 5.20 -12.68
CA ARG D 59 34.13 3.79 -12.62
C ARG D 59 34.11 3.17 -14.03
N GLU D 60 35.11 2.36 -14.32
CA GLU D 60 35.19 1.61 -15.57
C GLU D 60 35.12 0.10 -15.33
N ALA D 61 35.79 -0.38 -14.31
CA ALA D 61 35.91 -1.83 -14.14
C ALA D 61 34.93 -2.39 -13.10
N LEU D 62 34.68 -1.58 -12.07
CA LEU D 62 33.88 -1.97 -10.93
C LEU D 62 32.36 -1.69 -11.13
N THR D 63 31.57 -2.74 -10.94
CA THR D 63 30.12 -2.65 -10.87
C THR D 63 29.68 -2.94 -9.43
N VAL D 64 28.73 -2.16 -8.94
CA VAL D 64 28.30 -2.24 -7.54
C VAL D 64 26.78 -2.19 -7.51
N ASN D 65 26.15 -3.28 -7.06
CA ASN D 65 24.69 -3.37 -7.00
C ASN D 65 24.01 -3.22 -8.37
N PRO D 66 24.29 -4.15 -9.27
CA PRO D 66 23.70 -4.06 -10.60
C PRO D 66 22.17 -4.16 -10.62
N ALA D 67 21.56 -3.60 -11.66
CA ALA D 67 20.15 -3.76 -11.90
C ALA D 67 19.88 -4.59 -13.18
N LYS D 68 20.49 -5.78 -13.23
CA LYS D 68 20.25 -6.77 -14.28
C LYS D 68 20.70 -8.13 -13.78
N ALA D 69 20.31 -9.18 -14.49
CA ALA D 69 20.78 -10.54 -14.23
C ALA D 69 21.25 -11.13 -15.56
N CYS D 70 21.50 -12.44 -15.62
CA CYS D 70 22.16 -13.05 -16.76
C CYS D 70 21.23 -13.86 -17.66
N GLN D 71 21.66 -14.00 -18.92
CA GLN D 71 20.84 -14.61 -19.99
C GLN D 71 20.02 -15.81 -19.60
N PRO D 72 20.66 -16.89 -19.10
CA PRO D 72 19.84 -18.08 -18.96
C PRO D 72 18.62 -17.89 -18.03
N LEU D 73 18.67 -16.94 -17.10
CA LEU D 73 17.48 -16.65 -16.28
C LEU D 73 16.26 -16.36 -17.16
N GLY D 74 16.49 -15.54 -18.18
CA GLY D 74 15.44 -15.18 -19.13
C GLY D 74 15.04 -16.37 -19.97
N ALA D 75 16.01 -17.16 -20.40
CA ALA D 75 15.73 -18.36 -21.17
C ALA D 75 14.81 -19.29 -20.37
N VAL D 76 15.11 -19.44 -19.07
CA VAL D 76 14.28 -20.30 -18.22
C VAL D 76 12.82 -19.81 -18.18
N LEU D 77 12.64 -18.50 -17.97
CA LEU D 77 11.28 -17.97 -17.82
C LEU D 77 10.51 -18.17 -19.13
N CYS D 78 11.22 -17.97 -20.24
CA CYS D 78 10.60 -18.17 -21.57
C CYS D 78 10.12 -19.62 -21.74
N ALA D 79 10.99 -20.57 -21.41
CA ALA D 79 10.69 -22.01 -21.51
C ALA D 79 9.50 -22.46 -20.69
N LEU D 80 9.42 -21.93 -19.47
CA LEU D 80 8.29 -22.13 -18.57
C LEU D 80 6.94 -21.77 -19.18
N GLY D 81 6.93 -20.94 -20.22
CA GLY D 81 5.71 -20.52 -20.87
C GLY D 81 5.16 -21.49 -21.90
N PHE D 82 5.80 -22.64 -22.04
CA PHE D 82 5.34 -23.64 -22.99
C PHE D 82 4.82 -24.88 -22.30
N GLU D 83 3.78 -25.46 -22.91
CA GLU D 83 3.04 -26.57 -22.31
C GLU D 83 3.96 -27.75 -21.95
N LYS D 84 3.78 -28.26 -20.75
CA LYS D 84 4.56 -29.40 -20.24
C LYS D 84 6.00 -29.39 -20.70
N THR D 85 6.60 -28.21 -20.66
CA THR D 85 7.98 -28.02 -21.03
C THR D 85 8.87 -27.92 -19.81
N MET D 86 10.00 -28.62 -19.86
CA MET D 86 11.04 -28.48 -18.86
C MET D 86 12.21 -27.65 -19.34
N PRO D 87 12.46 -26.51 -18.69
CA PRO D 87 13.69 -25.75 -18.92
C PRO D 87 14.94 -26.53 -18.48
N TYR D 88 15.96 -26.51 -19.32
CA TYR D 88 17.11 -27.37 -19.16
C TYR D 88 18.32 -26.49 -19.47
N VAL D 89 19.16 -26.31 -18.49
CA VAL D 89 20.30 -25.44 -18.70
C VAL D 89 21.58 -26.28 -18.74
N HIS D 90 22.10 -26.45 -19.95
CA HIS D 90 23.34 -27.20 -20.19
C HIS D 90 24.53 -26.42 -19.66
N GLY D 91 25.23 -27.00 -18.68
CA GLY D 91 26.32 -26.31 -18.02
C GLY D 91 26.39 -26.77 -16.58
N SER D 92 26.79 -25.85 -15.71
CA SER D 92 27.02 -26.17 -14.32
C SER D 92 25.76 -25.95 -13.50
N GLN D 93 25.61 -26.77 -12.46
CA GLN D 93 24.35 -26.85 -11.75
C GLN D 93 24.14 -25.72 -10.76
N GLY D 94 25.21 -25.10 -10.26
CA GLY D 94 25.08 -23.99 -9.31
C GLY D 94 24.14 -22.94 -9.88
N CYS D 95 24.20 -22.78 -11.20
CA CYS D 95 23.45 -21.74 -11.88
C CYS D 95 21.95 -21.96 -11.68
N VAL D 96 21.54 -23.21 -11.82
CA VAL D 96 20.13 -23.55 -11.81
C VAL D 96 19.53 -23.43 -10.41
N ALA D 97 20.30 -23.77 -9.38
CA ALA D 97 19.87 -23.55 -8.02
C ALA D 97 19.55 -22.07 -7.87
N TYR D 98 20.42 -21.20 -8.38
CA TYR D 98 20.18 -19.73 -8.32
C TYR D 98 18.98 -19.22 -9.13
N PHE D 99 18.80 -19.73 -10.36
CA PHE D 99 17.67 -19.31 -11.19
C PHE D 99 16.38 -19.68 -10.48
N ARG D 100 16.35 -20.89 -9.94
CA ARG D 100 15.14 -21.40 -9.34
C ARG D 100 14.76 -20.59 -8.11
N SER D 101 15.73 -20.37 -7.23
CA SER D 101 15.51 -19.61 -6.00
C SER D 101 15.12 -18.18 -6.28
N TYR D 102 15.79 -17.58 -7.27
CA TYR D 102 15.52 -16.20 -7.64
C TYR D 102 14.06 -16.04 -7.96
N PHE D 103 13.59 -16.87 -8.89
CA PHE D 103 12.15 -16.85 -9.22
C PHE D 103 11.22 -17.35 -8.08
N ASN D 104 11.63 -18.40 -7.33
CA ASN D 104 10.85 -18.86 -6.18
C ASN D 104 10.47 -17.68 -5.27
N ARG D 105 11.48 -16.89 -4.94
CA ARG D 105 11.30 -15.76 -4.01
C ARG D 105 10.38 -14.65 -4.57
N HIS D 106 10.41 -14.45 -5.88
CA HIS D 106 9.56 -13.43 -6.48
C HIS D 106 8.14 -13.94 -6.66
N PHE D 107 7.97 -15.17 -7.15
CA PHE D 107 6.61 -15.68 -7.40
C PHE D 107 5.96 -16.41 -6.22
N ARG D 108 6.76 -16.80 -5.23
CA ARG D 108 6.31 -17.67 -4.14
C ARG D 108 5.60 -18.90 -4.75
N GLU D 109 6.27 -19.46 -5.75
CA GLU D 109 5.83 -20.66 -6.45
C GLU D 109 6.99 -21.56 -6.71
N PRO D 110 6.72 -22.86 -6.95
CA PRO D 110 7.73 -23.77 -7.43
C PRO D 110 8.26 -23.26 -8.74
N VAL D 111 9.55 -23.49 -9.01
CA VAL D 111 10.12 -23.15 -10.30
C VAL D 111 10.96 -24.35 -10.70
N SER D 112 10.54 -25.05 -11.75
CA SER D 112 11.14 -26.31 -12.10
C SER D 112 12.09 -26.07 -13.26
N CYS D 113 13.30 -26.58 -13.12
CA CYS D 113 14.36 -26.40 -14.11
C CYS D 113 15.45 -27.42 -13.79
N VAL D 114 16.07 -28.01 -14.81
CA VAL D 114 17.17 -28.94 -14.53
C VAL D 114 18.47 -28.44 -15.13
N SER D 115 19.54 -29.10 -14.70
CA SER D 115 20.86 -28.86 -15.23
C SER D 115 21.40 -30.23 -15.65
N ASP D 116 22.46 -30.26 -16.46
CA ASP D 116 23.11 -31.55 -16.74
C ASP D 116 24.49 -31.60 -16.06
N SER D 117 24.63 -30.80 -15.02
CA SER D 117 25.71 -30.92 -14.04
C SER D 117 27.06 -31.26 -14.64
N MET D 118 27.56 -30.36 -15.47
CA MET D 118 28.91 -30.46 -15.99
C MET D 118 29.92 -30.03 -14.93
N THR D 119 31.00 -30.78 -14.84
CA THR D 119 32.04 -30.53 -13.84
C THR D 119 33.41 -30.26 -14.49
N GLU D 120 34.45 -30.21 -13.67
CA GLU D 120 35.83 -30.01 -14.11
CA GLU D 120 35.78 -29.92 -14.19
C GLU D 120 36.24 -30.89 -15.29
N ASP D 121 35.78 -32.12 -15.28
CA ASP D 121 36.21 -33.07 -16.30
C ASP D 121 35.61 -32.69 -17.64
N ALA D 122 34.33 -32.35 -17.63
CA ALA D 122 33.61 -31.94 -18.83
C ALA D 122 34.12 -30.60 -19.33
N ALA D 123 34.85 -29.89 -18.50
CA ALA D 123 35.42 -28.62 -18.88
C ALA D 123 36.58 -28.79 -19.86
N VAL D 124 36.98 -30.03 -20.15
CA VAL D 124 38.14 -30.29 -21.01
C VAL D 124 37.93 -31.45 -21.99
N PHE D 125 36.73 -32.03 -22.01
CA PHE D 125 36.32 -32.90 -23.10
C PHE D 125 34.89 -32.56 -23.54
N GLY D 126 34.31 -31.50 -22.97
CA GLY D 126 32.98 -31.02 -23.36
C GLY D 126 31.88 -31.82 -22.73
N GLY D 127 30.65 -31.31 -22.75
CA GLY D 127 29.55 -31.93 -22.04
C GLY D 127 28.62 -32.82 -22.85
N GLN D 128 29.13 -33.48 -23.89
CA GLN D 128 28.28 -34.30 -24.74
C GLN D 128 27.60 -35.43 -23.97
N GLN D 129 28.36 -36.10 -23.11
CA GLN D 129 27.84 -37.21 -22.33
C GLN D 129 26.77 -36.71 -21.35
N ASN D 130 26.98 -35.53 -20.81
CA ASN D 130 25.99 -34.89 -19.92
C ASN D 130 24.66 -34.68 -20.63
N MET D 131 24.75 -34.22 -21.86
CA MET D 131 23.55 -33.94 -22.66
C MET D 131 22.80 -35.25 -22.89
N LYS D 132 23.52 -36.29 -23.29
CA LYS D 132 22.88 -37.58 -23.58
C LYS D 132 22.16 -38.14 -22.37
N ASP D 133 22.90 -38.34 -21.27
CA ASP D 133 22.31 -38.85 -20.05
C ASP D 133 21.29 -37.85 -19.45
N GLY D 134 21.61 -36.55 -19.48
CA GLY D 134 20.73 -35.50 -18.96
C GLY D 134 19.38 -35.48 -19.67
N LEU D 135 19.41 -35.42 -20.99
CA LEU D 135 18.18 -35.45 -21.77
C LEU D 135 17.38 -36.71 -21.45
N GLN D 136 18.05 -37.87 -21.44
CA GLN D 136 17.36 -39.10 -21.12
C GLN D 136 16.79 -39.12 -19.71
N ASN D 137 17.62 -38.75 -18.75
CA ASN D 137 17.15 -38.72 -17.38
C ASN D 137 16.00 -37.73 -17.18
N CYS D 138 16.14 -36.53 -17.71
CA CYS D 138 15.07 -35.55 -17.56
C CYS D 138 13.72 -36.08 -18.12
N LYS D 139 13.70 -36.48 -19.39
CA LYS D 139 12.49 -37.02 -20.03
C LYS D 139 11.80 -38.12 -19.25
N ALA D 140 12.58 -39.11 -18.82
CA ALA D 140 12.05 -40.23 -18.06
C ALA D 140 11.55 -39.86 -16.65
N THR D 141 12.24 -38.94 -15.99
CA THR D 141 11.96 -38.64 -14.58
C THR D 141 10.81 -37.63 -14.44
N TYR D 142 10.81 -36.57 -15.24
CA TYR D 142 9.82 -35.50 -15.08
C TYR D 142 8.80 -35.46 -16.22
N LYS D 143 8.86 -36.44 -17.11
CA LYS D 143 7.85 -36.64 -18.17
C LYS D 143 7.37 -35.34 -18.80
N PRO D 144 8.29 -34.51 -19.27
CA PRO D 144 7.82 -33.37 -20.02
C PRO D 144 7.48 -33.76 -21.45
N ASP D 145 6.73 -32.91 -22.13
CA ASP D 145 6.44 -33.08 -23.57
C ASP D 145 7.47 -32.38 -24.43
N MET D 146 8.26 -31.50 -23.82
CA MET D 146 9.27 -30.76 -24.51
C MET D 146 10.38 -30.40 -23.54
N ILE D 147 11.60 -30.36 -24.03
CA ILE D 147 12.76 -29.88 -23.25
C ILE D 147 13.45 -28.73 -23.98
N ALA D 148 13.58 -27.59 -23.29
CA ALA D 148 14.11 -26.38 -23.89
C ALA D 148 15.48 -26.04 -23.30
N VAL D 149 16.50 -26.05 -24.15
CA VAL D 149 17.89 -26.05 -23.71
C VAL D 149 18.56 -24.69 -23.90
N SER D 150 19.17 -24.20 -22.82
CA SER D 150 20.00 -22.99 -22.81
C SER D 150 21.39 -23.36 -22.26
N THR D 151 22.23 -22.36 -21.99
CA THR D 151 23.57 -22.67 -21.53
C THR D 151 24.00 -21.76 -20.36
N THR D 152 24.91 -22.28 -19.53
CA THR D 152 25.60 -21.47 -18.54
C THR D 152 26.97 -21.09 -19.09
N CYS D 153 27.67 -20.18 -18.43
CA CYS D 153 28.82 -19.57 -19.06
C CYS D 153 29.97 -20.55 -19.20
N MET D 154 30.04 -21.55 -18.34
CA MET D 154 31.02 -22.63 -18.51
C MET D 154 30.85 -23.30 -19.87
N ALA D 155 29.65 -23.74 -20.16
CA ALA D 155 29.38 -24.40 -21.43
C ALA D 155 29.70 -23.50 -22.63
N GLU D 156 29.44 -22.20 -22.50
CA GLU D 156 29.72 -21.25 -23.57
C GLU D 156 31.24 -21.04 -23.77
N VAL D 157 31.97 -20.82 -22.70
CA VAL D 157 33.40 -20.63 -22.78
C VAL D 157 34.12 -21.84 -23.36
N ILE D 158 33.67 -23.05 -23.09
CA ILE D 158 34.35 -24.22 -23.63
C ILE D 158 33.87 -24.58 -25.03
N GLY D 159 32.75 -24.02 -25.45
CA GLY D 159 32.31 -24.16 -26.84
C GLY D 159 31.42 -25.35 -27.19
N ASP D 160 30.77 -25.95 -26.22
CA ASP D 160 29.89 -27.07 -26.50
C ASP D 160 28.96 -26.64 -27.62
N ASP D 161 28.79 -27.48 -28.65
CA ASP D 161 27.88 -27.19 -29.79
C ASP D 161 26.54 -27.85 -29.50
N LEU D 162 25.55 -27.03 -29.13
CA LEU D 162 24.28 -27.55 -28.63
C LEU D 162 23.57 -28.37 -29.69
N ASN D 163 23.50 -27.84 -30.90
CA ASN D 163 22.84 -28.54 -31.97
C ASN D 163 23.45 -29.92 -32.19
N ALA D 164 24.77 -30.00 -32.22
CA ALA D 164 25.45 -31.31 -32.43
C ALA D 164 25.16 -32.27 -31.28
N PHE D 165 25.36 -31.79 -30.06
CA PHE D 165 25.16 -32.60 -28.86
C PHE D 165 23.74 -33.15 -28.78
N ILE D 166 22.77 -32.30 -29.13
CA ILE D 166 21.39 -32.70 -29.14
C ILE D 166 21.10 -33.68 -30.30
N ASN D 167 21.64 -33.40 -31.47
CA ASN D 167 21.51 -34.35 -32.58
C ASN D 167 22.16 -35.71 -32.26
N ASN D 168 23.35 -35.71 -31.64
CA ASN D 168 24.01 -36.97 -31.23
C ASN D 168 23.23 -37.74 -30.16
N SER D 169 22.54 -37.01 -29.30
CA SER D 169 21.70 -37.63 -28.28
C SER D 169 20.54 -38.37 -28.94
N LYS D 170 19.91 -37.76 -29.94
CA LYS D 170 18.84 -38.42 -30.68
C LYS D 170 19.37 -39.60 -31.52
N LYS D 171 20.46 -39.37 -32.24
CA LYS D 171 21.10 -40.40 -33.05
C LYS D 171 21.46 -41.64 -32.23
N GLU D 172 21.90 -41.47 -31.00
CA GLU D 172 22.31 -42.63 -30.19
C GLU D 172 21.21 -43.15 -29.25
N GLY D 173 19.97 -42.70 -29.47
CA GLY D 173 18.80 -43.29 -28.81
C GLY D 173 18.54 -42.88 -27.36
N PHE D 174 19.21 -41.85 -26.88
CA PHE D 174 18.91 -41.31 -25.54
C PHE D 174 17.53 -40.66 -25.41
N ILE D 175 17.06 -40.02 -26.48
CA ILE D 175 15.67 -39.57 -26.59
C ILE D 175 15.19 -39.77 -28.01
N PRO D 176 13.88 -39.99 -28.20
CA PRO D 176 13.29 -40.21 -29.52
C PRO D 176 13.56 -39.07 -30.51
N ASP D 177 13.72 -39.40 -31.79
CA ASP D 177 14.00 -38.38 -32.81
C ASP D 177 12.94 -37.28 -32.82
N GLU D 178 11.67 -37.68 -32.64
CA GLU D 178 10.53 -36.74 -32.70
C GLU D 178 10.24 -35.97 -31.40
N PHE D 179 10.99 -36.24 -30.33
CA PHE D 179 10.84 -35.48 -29.08
C PHE D 179 11.44 -34.08 -29.24
N PRO D 180 10.64 -33.03 -29.04
CA PRO D 180 11.13 -31.68 -29.33
C PRO D 180 12.15 -31.17 -28.35
N VAL D 181 13.31 -30.78 -28.86
CA VAL D 181 14.38 -30.23 -28.03
C VAL D 181 14.90 -28.94 -28.63
N PRO D 182 14.09 -27.87 -28.59
CA PRO D 182 14.59 -26.58 -29.03
C PRO D 182 15.72 -26.11 -28.13
N PHE D 183 16.65 -25.35 -28.70
CA PHE D 183 17.81 -24.88 -27.98
C PHE D 183 18.18 -23.47 -28.35
N ALA D 184 19.03 -22.87 -27.51
CA ALA D 184 19.55 -21.56 -27.73
C ALA D 184 20.78 -21.41 -26.88
N HIS D 185 21.81 -20.80 -27.45
CA HIS D 185 22.99 -20.43 -26.70
C HIS D 185 22.70 -19.15 -25.94
N THR D 186 23.05 -19.12 -24.66
CA THR D 186 22.67 -17.97 -23.81
C THR D 186 23.82 -17.55 -22.92
N PRO D 187 24.91 -17.04 -23.53
CA PRO D 187 26.08 -16.61 -22.80
C PRO D 187 25.81 -15.46 -21.82
N SER D 188 26.23 -15.63 -20.57
CA SER D 188 25.87 -14.67 -19.52
C SER D 188 26.74 -13.42 -19.56
N PHE D 189 27.86 -13.50 -20.27
CA PHE D 189 28.71 -12.33 -20.47
C PHE D 189 28.27 -11.52 -21.68
N VAL D 190 27.10 -11.85 -22.20
CA VAL D 190 26.49 -11.03 -23.27
C VAL D 190 25.09 -10.59 -22.85
N GLY D 191 24.81 -9.29 -23.05
CA GLY D 191 23.53 -8.68 -22.69
C GLY D 191 23.11 -8.95 -21.26
N SER D 192 21.86 -9.39 -21.08
CA SER D 192 21.34 -9.70 -19.76
C SER D 192 20.25 -10.77 -19.86
N HIS D 193 19.51 -10.91 -18.77
CA HIS D 193 18.44 -11.89 -18.72
C HIS D 193 17.42 -11.75 -19.86
N VAL D 194 17.15 -10.52 -20.31
CA VAL D 194 16.13 -10.34 -21.36
C VAL D 194 16.62 -10.87 -22.71
N THR D 195 17.93 -10.77 -22.93
CA THR D 195 18.60 -11.30 -24.11
C THR D 195 18.45 -12.81 -24.13
N GLY D 196 18.58 -13.43 -22.96
CA GLY D 196 18.30 -14.85 -22.80
C GLY D 196 16.90 -15.24 -23.21
N TRP D 197 15.95 -14.36 -22.90
CA TRP D 197 14.56 -14.63 -23.22
C TRP D 197 14.39 -14.61 -24.74
N ASP D 198 14.88 -13.54 -25.35
CA ASP D 198 14.82 -13.38 -26.81
C ASP D 198 15.48 -14.57 -27.52
N ASN D 199 16.67 -14.92 -27.07
CA ASN D 199 17.37 -16.06 -27.66
C ASN D 199 16.59 -17.35 -27.57
N MET D 200 16.03 -17.65 -26.38
CA MET D 200 15.31 -18.90 -26.18
C MET D 200 14.08 -18.91 -27.05
N PHE D 201 13.39 -17.77 -27.13
CA PHE D 201 12.15 -17.70 -27.88
C PHE D 201 12.39 -17.94 -29.38
N GLU D 202 13.32 -17.18 -29.94
CA GLU D 202 13.68 -17.36 -31.33
C GLU D 202 14.04 -18.84 -31.55
N GLY D 203 14.79 -19.42 -30.61
CA GLY D 203 15.20 -20.84 -30.71
C GLY D 203 14.01 -21.76 -30.84
N ILE D 204 13.00 -21.54 -30.01
CA ILE D 204 11.80 -22.36 -30.06
C ILE D 204 10.94 -22.13 -31.31
N ALA D 205 10.85 -20.87 -31.74
CA ALA D 205 10.06 -20.53 -32.92
C ALA D 205 10.67 -21.20 -34.16
N ARG D 206 11.99 -21.10 -34.26
CA ARG D 206 12.81 -21.79 -35.26
C ARG D 206 12.50 -23.28 -35.27
N TYR D 207 12.62 -23.90 -34.11
CA TYR D 207 12.44 -25.33 -34.01
C TYR D 207 11.14 -25.82 -34.64
N PHE D 208 10.04 -25.11 -34.40
CA PHE D 208 8.73 -25.58 -34.87
C PHE D 208 8.27 -25.07 -36.24
N THR D 209 9.02 -24.16 -36.86
CA THR D 209 8.54 -23.55 -38.10
C THR D 209 9.54 -23.48 -39.26
N LEU D 210 10.83 -23.44 -38.99
CA LEU D 210 11.77 -23.13 -40.05
C LEU D 210 11.60 -24.11 -41.24
N LYS D 211 11.23 -25.35 -40.94
CA LYS D 211 11.31 -26.43 -41.89
C LYS D 211 9.98 -26.73 -42.58
N SER D 212 8.91 -26.10 -42.13
CA SER D 212 7.60 -26.36 -42.68
C SER D 212 6.95 -25.10 -43.26
N MET D 213 7.80 -24.13 -43.59
CA MET D 213 7.34 -22.84 -44.09
C MET D 213 6.58 -22.92 -45.44
N ASP D 214 6.86 -23.94 -46.24
CA ASP D 214 6.23 -24.08 -47.57
C ASP D 214 4.69 -24.11 -47.55
N ASP D 215 4.08 -24.72 -46.54
CA ASP D 215 2.62 -24.82 -46.50
C ASP D 215 1.94 -23.70 -45.67
N LYS D 216 2.67 -22.65 -45.32
CA LYS D 216 2.09 -21.59 -44.51
C LYS D 216 1.53 -20.47 -45.38
N VAL D 217 0.39 -19.95 -44.99
CA VAL D 217 -0.18 -18.78 -45.66
C VAL D 217 -0.54 -17.76 -44.60
N VAL D 218 0.12 -16.60 -44.67
CA VAL D 218 -0.12 -15.50 -43.75
C VAL D 218 -1.58 -15.12 -43.75
N GLY D 219 -2.16 -15.03 -42.56
CA GLY D 219 -3.54 -14.57 -42.40
C GLY D 219 -4.55 -15.70 -42.45
N SER D 220 -4.10 -16.88 -42.86
CA SER D 220 -5.02 -17.98 -43.09
C SER D 220 -5.74 -18.40 -41.80
N ASN D 221 -5.09 -18.27 -40.64
CA ASN D 221 -5.76 -18.68 -39.41
C ASN D 221 -6.57 -17.56 -38.72
N LYS D 222 -6.45 -16.33 -39.23
CA LYS D 222 -7.25 -15.18 -38.75
C LYS D 222 -6.91 -14.70 -37.34
N LYS D 223 -5.77 -15.14 -36.79
CA LYS D 223 -5.36 -14.74 -35.46
C LYS D 223 -4.18 -13.78 -35.49
N ILE D 224 -3.93 -13.13 -34.36
CA ILE D 224 -2.68 -12.36 -34.16
C ILE D 224 -1.82 -13.05 -33.09
N ASN D 225 -0.53 -13.24 -33.38
CA ASN D 225 0.41 -13.74 -32.37
C ASN D 225 0.83 -12.60 -31.43
N ILE D 226 0.92 -12.93 -30.16
CA ILE D 226 1.43 -12.01 -29.14
C ILE D 226 2.66 -12.64 -28.44
N VAL D 227 3.77 -11.92 -28.45
CA VAL D 227 4.97 -12.34 -27.73
C VAL D 227 5.24 -11.39 -26.56
N PRO D 228 5.18 -11.91 -25.32
CA PRO D 228 5.19 -11.02 -24.14
C PRO D 228 6.55 -10.54 -23.70
N GLY D 229 7.59 -11.24 -24.12
CA GLY D 229 8.90 -10.99 -23.55
C GLY D 229 8.96 -11.40 -22.09
N PHE D 230 10.09 -11.04 -21.47
CA PHE D 230 10.40 -11.31 -20.07
C PHE D 230 9.44 -10.52 -19.20
N GLU D 231 8.58 -11.22 -18.50
CA GLU D 231 7.44 -10.63 -17.85
C GLU D 231 7.21 -11.35 -16.53
N THR D 232 7.21 -10.60 -15.44
CA THR D 232 7.16 -11.20 -14.13
C THR D 232 5.94 -10.77 -13.31
N TYR D 233 4.98 -10.09 -13.95
CA TYR D 233 3.67 -9.83 -13.36
C TYR D 233 2.61 -10.71 -14.03
N LEU D 234 1.96 -11.56 -13.22
CA LEU D 234 0.88 -12.40 -13.69
C LEU D 234 -0.25 -11.58 -14.34
N GLY D 235 -0.48 -10.38 -13.83
CA GLY D 235 -1.59 -9.54 -14.32
C GLY D 235 -1.39 -9.07 -15.74
N ASN D 236 -0.14 -9.08 -16.16
CA ASN D 236 0.23 -8.63 -17.50
C ASN D 236 -0.12 -9.65 -18.58
N PHE D 237 0.16 -10.93 -18.38
CA PHE D 237 -0.36 -11.92 -19.31
C PHE D 237 -1.88 -11.87 -19.32
N ARG D 238 -2.46 -11.72 -18.14
CA ARG D 238 -3.90 -11.79 -17.98
C ARG D 238 -4.65 -10.65 -18.64
N VAL D 239 -4.13 -9.43 -18.51
CA VAL D 239 -4.84 -8.26 -19.03
C VAL D 239 -4.79 -8.27 -20.56
N ILE D 240 -3.70 -8.76 -21.13
CA ILE D 240 -3.55 -8.80 -22.58
C ILE D 240 -4.58 -9.76 -23.16
N LYS D 241 -4.68 -10.92 -22.55
CA LYS D 241 -5.60 -11.95 -22.99
C LYS D 241 -7.04 -11.49 -22.80
N ARG D 242 -7.28 -10.78 -21.71
CA ARG D 242 -8.59 -10.26 -21.41
C ARG D 242 -9.06 -9.22 -22.43
N MET D 243 -8.18 -8.29 -22.77
CA MET D 243 -8.54 -7.22 -23.72
C MET D 243 -8.81 -7.76 -25.12
N LEU D 244 -7.98 -8.70 -25.57
CA LEU D 244 -8.13 -9.32 -26.88
C LEU D 244 -9.40 -10.18 -26.93
N SER D 245 -9.71 -10.87 -25.84
CA SER D 245 -10.96 -11.61 -25.75
C SER D 245 -12.17 -10.67 -25.74
N GLU D 246 -12.07 -9.56 -25.03
CA GLU D 246 -13.12 -8.54 -25.09
C GLU D 246 -13.28 -7.93 -26.49
N MET D 247 -12.21 -7.85 -27.26
CA MET D 247 -12.34 -7.33 -28.62
C MET D 247 -12.87 -8.37 -29.60
N GLY D 248 -12.98 -9.61 -29.16
CA GLY D 248 -13.33 -10.71 -30.04
C GLY D 248 -12.21 -10.93 -31.04
N VAL D 249 -10.97 -10.76 -30.59
CA VAL D 249 -9.82 -10.94 -31.49
C VAL D 249 -9.19 -12.30 -31.29
N GLY D 250 -9.14 -13.11 -32.36
CA GLY D 250 -8.39 -14.36 -32.32
C GLY D 250 -6.92 -14.06 -32.09
N TYR D 251 -6.30 -14.78 -31.16
CA TYR D 251 -4.89 -14.51 -30.83
C TYR D 251 -4.23 -15.77 -30.31
N SER D 252 -2.91 -15.75 -30.35
CA SER D 252 -2.12 -16.82 -29.79
C SER D 252 -1.04 -16.16 -28.95
N LEU D 253 -1.09 -16.36 -27.64
CA LEU D 253 -0.05 -15.82 -26.78
C LEU D 253 1.13 -16.82 -26.74
N LEU D 254 2.26 -16.42 -27.30
CA LEU D 254 3.42 -17.30 -27.43
C LEU D 254 4.45 -17.14 -26.30
N SER D 255 4.52 -18.18 -25.46
CA SER D 255 5.15 -18.21 -24.13
C SER D 255 4.18 -17.62 -23.14
N ASP D 256 3.47 -18.50 -22.44
CA ASP D 256 2.45 -18.09 -21.50
C ASP D 256 2.58 -18.89 -20.20
N PRO D 257 3.34 -18.35 -19.24
CA PRO D 257 3.60 -19.01 -17.99
C PRO D 257 2.55 -18.71 -16.90
N GLU D 258 1.46 -18.03 -17.24
CA GLU D 258 0.63 -17.50 -16.17
C GLU D 258 0.06 -18.61 -15.30
N GLU D 259 -0.23 -19.78 -15.88
CA GLU D 259 -0.80 -20.88 -15.14
C GLU D 259 0.23 -21.61 -14.28
N VAL D 260 1.40 -21.92 -14.82
CA VAL D 260 2.37 -22.69 -14.08
C VAL D 260 3.04 -21.83 -13.02
N LEU D 261 2.84 -20.52 -13.06
CA LEU D 261 3.34 -19.64 -12.01
C LEU D 261 2.22 -19.22 -11.04
N ASP D 262 1.10 -19.95 -11.08
CA ASP D 262 -0.04 -19.65 -10.20
C ASP D 262 -0.95 -20.85 -9.95
N THR D 263 -0.37 -22.00 -9.66
CA THR D 263 -1.16 -23.19 -9.42
C THR D 263 -1.87 -23.11 -8.08
N PRO D 264 -3.08 -23.68 -8.01
CA PRO D 264 -3.81 -23.73 -6.75
C PRO D 264 -3.15 -24.65 -5.71
N ALA D 265 -3.17 -24.22 -4.44
CA ALA D 265 -2.82 -25.10 -3.33
C ALA D 265 -4.06 -25.93 -2.96
N ASP D 266 -4.24 -27.06 -3.63
CA ASP D 266 -5.43 -27.89 -3.44
C ASP D 266 -5.07 -29.32 -3.06
N GLY D 267 -3.87 -29.54 -2.55
CA GLY D 267 -3.45 -30.86 -2.13
C GLY D 267 -2.53 -31.57 -3.10
N GLN D 268 -2.34 -31.03 -4.30
CA GLN D 268 -1.36 -31.63 -5.19
C GLN D 268 -0.42 -30.59 -5.81
N PHE D 269 0.81 -31.02 -6.03
CA PHE D 269 1.80 -30.21 -6.74
C PHE D 269 1.65 -30.51 -8.21
N ARG D 270 1.44 -29.47 -9.02
CA ARG D 270 1.43 -29.64 -10.47
C ARG D 270 2.72 -29.09 -11.05
N MET D 271 3.62 -29.98 -11.51
CA MET D 271 4.89 -29.48 -12.03
C MET D 271 4.70 -28.60 -13.26
N TYR D 272 3.73 -28.98 -14.11
CA TYR D 272 3.35 -28.25 -15.32
C TYR D 272 1.89 -27.80 -15.28
N ALA D 273 1.57 -26.69 -15.94
CA ALA D 273 0.19 -26.22 -16.07
C ALA D 273 0.05 -25.19 -17.21
N GLY D 274 -0.98 -25.38 -18.03
CA GLY D 274 -1.27 -24.49 -19.13
C GLY D 274 -0.11 -24.37 -20.08
N GLY D 275 0.15 -23.15 -20.53
CA GLY D 275 1.27 -22.86 -21.39
C GLY D 275 0.90 -22.91 -22.86
N THR D 276 1.71 -22.27 -23.69
CA THR D 276 1.53 -22.27 -25.13
C THR D 276 1.75 -23.66 -25.71
N THR D 277 0.85 -24.11 -26.58
CA THR D 277 0.96 -25.48 -27.10
C THR D 277 1.97 -25.55 -28.21
N GLN D 278 2.43 -26.75 -28.50
CA GLN D 278 3.28 -26.99 -29.67
C GLN D 278 2.50 -26.65 -30.96
N GLU D 279 1.22 -27.05 -31.02
CA GLU D 279 0.40 -26.79 -32.20
C GLU D 279 0.28 -25.30 -32.45
N GLU D 280 0.21 -24.53 -31.36
CA GLU D 280 0.12 -23.07 -31.47
C GLU D 280 1.36 -22.49 -32.12
N MET D 281 2.55 -22.95 -31.70
CA MET D 281 3.81 -22.51 -32.32
C MET D 281 3.94 -22.98 -33.76
N LYS D 282 3.47 -24.19 -34.04
CA LYS D 282 3.54 -24.74 -35.39
C LYS D 282 2.70 -23.91 -36.39
N ASP D 283 1.55 -23.44 -35.93
CA ASP D 283 0.54 -22.80 -36.77
C ASP D 283 0.77 -21.28 -36.82
N ALA D 284 1.70 -20.80 -36.00
CA ALA D 284 1.87 -19.37 -35.82
C ALA D 284 2.14 -18.58 -37.12
N PRO D 285 2.86 -19.17 -38.08
CA PRO D 285 3.12 -18.41 -39.31
C PRO D 285 1.86 -18.13 -40.11
N ASN D 286 0.79 -18.84 -39.82
CA ASN D 286 -0.50 -18.61 -40.48
C ASN D 286 -1.31 -17.47 -39.88
N ALA D 287 -0.74 -16.81 -38.86
CA ALA D 287 -1.39 -15.67 -38.22
C ALA D 287 -1.38 -14.50 -39.18
N LEU D 288 -2.29 -13.55 -38.99
CA LEU D 288 -2.27 -12.31 -39.73
C LEU D 288 -0.98 -11.57 -39.50
N ASN D 289 -0.48 -11.61 -38.28
CA ASN D 289 0.70 -10.82 -37.92
C ASN D 289 1.18 -11.22 -36.53
N THR D 290 2.30 -10.67 -36.10
CA THR D 290 2.86 -10.97 -34.80
C THR D 290 3.15 -9.65 -34.12
N VAL D 291 2.60 -9.47 -32.92
CA VAL D 291 2.84 -8.25 -32.11
C VAL D 291 3.79 -8.49 -30.94
N LEU D 292 4.88 -7.71 -30.88
CA LEU D 292 5.87 -7.78 -29.82
C LEU D 292 5.57 -6.78 -28.70
N LEU D 293 5.23 -7.30 -27.52
CA LEU D 293 4.84 -6.47 -26.39
C LEU D 293 6.01 -5.72 -25.80
N GLN D 294 7.21 -6.27 -25.91
CA GLN D 294 8.41 -5.63 -25.36
C GLN D 294 9.51 -5.60 -26.41
N PRO D 295 9.31 -4.77 -27.43
CA PRO D 295 10.13 -4.82 -28.65
C PRO D 295 11.64 -4.68 -28.38
N TRP D 296 12.00 -3.84 -27.41
CA TRP D 296 13.39 -3.56 -27.13
C TRP D 296 14.21 -4.71 -26.53
N HIS D 297 13.60 -5.85 -26.21
CA HIS D 297 14.45 -7.03 -25.99
C HIS D 297 14.07 -8.24 -26.84
N LEU D 298 13.34 -7.98 -27.91
CA LEU D 298 12.88 -9.03 -28.79
C LEU D 298 13.40 -8.79 -30.22
N GLU D 299 14.58 -8.22 -30.33
CA GLU D 299 15.18 -7.90 -31.62
C GLU D 299 15.42 -9.15 -32.45
N LYS D 300 15.94 -10.21 -31.84
CA LYS D 300 16.27 -11.40 -32.60
C LYS D 300 15.01 -12.09 -33.04
N THR D 301 14.06 -12.18 -32.11
CA THR D 301 12.76 -12.74 -32.44
C THR D 301 12.19 -11.98 -33.64
N LYS D 302 12.31 -10.66 -33.60
CA LYS D 302 11.72 -9.82 -34.61
C LYS D 302 12.23 -10.20 -35.99
N LYS D 303 13.54 -10.35 -36.11
CA LYS D 303 14.16 -10.68 -37.40
C LYS D 303 13.71 -12.02 -37.93
N PHE D 304 13.51 -12.97 -37.03
CA PHE D 304 13.08 -14.28 -37.45
C PHE D 304 11.63 -14.26 -37.89
N VAL D 305 10.79 -13.55 -37.15
CA VAL D 305 9.37 -13.44 -37.46
C VAL D 305 9.13 -12.71 -38.78
N GLU D 306 9.88 -11.64 -39.01
CA GLU D 306 9.80 -10.92 -40.26
C GLU D 306 10.45 -11.72 -41.41
N GLY D 307 11.71 -12.11 -41.20
CA GLY D 307 12.50 -12.80 -42.21
C GLY D 307 11.93 -14.13 -42.66
N THR D 308 11.39 -14.90 -41.73
CA THR D 308 10.91 -16.24 -42.05
C THR D 308 9.40 -16.39 -42.11
N TRP D 309 8.69 -15.75 -41.17
CA TRP D 309 7.23 -15.90 -41.12
C TRP D 309 6.57 -14.93 -42.10
N LYS D 310 7.32 -13.90 -42.46
CA LYS D 310 6.90 -12.86 -43.40
C LYS D 310 5.85 -11.93 -42.80
N HIS D 311 5.83 -11.84 -41.47
CA HIS D 311 4.90 -10.95 -40.80
C HIS D 311 5.52 -9.59 -40.78
N GLU D 312 4.69 -8.57 -40.92
CA GLU D 312 5.21 -7.21 -40.93
CA GLU D 312 5.16 -7.20 -40.95
C GLU D 312 4.99 -6.58 -39.56
N VAL D 313 5.79 -7.04 -38.59
CA VAL D 313 5.65 -6.64 -37.18
C VAL D 313 5.39 -5.14 -36.99
N PRO D 314 4.26 -4.79 -36.37
CA PRO D 314 3.91 -3.37 -36.21
C PRO D 314 4.88 -2.65 -35.29
N LYS D 315 5.11 -1.37 -35.53
CA LYS D 315 5.94 -0.54 -34.67
C LYS D 315 5.09 -0.07 -33.51
N LEU D 316 5.20 -0.77 -32.39
CA LEU D 316 4.37 -0.49 -31.23
C LEU D 316 5.22 -0.49 -29.98
N ASN D 317 5.03 0.54 -29.18
CA ASN D 317 5.61 0.57 -27.85
C ASN D 317 4.90 -0.44 -26.97
N ILE D 318 5.56 -0.80 -25.88
CA ILE D 318 4.94 -1.61 -24.84
C ILE D 318 3.59 -0.95 -24.50
N PRO D 319 2.52 -1.74 -24.34
CA PRO D 319 1.26 -1.06 -24.04
C PRO D 319 1.17 -0.65 -22.57
N MET D 320 1.84 0.45 -22.22
CA MET D 320 1.81 1.01 -20.87
C MET D 320 1.35 2.46 -20.93
N GLY D 321 0.48 2.83 -20.01
CA GLY D 321 -0.03 4.19 -19.98
C GLY D 321 -1.20 4.37 -20.94
N LEU D 322 -1.63 5.61 -21.11
CA LEU D 322 -2.84 5.89 -21.86
C LEU D 322 -2.60 5.86 -23.37
N ASP D 323 -1.67 6.67 -23.85
CA ASP D 323 -1.40 6.75 -25.30
C ASP D 323 -0.97 5.42 -25.91
N TRP D 324 -0.08 4.71 -25.23
CA TRP D 324 0.47 3.49 -25.82
C TRP D 324 -0.51 2.32 -25.72
N THR D 325 -1.41 2.36 -24.74
CA THR D 325 -2.45 1.38 -24.71
C THR D 325 -3.46 1.65 -25.83
N ASP D 326 -3.81 2.91 -26.01
CA ASP D 326 -4.68 3.32 -27.12
C ASP D 326 -4.13 2.80 -28.45
N GLU D 327 -2.85 3.08 -28.69
CA GLU D 327 -2.17 2.66 -29.92
C GLU D 327 -2.15 1.16 -30.15
N PHE D 328 -1.81 0.42 -29.10
CA PHE D 328 -1.89 -1.02 -29.14
C PHE D 328 -3.28 -1.48 -29.61
N LEU D 329 -4.30 -0.92 -29.00
CA LEU D 329 -5.65 -1.31 -29.28
C LEU D 329 -6.08 -0.94 -30.69
N MET D 330 -5.69 0.24 -31.15
CA MET D 330 -6.03 0.67 -32.51
C MET D 330 -5.35 -0.20 -33.57
N LYS D 331 -4.07 -0.55 -33.36
CA LYS D 331 -3.35 -1.39 -34.32
C LYS D 331 -3.94 -2.79 -34.37
N VAL D 332 -4.28 -3.34 -33.21
CA VAL D 332 -4.91 -4.64 -33.13
C VAL D 332 -6.24 -4.60 -33.88
N SER D 333 -6.99 -3.52 -33.64
CA SER D 333 -8.26 -3.33 -34.34
C SER D 333 -8.08 -3.37 -35.86
N GLU D 334 -7.09 -2.62 -36.34
CA GLU D 334 -6.75 -2.60 -37.76
C GLU D 334 -6.32 -3.97 -38.30
N ILE D 335 -5.44 -4.66 -37.58
CA ILE D 335 -4.96 -5.93 -38.08
C ILE D 335 -6.10 -6.94 -38.11
N SER D 336 -6.93 -6.96 -37.07
CA SER D 336 -7.96 -8.01 -36.92
C SER D 336 -9.32 -7.72 -37.56
N GLY D 337 -9.63 -6.47 -37.84
CA GLY D 337 -10.97 -6.10 -38.34
C GLY D 337 -12.03 -5.93 -37.25
N GLN D 338 -11.63 -6.11 -35.99
CA GLN D 338 -12.54 -5.98 -34.86
C GLN D 338 -12.58 -4.56 -34.32
N PRO D 339 -13.79 -4.01 -34.16
CA PRO D 339 -13.82 -2.68 -33.56
C PRO D 339 -13.47 -2.76 -32.07
N ILE D 340 -12.95 -1.67 -31.50
CA ILE D 340 -12.69 -1.64 -30.05
C ILE D 340 -14.04 -1.61 -29.35
N PRO D 341 -14.32 -2.58 -28.46
CA PRO D 341 -15.67 -2.59 -27.95
C PRO D 341 -15.92 -1.51 -26.90
N ALA D 342 -17.19 -1.31 -26.62
CA ALA D 342 -17.63 -0.31 -25.67
C ALA D 342 -17.00 -0.55 -24.30
N SER D 343 -16.73 -1.82 -23.99
CA SER D 343 -16.17 -2.20 -22.70
C SER D 343 -14.82 -1.53 -22.47
N LEU D 344 -13.93 -1.66 -23.44
CA LEU D 344 -12.60 -1.07 -23.36
C LEU D 344 -12.63 0.46 -23.42
N THR D 345 -13.57 1.00 -24.17
CA THR D 345 -13.71 2.45 -24.22
C THR D 345 -14.06 3.05 -22.86
N LYS D 346 -15.03 2.45 -22.19
CA LYS D 346 -15.41 2.81 -20.83
C LYS D 346 -14.25 2.63 -19.83
N GLU D 347 -13.52 1.53 -19.96
CA GLU D 347 -12.36 1.31 -19.06
C GLU D 347 -11.33 2.42 -19.25
N ARG D 348 -11.05 2.76 -20.51
CA ARG D 348 -10.20 3.88 -20.85
C ARG D 348 -10.70 5.15 -20.18
N GLY D 349 -12.00 5.38 -20.26
CA GLY D 349 -12.62 6.56 -19.66
C GLY D 349 -12.49 6.56 -18.14
N ARG D 350 -12.49 5.38 -17.54
CA ARG D 350 -12.36 5.30 -16.09
C ARG D 350 -10.95 5.63 -15.63
N LEU D 351 -9.95 5.21 -16.40
CA LEU D 351 -8.57 5.59 -16.13
C LEU D 351 -8.40 7.10 -16.25
N VAL D 352 -9.02 7.68 -17.25
CA VAL D 352 -8.93 9.11 -17.43
C VAL D 352 -9.56 9.83 -16.27
N ASP D 353 -10.72 9.33 -15.82
CA ASP D 353 -11.33 9.90 -14.65
C ASP D 353 -10.37 9.86 -13.47
N MET D 354 -9.72 8.72 -13.25
CA MET D 354 -8.81 8.61 -12.09
C MET D 354 -7.67 9.64 -12.20
N MET D 355 -7.16 9.83 -13.41
CA MET D 355 -6.12 10.83 -13.67
C MET D 355 -6.60 12.24 -13.26
N THR D 356 -7.83 12.57 -13.59
CA THR D 356 -8.34 13.88 -13.21
C THR D 356 -8.49 14.00 -11.69
N ASP D 357 -8.91 12.91 -11.05
CA ASP D 357 -9.16 12.88 -9.58
C ASP D 357 -7.87 13.09 -8.74
N SER D 358 -6.77 12.58 -9.28
CA SER D 358 -5.53 12.47 -8.54
C SER D 358 -4.45 13.45 -9.02
N HIS D 359 -4.72 14.21 -10.09
CA HIS D 359 -3.62 15.02 -10.70
C HIS D 359 -2.98 16.04 -9.78
N THR D 360 -3.70 16.56 -8.78
CA THR D 360 -3.17 17.65 -7.98
C THR D 360 -2.10 17.14 -7.04
N TRP D 361 -2.19 15.87 -6.63
CA TRP D 361 -1.14 15.31 -5.76
C TRP D 361 0.05 14.76 -6.56
N LEU D 362 -0.23 14.33 -7.79
CA LEU D 362 0.80 13.77 -8.66
C LEU D 362 1.64 14.87 -9.32
N HIS D 363 1.06 16.05 -9.49
CA HIS D 363 1.66 17.07 -10.30
C HIS D 363 3.04 17.43 -9.81
N GLY D 364 4.02 17.40 -10.71
CA GLY D 364 5.38 17.83 -10.38
C GLY D 364 6.17 16.89 -9.49
N LYS D 365 5.60 15.75 -9.12
CA LYS D 365 6.32 14.84 -8.24
C LYS D 365 7.52 14.28 -8.97
N ARG D 366 8.64 14.19 -8.28
CA ARG D 366 9.90 13.79 -8.89
C ARG D 366 10.29 12.36 -8.52
N PHE D 367 10.61 11.55 -9.54
CA PHE D 367 10.95 10.15 -9.38
C PHE D 367 12.29 9.71 -9.95
N ALA D 368 12.94 8.83 -9.21
CA ALA D 368 14.07 8.01 -9.69
C ALA D 368 13.53 6.61 -9.94
N LEU D 369 13.97 5.99 -11.02
CA LEU D 369 13.38 4.72 -11.39
C LEU D 369 14.32 3.88 -12.23
N TRP D 370 14.13 2.56 -12.14
CA TRP D 370 14.96 1.63 -12.90
C TRP D 370 14.22 0.39 -13.29
N GLY D 371 14.90 -0.44 -14.08
CA GLY D 371 14.28 -1.61 -14.67
C GLY D 371 14.75 -1.97 -16.06
N ASP D 372 13.99 -2.86 -16.70
CA ASP D 372 14.32 -3.31 -18.05
C ASP D 372 13.81 -2.26 -19.03
N PRO D 373 14.37 -2.24 -20.26
CA PRO D 373 14.18 -1.09 -21.16
C PRO D 373 12.74 -0.73 -21.47
N ASP D 374 11.95 -1.73 -21.84
CA ASP D 374 10.56 -1.51 -22.23
C ASP D 374 9.72 -1.11 -21.02
N PHE D 375 9.89 -1.80 -19.91
CA PHE D 375 9.19 -1.44 -18.68
C PHE D 375 9.55 -0.01 -18.27
N VAL D 376 10.83 0.31 -18.37
CA VAL D 376 11.25 1.64 -17.95
C VAL D 376 10.65 2.70 -18.87
N MET D 377 10.63 2.48 -20.18
CA MET D 377 10.15 3.57 -21.05
C MET D 377 8.67 3.78 -20.91
N GLY D 378 7.93 2.70 -20.65
CA GLY D 378 6.49 2.78 -20.36
C GLY D 378 6.18 3.52 -19.07
N LEU D 379 7.00 3.28 -18.06
CA LEU D 379 6.81 3.94 -16.79
C LEU D 379 7.07 5.42 -16.99
N VAL D 380 8.15 5.73 -17.68
CA VAL D 380 8.50 7.10 -18.04
C VAL D 380 7.37 7.79 -18.80
N LYS D 381 6.85 7.16 -19.86
CA LYS D 381 5.75 7.72 -20.62
C LYS D 381 4.49 8.01 -19.77
N PHE D 382 4.07 7.04 -18.97
CA PHE D 382 2.93 7.24 -18.08
C PHE D 382 3.17 8.36 -17.03
N LEU D 383 4.37 8.42 -16.45
CA LEU D 383 4.68 9.52 -15.54
C LEU D 383 4.48 10.90 -16.19
N LEU D 384 4.89 11.04 -17.44
CA LEU D 384 4.67 12.30 -18.13
C LEU D 384 3.16 12.57 -18.29
N GLU D 385 2.40 11.53 -18.66
CA GLU D 385 0.94 11.63 -18.79
C GLU D 385 0.27 12.07 -17.48
N LEU D 386 0.90 11.76 -16.35
CA LEU D 386 0.39 12.06 -15.02
C LEU D 386 0.89 13.43 -14.54
N GLY D 387 1.81 14.05 -15.28
CA GLY D 387 2.36 15.33 -14.88
C GLY D 387 3.43 15.20 -13.81
N CYS D 388 4.07 14.05 -13.76
CA CYS D 388 5.17 13.81 -12.86
C CYS D 388 6.48 14.00 -13.63
N GLU D 389 7.57 14.18 -12.91
CA GLU D 389 8.90 14.40 -13.49
C GLU D 389 9.82 13.23 -13.19
N PRO D 390 10.06 12.37 -14.20
CA PRO D 390 10.93 11.21 -14.04
C PRO D 390 12.40 11.61 -14.15
N VAL D 391 12.93 12.20 -13.09
CA VAL D 391 14.22 12.87 -13.15
C VAL D 391 15.47 11.99 -13.35
N HIS D 392 15.51 10.82 -12.72
CA HIS D 392 16.65 9.89 -12.85
C HIS D 392 16.15 8.58 -13.40
N ILE D 393 16.47 8.32 -14.67
CA ILE D 393 15.96 7.17 -15.37
C ILE D 393 17.12 6.20 -15.66
N LEU D 394 17.07 5.03 -15.03
CA LEU D 394 18.23 4.16 -15.03
C LEU D 394 17.88 2.83 -15.68
N CYS D 395 18.63 2.46 -16.71
CA CYS D 395 18.49 1.14 -17.29
C CYS D 395 19.87 0.55 -17.47
N HIS D 396 20.26 -0.29 -16.52
CA HIS D 396 21.58 -0.88 -16.51
C HIS D 396 21.83 -1.58 -17.83
N ASN D 397 20.85 -2.37 -18.27
CA ASN D 397 20.97 -3.14 -19.51
C ASN D 397 20.44 -2.43 -20.75
N GLY D 398 20.27 -1.11 -20.69
CA GLY D 398 19.78 -0.33 -21.84
C GLY D 398 20.84 -0.14 -22.90
N ASN D 399 20.43 0.30 -24.09
CA ASN D 399 21.42 0.60 -25.13
C ASN D 399 21.24 2.01 -25.70
N LYS D 400 22.19 2.44 -26.51
CA LYS D 400 22.19 3.78 -27.12
C LYS D 400 20.93 4.09 -27.92
N ARG D 401 20.51 3.18 -28.78
CA ARG D 401 19.30 3.42 -29.56
C ARG D 401 18.10 3.66 -28.66
N TRP D 402 17.99 2.86 -27.59
CA TRP D 402 16.87 2.94 -26.65
C TRP D 402 16.87 4.28 -25.91
N LYS D 403 18.05 4.69 -25.45
CA LYS D 403 18.21 5.96 -24.75
C LYS D 403 17.79 7.16 -25.57
N LYS D 404 18.12 7.12 -26.86
CA LYS D 404 17.71 8.19 -27.76
C LYS D 404 16.20 8.23 -27.83
N ALA D 405 15.60 7.05 -27.96
CA ALA D 405 14.15 6.93 -28.02
C ALA D 405 13.53 7.51 -26.76
N VAL D 406 14.09 7.19 -25.60
CA VAL D 406 13.55 7.73 -24.36
C VAL D 406 13.76 9.25 -24.32
N ASP D 407 14.94 9.74 -24.69
CA ASP D 407 15.17 11.18 -24.74
C ASP D 407 14.16 11.93 -25.64
N ALA D 408 13.79 11.34 -26.77
CA ALA D 408 12.78 11.96 -27.64
C ALA D 408 11.41 11.98 -26.93
N ILE D 409 11.12 10.96 -26.15
CA ILE D 409 9.88 10.94 -25.40
C ILE D 409 9.92 12.05 -24.37
N LEU D 410 11.08 12.27 -23.76
CA LEU D 410 11.21 13.32 -22.76
C LEU D 410 11.04 14.68 -23.39
N ALA D 411 11.66 14.87 -24.54
CA ALA D 411 11.64 16.18 -25.20
C ALA D 411 10.24 16.56 -25.63
N ALA D 412 9.37 15.57 -25.83
CA ALA D 412 8.02 15.85 -26.28
C ALA D 412 7.07 16.34 -25.16
N SER D 413 7.58 16.45 -23.93
CA SER D 413 6.77 16.91 -22.80
C SER D 413 7.55 17.89 -21.91
N PRO D 414 6.89 18.95 -21.43
CA PRO D 414 7.55 19.84 -20.46
C PRO D 414 7.98 19.08 -19.18
N TYR D 415 7.30 17.98 -18.89
CA TYR D 415 7.58 17.24 -17.65
C TYR D 415 8.85 16.40 -17.77
N GLY D 416 9.45 16.37 -18.96
CA GLY D 416 10.72 15.66 -19.15
C GLY D 416 11.94 16.56 -19.10
N LYS D 417 11.74 17.81 -18.71
CA LYS D 417 12.76 18.85 -18.83
C LYS D 417 13.91 18.72 -17.83
N ASN D 418 13.69 18.05 -16.71
CA ASN D 418 14.76 17.92 -15.72
C ASN D 418 15.22 16.49 -15.59
N ALA D 419 14.90 15.69 -16.60
CA ALA D 419 15.12 14.26 -16.56
C ALA D 419 16.37 13.88 -17.34
N THR D 420 17.05 12.83 -16.89
CA THR D 420 18.19 12.26 -17.61
C THR D 420 18.09 10.74 -17.63
N VAL D 421 18.42 10.16 -18.77
CA VAL D 421 18.47 8.74 -18.95
C VAL D 421 19.92 8.27 -18.81
N TYR D 422 20.13 7.21 -18.02
CA TYR D 422 21.45 6.62 -17.80
C TYR D 422 21.42 5.16 -18.21
N ILE D 423 22.43 4.74 -18.96
CA ILE D 423 22.57 3.33 -19.35
C ILE D 423 23.93 2.83 -18.93
N GLY D 424 24.03 1.52 -18.67
CA GLY D 424 25.26 0.94 -18.19
C GLY D 424 25.62 1.32 -16.76
N LYS D 425 24.74 2.06 -16.08
CA LYS D 425 24.96 2.47 -14.68
C LYS D 425 24.16 1.61 -13.72
N ASP D 426 24.63 1.51 -12.48
CA ASP D 426 24.04 0.60 -11.51
C ASP D 426 23.38 1.30 -10.32
N LEU D 427 22.92 0.52 -9.34
CA LEU D 427 22.21 1.14 -8.24
C LEU D 427 23.16 1.88 -7.30
N TRP D 428 24.46 1.65 -7.38
CA TRP D 428 25.37 2.50 -6.60
C TRP D 428 25.52 3.91 -7.24
N HIS D 429 25.45 3.97 -8.56
CA HIS D 429 25.40 5.25 -9.27
C HIS D 429 24.10 5.96 -8.90
N LEU D 430 22.99 5.22 -8.90
CA LEU D 430 21.69 5.79 -8.66
C LEU D 430 21.61 6.38 -7.27
N ARG D 431 22.19 5.65 -6.32
CA ARG D 431 22.28 6.11 -4.94
C ARG D 431 22.90 7.53 -4.83
N SER D 432 23.96 7.81 -5.58
CA SER D 432 24.53 9.16 -5.59
C SER D 432 23.52 10.20 -6.09
N LEU D 433 22.81 9.88 -7.16
CA LEU D 433 21.87 10.84 -7.75
C LEU D 433 20.74 11.18 -6.81
N VAL D 434 20.28 10.21 -6.01
CA VAL D 434 19.18 10.47 -5.11
C VAL D 434 19.66 11.27 -3.89
N PHE D 435 20.96 11.29 -3.66
CA PHE D 435 21.52 12.21 -2.65
C PHE D 435 21.75 13.59 -3.23
N THR D 436 22.38 13.65 -4.41
CA THR D 436 22.81 14.94 -4.96
C THR D 436 21.69 15.75 -5.57
N ASP D 437 20.75 15.07 -6.24
CA ASP D 437 19.60 15.70 -6.89
C ASP D 437 18.33 14.98 -6.40
N LYS D 438 18.00 15.17 -5.13
CA LYS D 438 16.97 14.35 -4.45
C LYS D 438 15.59 14.37 -5.09
N PRO D 439 15.06 13.20 -5.47
CA PRO D 439 13.69 13.13 -5.95
C PRO D 439 12.73 12.93 -4.78
N ASP D 440 11.44 12.81 -5.05
CA ASP D 440 10.47 12.59 -3.98
C ASP D 440 10.34 11.12 -3.63
N PHE D 441 10.32 10.26 -4.66
CA PHE D 441 10.28 8.81 -4.47
C PHE D 441 11.16 8.07 -5.48
N MET D 442 11.46 6.81 -5.19
CA MET D 442 12.00 5.86 -6.18
C MET D 442 10.90 4.89 -6.57
N ILE D 443 10.88 4.49 -7.83
CA ILE D 443 10.04 3.39 -8.31
C ILE D 443 11.01 2.35 -8.78
N GLY D 444 11.02 1.20 -8.13
CA GLY D 444 12.03 0.20 -8.43
C GLY D 444 11.77 -1.09 -7.69
N ASN D 445 12.71 -2.02 -7.82
CA ASN D 445 12.61 -3.32 -7.19
C ASN D 445 13.17 -3.32 -5.77
N SER D 446 13.17 -4.49 -5.13
CA SER D 446 13.54 -4.59 -3.73
C SER D 446 14.95 -4.10 -3.37
N TYR D 447 15.90 -4.15 -4.31
CA TYR D 447 17.26 -3.63 -4.09
C TYR D 447 17.28 -2.18 -3.69
N GLY D 448 16.23 -1.48 -4.09
CA GLY D 448 16.10 -0.09 -3.75
C GLY D 448 15.89 0.15 -2.28
N LYS D 449 15.53 -0.88 -1.50
CA LYS D 449 15.27 -0.59 -0.11
C LYS D 449 16.55 -0.09 0.58
N PHE D 450 17.70 -0.56 0.10
CA PHE D 450 18.96 -0.20 0.70
C PHE D 450 19.36 1.22 0.33
N ILE D 451 18.87 1.72 -0.79
CA ILE D 451 19.04 3.13 -1.08
C ILE D 451 18.12 3.99 -0.19
N GLN D 452 16.90 3.56 0.05
CA GLN D 452 16.08 4.29 1.02
C GLN D 452 16.74 4.35 2.40
N ARG D 453 17.28 3.22 2.87
CA ARG D 453 18.00 3.13 4.13
C ARG D 453 19.14 4.14 4.22
N ASP D 454 19.96 4.20 3.17
CA ASP D 454 21.10 5.10 3.11
C ASP D 454 20.59 6.54 3.19
N THR D 455 19.58 6.85 2.39
CA THR D 455 19.04 8.21 2.42
C THR D 455 18.51 8.60 3.79
N LEU D 456 17.78 7.71 4.46
CA LEU D 456 17.25 8.01 5.79
C LEU D 456 18.40 8.31 6.75
N HIS D 457 19.51 7.61 6.58
CA HIS D 457 20.62 7.73 7.51
C HIS D 457 21.20 9.14 7.46
N LYS D 458 21.16 9.77 6.28
CA LYS D 458 21.58 11.15 6.19
C LYS D 458 20.61 12.01 7.04
N GLY D 459 19.31 11.73 6.92
CA GLY D 459 18.33 12.41 7.75
C GLY D 459 16.93 12.14 7.24
N LYS D 460 15.95 12.20 8.12
CA LYS D 460 14.57 11.98 7.71
C LYS D 460 14.16 12.92 6.55
N GLU D 461 14.66 14.16 6.56
CA GLU D 461 14.29 15.11 5.51
CA GLU D 461 14.33 15.14 5.52
C GLU D 461 14.94 14.73 4.17
N PHE D 462 15.89 13.81 4.20
CA PHE D 462 16.56 13.37 2.98
C PHE D 462 16.11 12.01 2.48
N GLU D 463 15.22 11.36 3.24
CA GLU D 463 14.76 10.03 2.89
C GLU D 463 14.00 10.04 1.60
N VAL D 464 14.28 9.07 0.75
CA VAL D 464 13.53 8.87 -0.49
C VAL D 464 12.83 7.52 -0.44
N PRO D 465 11.52 7.52 -0.19
CA PRO D 465 10.81 6.22 -0.08
C PRO D 465 10.77 5.43 -1.38
N LEU D 466 10.86 4.11 -1.26
CA LEU D 466 10.76 3.21 -2.39
C LEU D 466 9.33 2.80 -2.65
N ILE D 467 8.96 2.79 -3.91
CA ILE D 467 7.70 2.29 -4.36
C ILE D 467 8.03 1.08 -5.23
N ARG D 468 7.58 -0.09 -4.80
CA ARG D 468 8.01 -1.33 -5.43
C ARG D 468 7.22 -1.66 -6.72
N ILE D 469 7.90 -1.46 -7.83
CA ILE D 469 7.40 -1.85 -9.14
C ILE D 469 8.59 -2.32 -9.96
N GLY D 470 8.53 -3.57 -10.39
CA GLY D 470 9.63 -4.18 -11.10
C GLY D 470 9.88 -5.62 -10.72
N PHE D 471 11.11 -6.04 -10.96
CA PHE D 471 11.54 -7.38 -10.67
C PHE D 471 13.01 -7.29 -10.24
N PRO D 472 13.41 -8.01 -9.19
CA PRO D 472 12.55 -8.74 -8.30
C PRO D 472 11.97 -7.93 -7.14
N ILE D 473 10.82 -8.38 -6.66
CA ILE D 473 10.24 -7.90 -5.41
C ILE D 473 10.17 -9.09 -4.45
N PHE D 474 11.01 -9.02 -3.42
CA PHE D 474 11.24 -10.12 -2.51
C PHE D 474 10.76 -9.84 -1.09
N ASP D 475 10.53 -8.57 -0.77
CA ASP D 475 10.32 -8.17 0.60
C ASP D 475 8.90 -7.74 0.84
N ARG D 476 8.03 -7.99 -0.15
CA ARG D 476 6.63 -7.83 0.00
C ARG D 476 6.00 -9.07 -0.61
N HIS D 477 4.78 -9.35 -0.20
CA HIS D 477 4.08 -10.55 -0.67
C HIS D 477 2.99 -10.29 -1.71
N HIS D 478 3.03 -11.09 -2.78
CA HIS D 478 1.94 -11.19 -3.76
C HIS D 478 1.83 -10.00 -4.72
N LEU D 479 2.85 -9.14 -4.79
CA LEU D 479 2.81 -8.04 -5.75
C LEU D 479 3.03 -8.58 -7.16
N HIS D 480 3.57 -9.79 -7.29
CA HIS D 480 3.70 -10.40 -8.60
C HIS D 480 2.34 -10.71 -9.24
N ARG D 481 1.26 -10.59 -8.48
CA ARG D 481 -0.07 -10.78 -9.02
C ARG D 481 -0.57 -9.53 -9.76
N SER D 482 0.14 -8.42 -9.60
CA SER D 482 -0.32 -7.11 -10.07
C SER D 482 -0.24 -6.96 -11.59
N THR D 483 -0.66 -5.80 -12.06
CA THR D 483 -0.72 -5.50 -13.47
C THR D 483 -0.07 -4.17 -13.74
N THR D 484 0.78 -4.10 -14.74
CA THR D 484 1.37 -2.80 -15.15
C THR D 484 1.03 -2.40 -16.60
N LEU D 485 0.48 -3.32 -17.38
CA LEU D 485 0.13 -3.05 -18.77
C LEU D 485 -1.32 -2.64 -18.94
N GLY D 486 -1.63 -1.90 -19.98
CA GLY D 486 -3.03 -1.62 -20.30
C GLY D 486 -3.62 -0.54 -19.43
N TYR D 487 -4.92 -0.31 -19.57
CA TYR D 487 -5.61 0.67 -18.72
C TYR D 487 -5.64 0.16 -17.29
N GLU D 488 -5.88 -1.14 -17.14
CA GLU D 488 -5.86 -1.76 -15.82
C GLU D 488 -4.53 -1.52 -15.08
N GLY D 489 -3.42 -1.71 -15.78
CA GLY D 489 -2.10 -1.54 -15.21
C GLY D 489 -1.84 -0.08 -14.85
N ALA D 490 -2.27 0.83 -15.73
CA ALA D 490 -2.11 2.26 -15.50
C ALA D 490 -2.90 2.68 -14.25
N MET D 491 -4.10 2.13 -14.13
CA MET D 491 -4.92 2.36 -12.95
C MET D 491 -4.21 1.90 -11.67
N GLN D 492 -3.59 0.71 -11.71
CA GLN D 492 -2.90 0.22 -10.52
C GLN D 492 -1.73 1.10 -10.21
N ILE D 493 -0.97 1.48 -11.23
CA ILE D 493 0.24 2.28 -11.01
C ILE D 493 -0.11 3.64 -10.44
N LEU D 494 -1.03 4.33 -11.09
CA LEU D 494 -1.52 5.59 -10.59
C LEU D 494 -1.90 5.49 -9.12
N THR D 495 -2.72 4.50 -8.78
CA THR D 495 -3.20 4.29 -7.42
C THR D 495 -2.03 4.10 -6.43
N THR D 496 -1.05 3.27 -6.79
CA THR D 496 0.09 3.07 -5.88
C THR D 496 0.92 4.35 -5.72
N LEU D 497 1.13 5.09 -6.82
CA LEU D 497 1.85 6.36 -6.77
C LEU D 497 1.16 7.41 -5.88
N VAL D 498 -0.10 7.74 -6.18
CA VAL D 498 -0.81 8.77 -5.40
C VAL D 498 -0.94 8.37 -3.91
N ASN D 499 -1.13 7.10 -3.63
CA ASN D 499 -1.28 6.71 -2.26
C ASN D 499 0.07 6.69 -1.51
N SER D 500 1.17 6.44 -2.24
CA SER D 500 2.49 6.48 -1.62
C SER D 500 2.78 7.91 -1.25
N ILE D 501 2.39 8.82 -2.13
CA ILE D 501 2.53 10.24 -1.86
C ILE D 501 1.73 10.63 -0.60
N LEU D 502 0.48 10.20 -0.55
CA LEU D 502 -0.37 10.57 0.55
C LEU D 502 0.06 9.87 1.88
N GLU D 503 0.59 8.64 1.82
CA GLU D 503 1.11 7.99 3.02
C GLU D 503 2.25 8.80 3.59
N ARG D 504 3.15 9.23 2.72
CA ARG D 504 4.30 9.98 3.16
C ARG D 504 3.86 11.33 3.73
N LEU D 505 2.92 12.00 3.07
CA LEU D 505 2.44 13.25 3.64
C LEU D 505 1.83 13.03 5.06
N ASP D 506 1.05 11.97 5.23
CA ASP D 506 0.46 11.67 6.53
C ASP D 506 1.55 11.45 7.57
N GLU D 507 2.63 10.76 7.19
CA GLU D 507 3.74 10.60 8.11
C GLU D 507 4.33 11.94 8.54
N GLU D 508 4.61 12.80 7.58
CA GLU D 508 5.26 14.07 7.89
C GLU D 508 4.34 15.03 8.64
N THR D 509 3.03 14.81 8.54
CA THR D 509 2.07 15.70 9.25
C THR D 509 1.39 15.06 10.47
N ARG D 510 2.00 14.02 11.02
CA ARG D 510 1.35 13.30 12.10
C ARG D 510 1.78 13.82 13.48
N GLY D 511 2.71 14.77 13.50
CA GLY D 511 3.28 15.27 14.75
C GLY D 511 2.31 16.21 15.45
N MET D 512 1.83 15.77 16.61
CA MET D 512 0.87 16.52 17.39
C MET D 512 1.41 17.90 17.74
N GLN D 513 0.64 18.92 17.38
CA GLN D 513 0.90 20.31 17.66
C GLN D 513 2.07 20.91 16.86
N ALA D 514 2.86 20.07 16.20
CA ALA D 514 3.98 20.53 15.38
C ALA D 514 3.61 20.62 13.88
N THR D 515 3.16 19.52 13.27
CA THR D 515 2.85 19.46 11.83
C THR D 515 1.44 18.95 11.56
N ASP D 516 0.74 18.55 12.58
CA ASP D 516 -0.59 18.04 12.36
C ASP D 516 -1.70 19.06 11.98
N TYR D 517 -1.39 20.36 11.96
CA TYR D 517 -2.35 21.30 11.38
C TYR D 517 -2.76 20.85 9.97
N ASN D 518 -1.85 20.18 9.25
CA ASN D 518 -2.09 19.68 7.90
C ASN D 518 -2.40 18.17 7.79
N HIS D 519 -2.83 17.56 8.88
CA HIS D 519 -3.16 16.17 8.87
C HIS D 519 -4.62 15.94 8.49
N ASP D 520 -4.99 16.35 7.28
CA ASP D 520 -6.38 16.45 6.86
C ASP D 520 -7.06 15.07 6.82
N LEU D 521 -8.32 15.00 7.26
CA LEU D 521 -9.15 13.81 7.04
C LEU D 521 -9.36 13.55 5.53
N VAL D 522 -9.60 14.62 4.80
CA VAL D 522 -9.95 14.53 3.38
C VAL D 522 -8.77 15.04 2.56
N ARG D 523 -8.34 14.25 1.57
CA ARG D 523 -7.29 14.62 0.60
C ARG D 523 -7.70 14.16 -0.80
C1 HCA E . -20.61 24.26 4.05
C2 HCA E . -19.11 24.06 4.11
C3 HCA E . -18.43 24.31 2.76
C4 HCA E . -18.72 23.18 1.78
C5 HCA E . -17.59 22.93 0.80
C6 HCA E . -18.00 22.30 -0.53
C7 HCA E . -16.95 24.41 3.02
O1 HCA E . -21.09 25.11 3.25
O2 HCA E . -21.30 23.52 4.80
O3 HCA E . -17.07 21.89 -1.28
O4 HCA E . -19.21 22.23 -0.84
O5 HCA E . -16.31 25.38 2.54
O6 HCA E . -16.42 23.52 3.74
O7 HCA E . -18.93 25.55 2.25
FE1 ICS F . -17.37 33.69 4.43
MO1 ICS F . -17.51 27.11 2.05
FE2 ICS F . -18.74 31.38 4.36
FE3 ICS F . -16.08 31.35 4.39
FE4 ICS F . -17.38 32.19 2.26
FE5 ICS F . -17.46 29.73 1.35
FE6 ICS F . -18.77 28.95 3.48
FE7 ICS F . -16.17 28.91 3.46
CX ICS F . -17.39 30.44 3.21
S1A ICS F . -19.20 33.22 3.13
S1B ICS F . -19.31 28.48 1.39
S2A ICS F . -17.44 32.14 6.04
S2B ICS F . -20.31 29.88 4.70
S3A ICS F . -17.41 31.63 0.10
S3B ICS F . -17.49 27.33 4.38
S4A ICS F . -15.53 33.18 3.20
S4B ICS F . -15.71 28.32 1.32
S5A ICS F . -14.58 29.77 4.73
FE1 CLF G . -29.92 18.44 8.10
FE2 CLF G . -31.12 19.66 9.97
FE3 CLF G . -28.81 20.81 8.86
FE4 CLF G . -28.76 18.57 10.35
S1 CLF G . -30.73 17.33 10.14
S2A CLF G . -30.88 20.50 7.88
S4A CLF G . -29.39 20.66 11.06
S3A CLF G . -27.69 18.93 8.41
FE5 CLF G . -27.68 14.98 10.80
FE5 CLF G . -28.11 15.34 10.77
FE6 CLF G . -31.39 14.14 11.11
FE6 CLF G . -31.47 13.54 11.23
FE7 CLF G . -29.34 13.15 9.46
FE8 CLF G . -30.40 15.57 8.59
S2B CLF G . -29.20 13.65 11.71
S3B CLF G . -31.52 13.59 8.90
S4B CLF G . -28.21 14.87 8.54
XE XE H . -16.90 32.82 17.23
XE XE I . -24.64 40.38 16.50
FE FE J . 2.53 -19.58 -3.53
XE XE K . -9.17 -4.54 0.79
FE FE L . -13.80 10.48 -10.18
C1 HCA M . 23.37 -21.99 -0.71
C2 HCA M . 22.79 -21.10 0.35
C3 HCA M . 21.57 -21.70 1.05
C4 HCA M . 20.39 -21.81 0.06
C5 HCA M . 19.05 -21.69 0.78
C6 HCA M . 17.87 -22.45 0.20
C7 HCA M . 21.22 -20.82 2.23
O1 HCA M . 23.38 -23.24 -0.57
O2 HCA M . 23.81 -21.44 -1.73
O3 HCA M . 16.74 -22.16 0.69
O4 HCA M . 18.02 -23.32 -0.70
O5 HCA M . 21.12 -21.30 3.40
O6 HCA M . 20.98 -19.61 1.99
O7 HCA M . 21.91 -23.00 1.52
FE1 ICS N . 27.35 -25.54 7.71
MO1 ICS N . 22.14 -23.32 3.54
FE2 ICS N . 26.59 -24.96 5.21
FE3 ICS N . 25.62 -23.51 7.22
FE4 ICS N . 24.87 -26.04 6.89
FE5 ICS N . 22.95 -25.25 5.28
FE6 ICS N . 24.68 -24.11 3.68
FE7 ICS N . 23.65 -22.76 5.65
CX ICS N . 24.73 -24.44 5.70
S1A ICS N . 26.78 -27.02 6.10
S1B ICS N . 23.06 -25.44 3.03
S2A ICS N . 27.80 -23.61 6.61
S2B ICS N . 26.67 -24.64 3.01
S3A ICS N . 22.96 -27.12 6.54
S3B ICS N . 24.02 -21.97 3.58
S4A ICS N . 25.47 -25.03 8.88
S4B ICS N . 21.55 -23.56 5.79
S5A ICS N . 24.48 -21.60 7.31
FE1 CLF O . 26.86 -20.93 -11.91
FE2 CLF O . 29.35 -21.10 -12.12
FE3 CLF O . 28.22 -21.26 -9.57
FE4 CLF O . 28.25 -19.00 -11.02
S1 CLF O . 28.15 -19.42 -13.34
S2A CLF O . 28.03 -22.76 -11.27
S4A CLF O . 30.10 -20.10 -10.21
S3A CLF O . 26.51 -19.84 -9.90
FE5 CLF O . 26.29 -16.18 -12.52
FE5 CLF O . 26.56 -16.58 -12.62
FE6 CLF O . 27.39 -17.32 -16.01
FE6 CLF O . 27.23 -17.04 -16.36
FE7 CLF O . 24.89 -16.80 -14.89
FE8 CLF O . 25.89 -19.26 -14.10
S2B CLF O . 26.78 -15.61 -14.62
S3B CLF O . 25.48 -18.55 -16.24
S4B CLF O . 24.65 -17.78 -12.84
XE XE P . 36.57 -16.65 6.79
XE XE Q . 42.88 -25.42 5.61
XE XE R . 1.62 -1.68 -10.01
#